data_8CLB
#
_entry.id   8CLB
#
_cell.length_a   106.710
_cell.length_b   160.610
_cell.length_c   180.730
_cell.angle_alpha   90.00
_cell.angle_beta   90.00
_cell.angle_gamma   90.00
#
_symmetry.space_group_name_H-M   'P 21 21 21'
#
loop_
_entity.id
_entity.type
_entity.pdbx_description
1 polymer 'Tubulin alpha-1B chain'
2 polymer 'Tubulin beta-2B chain'
3 polymer Stathmin-4
4 polymer 'Tubulin-Tyrosine Ligase'
5 non-polymer "GUANOSINE-5'-TRIPHOSPHATE"
6 non-polymer 'MAGNESIUM ION'
7 non-polymer 'CALCIUM ION'
8 non-polymer "GUANOSINE-5'-DIPHOSPHATE"
9 non-polymer N-[(7S)-1,2,3,10-tetramethoxy-9-oxo-6,7-dihydro-5H-benzo[d]heptalen-7-yl]ethanamide
10 non-polymer 'PHOSPHOMETHYLPHOSPHONIC ACID ADENYLATE ESTER'
11 water water
#
loop_
_entity_poly.entity_id
_entity_poly.type
_entity_poly.pdbx_seq_one_letter_code
_entity_poly.pdbx_strand_id
1 'polypeptide(L)'
;MRECISIHVGQAGVQIGNACWELYCLEHGIQPDGQMPSDKTIGGGDDSFNTFFSETGAGKHVPRAVFVDLEPTVIDEVRT
GTYRQLFHPEQLITGKEDAANNYARGHYTIGKEIIDLVLDRIRKLADQCTGLQGFLVFHSFGGGTGSGFTSLLMERLSVD
YGKKSKLEFSIYPAPQVSTAVVEPYNSILTTHTTLEHSDCAFMVDNEAIYDICRRNLDIERPTYTNLNRLISQIVSSITA
SLRFDGALNVDLTEFQTNLVPYPRIHFPLATYAPVISAEKAYHEQLSVAEITNACFEPANQMVKCDPRHGKYMACCLLYR
GDVVPKDVNAAIATIKTKRSIQFVDWCPTGFKVGINYQPPTVVPGGDLAKVQRAVCMLSNTTAIAEAWARLDHKFDLMYA
KRAFVHWYVGEGMEEGEFSEAREDMAALEKDYEEVGVDSV
;
A,C
2 'polypeptide(L)'
;MREIVHIQAGQCGNQIGAKFWEVISDEHGIDPTGSYHGDSDLQLERINVYYNEATGNKYVPRAILVDLEPGTMDSVRSGP
FGQIFRPDNFVFGQSGAGNNWAKGHYTEGAELVDSVLDVVRKESESCDCLQGFQLTHSLGGGTGSGMGTLLISKIREEYP
DRIMNTFSVMPSPKVSDTVVEPYNATLSVHQLVENTDETYCIDNEALYDICFRTLKLTTPTYGDLNHLVSATMSGVTTCL
RFPGQLNADLRKLAVNMVPFPRLHFFMPGFAPLTSRGSQQYRALTVPELTQQMFDSKNMMAACDPRHGRYLTVAAIFRGR
MSMKEVDEQMLNVQNKNSSYFVEWIPNNVKTAVCDIPPRGLKMSATFIGNSTAIQELFKRISEQFTAMFRRKAFLHWYTG
EGMDEMEFTEAESNMNDLVSEYQQYQDATAD
;
B,D
3 'polypeptide(L)'
;MEVIELNKCTSGQSFEVILKPPSDPSLEEIQKKLEAAEERRKYQEAELLKHLAEKREHEREVIQKAIEENNNFIKMAKEK
LAQKMESNKENREAHLAAMLERLQEKDKHAEEVRKNKELKE
;
E
4 'polypeptide(L)'
;MYTFVVRDENSSVYAEVSRLLLATGQWKRLRKDNPRFNLMLGERNRLPFGRLGHEPGLVQLVNYYRGADKLCRKASLVKL
IKTSPELSESCTWFPESYVIYPTDEREVFLAAYNGNVWIAKSISSEASELLDFIVHVIQKYLEKPLLLEPGHRKFDIRSW
VLVDHLYNIYLYREGVLRTSSEPYNSADKTCHLTNHCIQKEYSNYGRYEEGNEMFFEEFNQYLMDALNTTLENSILLQIK
HIIRSCLMCIEPAISTKHLHYQSFQLFGFDFMVDEELKVWLIEVNGAPACAQKLYAELCQGIVDVAISSVFPLASIFIKL
;
F
#
# COMPACT_ATOMS: atom_id res chain seq x y z
N MET A 1 65.54 -29.05 18.87
CA MET A 1 64.52 -28.08 19.22
C MET A 1 63.49 -27.93 18.10
N ARG A 2 62.22 -28.07 18.46
CA ARG A 2 61.13 -28.05 17.46
C ARG A 2 60.18 -26.91 17.82
N GLU A 3 59.68 -26.21 16.81
CA GLU A 3 58.83 -25.03 16.98
C GLU A 3 57.36 -25.37 16.73
N CYS A 4 56.48 -24.52 17.29
CA CYS A 4 55.04 -24.61 17.10
C CYS A 4 54.47 -23.26 16.70
N ILE A 5 53.76 -23.23 15.58
CA ILE A 5 53.14 -22.02 15.07
C ILE A 5 51.66 -22.07 15.40
N SER A 6 51.15 -21.02 16.04
CA SER A 6 49.73 -20.92 16.38
C SER A 6 49.01 -20.02 15.37
N ILE A 7 47.79 -20.40 15.03
CA ILE A 7 46.98 -19.66 14.07
C ILE A 7 45.63 -19.38 14.71
N HIS A 8 45.24 -18.10 14.73
CA HIS A 8 43.98 -17.67 15.34
C HIS A 8 43.04 -17.15 14.26
N VAL A 9 41.90 -17.81 14.08
CA VAL A 9 40.99 -17.53 12.98
C VAL A 9 39.66 -17.05 13.54
N GLY A 10 39.24 -15.85 13.12
CA GLY A 10 37.94 -15.32 13.51
C GLY A 10 37.96 -14.62 14.85
N GLN A 11 36.80 -14.06 15.23
CA GLN A 11 36.74 -13.29 16.47
C GLN A 11 37.03 -14.16 17.69
N ALA A 12 36.54 -15.40 17.70
CA ALA A 12 36.71 -16.23 18.89
C ALA A 12 38.16 -16.67 19.05
N GLY A 13 38.82 -17.02 17.94
CA GLY A 13 40.21 -17.46 18.04
C GLY A 13 41.16 -16.32 18.33
N VAL A 14 40.88 -15.14 17.77
CA VAL A 14 41.74 -13.98 17.97
C VAL A 14 41.71 -13.54 19.44
N GLN A 15 40.53 -13.58 20.07
CA GLN A 15 40.44 -13.14 21.45
C GLN A 15 40.97 -14.21 22.40
N ILE A 16 40.49 -15.44 22.24
CA ILE A 16 41.11 -16.56 22.95
C ILE A 16 42.62 -16.53 22.73
N GLY A 17 43.04 -16.18 21.51
CA GLY A 17 44.47 -16.11 21.23
C GLY A 17 45.14 -14.99 22.01
N ASN A 18 44.53 -13.81 22.00
CA ASN A 18 45.02 -12.71 22.83
C ASN A 18 45.23 -13.17 24.26
N ALA A 19 44.24 -13.88 24.82
CA ALA A 19 44.32 -14.27 26.23
C ALA A 19 45.48 -15.22 26.50
N CYS A 20 45.70 -16.20 25.61
CA CYS A 20 46.75 -17.20 25.85
C CYS A 20 48.12 -16.54 25.82
N TRP A 21 48.38 -15.71 24.82
CA TRP A 21 49.70 -15.09 24.73
C TRP A 21 49.94 -14.13 25.88
N GLU A 22 48.89 -13.46 26.37
CA GLU A 22 49.03 -12.71 27.61
C GLU A 22 49.50 -13.61 28.74
N LEU A 23 48.93 -14.81 28.82
CA LEU A 23 49.30 -15.74 29.88
C LEU A 23 50.66 -16.38 29.63
N TYR A 24 50.94 -16.79 28.40
CA TYR A 24 52.26 -17.31 28.10
C TYR A 24 53.34 -16.34 28.53
N CYS A 25 53.10 -15.03 28.34
CA CYS A 25 54.09 -14.02 28.70
C CYS A 25 54.29 -13.96 30.20
N LEU A 26 53.20 -13.95 30.97
CA LEU A 26 53.33 -13.94 32.42
C LEU A 26 54.00 -15.19 32.93
N GLU A 27 53.81 -16.32 32.25
CA GLU A 27 54.34 -17.57 32.74
C GLU A 27 55.85 -17.67 32.47
N HIS A 28 56.31 -17.19 31.33
CA HIS A 28 57.73 -17.25 31.00
C HIS A 28 58.48 -15.98 31.39
N GLY A 29 57.80 -15.00 31.97
CA GLY A 29 58.47 -13.78 32.40
C GLY A 29 58.84 -12.85 31.27
N ILE A 30 58.06 -12.84 30.20
CA ILE A 30 58.31 -11.97 29.07
C ILE A 30 57.48 -10.70 29.24
N GLN A 31 58.15 -9.56 29.04
CA GLN A 31 57.52 -8.26 29.23
C GLN A 31 56.57 -7.95 28.07
N PRO A 32 55.67 -6.98 28.26
CA PRO A 32 54.76 -6.60 27.17
C PRO A 32 55.44 -6.00 25.95
N ASP A 33 56.72 -5.65 26.04
CA ASP A 33 57.48 -5.19 24.88
C ASP A 33 58.43 -6.25 24.37
N GLY A 34 58.24 -7.51 24.77
CA GLY A 34 59.02 -8.61 24.24
C GLY A 34 60.36 -8.84 24.91
N GLN A 35 60.70 -8.08 25.94
CA GLN A 35 61.94 -8.30 26.66
C GLN A 35 61.77 -9.45 27.65
N MET A 36 62.88 -10.11 27.96
CA MET A 36 62.85 -11.24 28.90
C MET A 36 64.16 -11.29 29.65
N PRO A 37 64.21 -10.68 30.84
CA PRO A 37 65.44 -10.76 31.65
C PRO A 37 65.81 -12.20 32.03
N SER A 38 64.83 -13.08 32.22
CA SER A 38 65.12 -14.48 32.52
C SER A 38 66.08 -15.08 31.50
N ASP A 39 65.95 -14.66 30.24
CA ASP A 39 66.72 -15.24 29.13
C ASP A 39 68.11 -14.63 29.10
N LYS A 40 69.12 -15.47 29.27
CA LYS A 40 70.51 -15.03 29.23
C LYS A 40 71.13 -15.07 27.83
N THR A 41 70.67 -15.97 26.97
CA THR A 41 71.14 -16.02 25.59
C THR A 41 70.34 -14.99 24.79
N ILE A 42 71.01 -13.92 24.37
CA ILE A 42 70.35 -12.86 23.62
C ILE A 42 70.31 -13.25 22.15
N GLY A 43 69.15 -13.07 21.52
CA GLY A 43 69.02 -13.28 20.09
C GLY A 43 68.93 -14.73 19.63
N GLY A 44 68.88 -15.68 20.57
CA GLY A 44 68.78 -17.08 20.20
C GLY A 44 68.69 -17.99 21.40
N GLY A 45 69.13 -19.23 21.25
CA GLY A 45 69.04 -20.19 22.32
C GLY A 45 68.07 -21.31 22.00
N ASP A 46 68.34 -22.49 22.55
CA ASP A 46 67.48 -23.64 22.38
C ASP A 46 66.79 -24.01 23.68
N ASP A 47 66.08 -23.07 24.27
CA ASP A 47 65.34 -23.33 25.51
C ASP A 47 63.94 -23.83 25.17
N SER A 48 63.24 -24.35 26.18
CA SER A 48 61.93 -24.94 25.94
C SER A 48 60.91 -23.90 25.53
N PHE A 49 61.07 -22.63 25.96
CA PHE A 49 60.11 -21.62 25.55
C PHE A 49 60.31 -21.17 24.12
N ASN A 50 61.45 -21.48 23.51
CA ASN A 50 61.68 -21.12 22.13
C ASN A 50 60.78 -21.87 21.16
N THR A 51 59.97 -22.81 21.64
CA THR A 51 59.02 -23.47 20.76
CA THR A 51 59.01 -23.48 20.77
C THR A 51 57.84 -22.56 20.41
N PHE A 52 57.58 -21.53 21.23
CA PHE A 52 56.49 -20.60 21.02
C PHE A 52 56.95 -19.17 20.80
N PHE A 53 58.23 -18.88 21.00
CA PHE A 53 58.74 -17.53 20.82
C PHE A 53 60.07 -17.58 20.07
N SER A 54 60.23 -16.71 19.09
CA SER A 54 61.52 -16.47 18.48
C SER A 54 62.10 -15.16 19.00
N GLU A 55 63.39 -14.96 18.77
CA GLU A 55 64.12 -13.84 19.33
C GLU A 55 64.81 -13.05 18.22
N THR A 56 65.07 -11.78 18.50
CA THR A 56 65.70 -10.85 17.58
C THR A 56 67.04 -10.40 18.15
N GLY A 57 67.82 -9.73 17.30
CA GLY A 57 69.09 -9.18 17.76
C GLY A 57 68.94 -8.24 18.94
N ALA A 58 67.75 -7.64 19.10
CA ALA A 58 67.49 -6.68 20.17
C ALA A 58 66.99 -7.34 21.46
N GLY A 59 67.03 -8.67 21.53
CA GLY A 59 66.61 -9.38 22.73
C GLY A 59 65.11 -9.49 22.91
N LYS A 60 64.34 -9.31 21.84
CA LYS A 60 62.89 -9.33 21.92
C LYS A 60 62.37 -10.70 21.53
N HIS A 61 61.34 -11.16 22.26
CA HIS A 61 60.74 -12.46 22.02
C HIS A 61 59.38 -12.26 21.39
N VAL A 62 59.12 -12.97 20.30
CA VAL A 62 57.95 -12.76 19.46
C VAL A 62 57.17 -14.07 19.37
N PRO A 63 55.88 -14.09 19.68
CA PRO A 63 55.11 -15.32 19.54
C PRO A 63 55.16 -15.83 18.12
N ARG A 64 55.29 -17.15 17.99
CA ARG A 64 55.21 -17.83 16.70
C ARG A 64 53.74 -18.02 16.35
N ALA A 65 53.09 -16.91 16.00
CA ALA A 65 51.65 -16.86 15.90
C ALA A 65 51.20 -15.98 14.73
N VAL A 66 50.02 -16.28 14.20
CA VAL A 66 49.40 -15.51 13.12
CA VAL A 66 49.41 -15.50 13.13
C VAL A 66 47.92 -15.33 13.45
N PHE A 67 47.45 -14.09 13.36
CA PHE A 67 46.05 -13.73 13.61
C PHE A 67 45.38 -13.38 12.29
N VAL A 68 44.29 -14.07 11.94
CA VAL A 68 43.57 -13.83 10.70
CA VAL A 68 43.57 -13.81 10.70
C VAL A 68 42.09 -13.65 11.03
N ASP A 69 41.52 -12.52 10.61
CA ASP A 69 40.09 -12.30 10.69
C ASP A 69 39.68 -11.53 9.45
N LEU A 70 38.49 -11.84 8.91
CA LEU A 70 38.04 -11.24 7.66
C LEU A 70 37.50 -9.82 7.82
N GLU A 71 37.55 -9.24 9.02
CA GLU A 71 37.22 -7.84 9.24
C GLU A 71 38.10 -7.33 10.37
N PRO A 72 38.50 -6.06 10.34
CA PRO A 72 39.59 -5.59 11.20
C PRO A 72 39.19 -5.26 12.63
N THR A 73 37.91 -5.29 12.96
CA THR A 73 37.47 -4.65 14.19
C THR A 73 38.04 -5.37 15.43
N VAL A 74 38.26 -6.67 15.36
CA VAL A 74 38.74 -7.41 16.53
C VAL A 74 40.25 -7.41 16.60
N ILE A 75 40.92 -7.58 15.46
CA ILE A 75 42.38 -7.54 15.46
C ILE A 75 42.88 -6.14 15.78
N ASP A 76 42.15 -5.10 15.37
CA ASP A 76 42.57 -3.74 15.71
C ASP A 76 42.75 -3.56 17.21
N GLU A 77 41.90 -4.21 18.02
CA GLU A 77 42.07 -4.13 19.46
C GLU A 77 43.37 -4.79 19.91
N VAL A 78 43.86 -5.76 19.13
CA VAL A 78 45.16 -6.33 19.42
C VAL A 78 46.28 -5.41 18.94
N ARG A 79 46.03 -4.66 17.86
CA ARG A 79 47.04 -3.75 17.32
C ARG A 79 47.24 -2.52 18.20
N THR A 80 46.29 -2.21 19.07
CA THR A 80 46.40 -1.07 19.98
CA THR A 80 46.39 -1.07 19.97
C THR A 80 46.27 -1.50 21.43
N GLY A 81 46.52 -2.78 21.72
CA GLY A 81 46.38 -3.32 23.06
C GLY A 81 47.65 -3.28 23.87
N THR A 82 47.60 -3.93 25.02
CA THR A 82 48.75 -3.92 25.93
C THR A 82 49.95 -4.63 25.33
N TYR A 83 49.72 -5.65 24.52
CA TYR A 83 50.82 -6.36 23.87
C TYR A 83 50.91 -6.02 22.39
N ARG A 84 50.57 -4.78 22.05
CA ARG A 84 50.68 -4.33 20.67
C ARG A 84 52.12 -4.42 20.17
N GLN A 85 53.08 -3.98 20.97
CA GLN A 85 54.48 -3.99 20.55
C GLN A 85 55.08 -5.39 20.53
N LEU A 86 54.36 -6.38 21.03
CA LEU A 86 54.90 -7.73 21.05
C LEU A 86 54.73 -8.44 19.72
N PHE A 87 53.81 -8.00 18.87
CA PHE A 87 53.51 -8.65 17.60
C PHE A 87 54.06 -7.88 16.41
N HIS A 88 54.71 -8.54 15.48
CA HIS A 88 55.16 -7.90 14.21
C HIS A 88 53.89 -7.57 13.44
N PRO A 89 53.82 -6.47 12.68
CA PRO A 89 52.59 -6.08 11.99
C PRO A 89 52.07 -7.12 11.00
N GLU A 90 52.96 -7.86 10.35
CA GLU A 90 52.56 -8.82 9.27
C GLU A 90 51.93 -10.06 9.89
N GLN A 91 52.06 -10.27 11.20
CA GLN A 91 51.40 -11.38 11.87
C GLN A 91 49.89 -11.17 11.98
N LEU A 92 49.38 -10.00 11.60
CA LEU A 92 48.00 -9.63 11.82
C LEU A 92 47.37 -9.39 10.44
N ILE A 93 46.51 -10.30 10.01
CA ILE A 93 45.92 -10.26 8.68
C ILE A 93 44.41 -10.00 8.82
N THR A 94 43.96 -8.84 8.35
CA THR A 94 42.55 -8.45 8.44
C THR A 94 41.98 -8.22 7.06
N GLY A 95 40.68 -8.48 6.93
CA GLY A 95 39.96 -8.31 5.68
C GLY A 95 39.05 -7.11 5.75
N LYS A 96 38.25 -6.95 4.69
CA LYS A 96 37.36 -5.80 4.54
C LYS A 96 35.97 -6.07 5.10
N GLU A 97 35.31 -7.15 4.67
CA GLU A 97 34.01 -7.53 5.20
C GLU A 97 34.00 -9.01 5.55
N ASP A 98 33.24 -9.35 6.60
CA ASP A 98 33.30 -10.68 7.20
C ASP A 98 32.39 -11.65 6.46
N ALA A 99 32.24 -12.84 7.02
CA ALA A 99 31.51 -13.94 6.42
C ALA A 99 30.03 -13.99 6.83
N ALA A 100 29.54 -13.03 7.60
CA ALA A 100 28.12 -12.91 7.92
C ALA A 100 27.55 -14.22 8.46
N ASN A 101 28.27 -14.82 9.40
CA ASN A 101 27.84 -16.10 10.00
C ASN A 101 27.56 -17.16 8.95
N ASN A 102 28.18 -17.06 7.78
CA ASN A 102 27.86 -17.92 6.66
C ASN A 102 29.07 -18.77 6.31
N TYR A 103 29.02 -20.05 6.66
CA TYR A 103 30.14 -20.94 6.36
C TYR A 103 30.54 -20.87 4.89
N ALA A 104 29.55 -20.88 3.98
CA ALA A 104 29.84 -20.85 2.56
C ALA A 104 30.60 -19.59 2.17
N ARG A 105 30.24 -18.46 2.78
CA ARG A 105 30.87 -17.20 2.41
C ARG A 105 32.32 -17.14 2.88
N GLY A 106 32.59 -17.74 4.04
CA GLY A 106 33.94 -17.75 4.57
C GLY A 106 34.84 -18.77 3.87
N HIS A 107 34.28 -19.93 3.55
CA HIS A 107 35.09 -20.96 2.91
C HIS A 107 35.26 -20.69 1.42
N TYR A 108 34.18 -20.36 0.73
CA TYR A 108 34.21 -20.22 -0.73
C TYR A 108 34.42 -18.78 -1.18
N THR A 109 33.56 -17.85 -0.76
CA THR A 109 33.55 -16.54 -1.41
C THR A 109 34.71 -15.66 -0.96
N ILE A 110 34.72 -15.28 0.31
CA ILE A 110 35.80 -14.43 0.81
C ILE A 110 37.07 -15.24 1.05
N GLY A 111 36.93 -16.52 1.35
CA GLY A 111 38.11 -17.32 1.66
C GLY A 111 39.05 -17.45 0.48
N LYS A 112 38.49 -17.74 -0.70
CA LYS A 112 39.32 -17.92 -1.90
C LYS A 112 40.28 -16.76 -2.11
N GLU A 113 39.89 -15.55 -1.75
CA GLU A 113 40.69 -14.39 -2.08
C GLU A 113 41.77 -14.07 -1.06
N ILE A 114 41.64 -14.58 0.16
CA ILE A 114 42.57 -14.22 1.22
C ILE A 114 43.45 -15.40 1.66
N ILE A 115 43.19 -16.60 1.14
CA ILE A 115 43.88 -17.81 1.61
C ILE A 115 45.36 -17.74 1.28
N ASP A 116 45.68 -17.42 0.03
CA ASP A 116 47.09 -17.37 -0.38
C ASP A 116 47.88 -16.37 0.46
N LEU A 117 47.34 -15.18 0.67
CA LEU A 117 48.04 -14.21 1.51
C LEU A 117 48.36 -14.79 2.90
N VAL A 118 47.38 -15.48 3.51
CA VAL A 118 47.62 -16.05 4.84
C VAL A 118 48.73 -17.08 4.78
N LEU A 119 48.69 -17.97 3.78
CA LEU A 119 49.70 -19.02 3.69
C LEU A 119 51.09 -18.46 3.50
N ASP A 120 51.21 -17.33 2.81
CA ASP A 120 52.50 -16.66 2.73
C ASP A 120 52.97 -16.21 4.11
N ARG A 121 52.10 -15.48 4.83
CA ARG A 121 52.44 -15.05 6.17
C ARG A 121 52.82 -16.22 7.05
N ILE A 122 52.17 -17.36 6.88
CA ILE A 122 52.55 -18.57 7.62
C ILE A 122 53.92 -19.05 7.18
N ARG A 123 54.13 -19.17 5.86
CA ARG A 123 55.44 -19.55 5.34
C ARG A 123 56.55 -18.71 5.96
N LYS A 124 56.39 -17.39 5.91
CA LYS A 124 57.36 -16.50 6.53
C LYS A 124 57.76 -16.97 7.93
N LEU A 125 56.81 -17.53 8.69
CA LEU A 125 57.11 -18.00 10.04
C LEU A 125 57.75 -19.38 10.02
N ALA A 126 57.26 -20.28 9.15
CA ALA A 126 57.84 -21.61 9.08
C ALA A 126 59.32 -21.55 8.67
N ASP A 127 59.68 -20.60 7.79
CA ASP A 127 61.08 -20.49 7.37
C ASP A 127 62.00 -20.28 8.57
N GLN A 128 61.60 -19.43 9.52
CA GLN A 128 62.41 -19.19 10.72
C GLN A 128 62.48 -20.39 11.63
N CYS A 129 61.86 -21.50 11.23
CA CYS A 129 61.79 -22.69 12.10
C CYS A 129 62.83 -23.73 11.66
N THR A 130 63.43 -24.44 12.61
CA THR A 130 64.50 -25.42 12.30
C THR A 130 63.98 -26.85 12.53
N GLY A 131 62.70 -26.98 12.88
CA GLY A 131 62.12 -28.31 13.14
C GLY A 131 60.65 -28.21 13.44
N LEU A 132 59.94 -27.32 12.75
CA LEU A 132 58.49 -27.11 13.01
C LEU A 132 57.83 -28.45 13.31
N GLN A 133 57.08 -28.52 14.40
CA GLN A 133 56.36 -29.77 14.75
C GLN A 133 54.93 -29.65 14.19
N GLY A 134 54.43 -28.44 13.94
CA GLY A 134 53.10 -28.31 13.37
C GLY A 134 52.42 -27.06 13.91
N PHE A 135 51.09 -27.13 13.94
CA PHE A 135 50.27 -25.95 14.15
C PHE A 135 49.20 -26.18 15.21
N LEU A 136 48.86 -25.10 15.91
CA LEU A 136 47.73 -25.08 16.82
CA LEU A 136 47.72 -25.07 16.82
C LEU A 136 46.72 -24.06 16.29
N VAL A 137 45.53 -24.54 15.93
CA VAL A 137 44.51 -23.69 15.29
C VAL A 137 43.43 -23.36 16.32
N PHE A 138 43.21 -22.07 16.55
CA PHE A 138 42.19 -21.57 17.46
C PHE A 138 41.07 -20.95 16.65
N HIS A 139 39.84 -21.43 16.87
CA HIS A 139 38.72 -20.94 16.08
C HIS A 139 37.42 -21.39 16.74
N SER A 140 36.34 -20.71 16.37
CA SER A 140 35.00 -21.09 16.80
C SER A 140 34.37 -22.04 15.79
N PHE A 141 33.35 -22.78 16.24
CA PHE A 141 32.52 -23.57 15.34
C PHE A 141 31.50 -22.71 14.62
N GLY A 142 31.00 -21.66 15.27
CA GLY A 142 29.81 -20.97 14.81
C GLY A 142 30.05 -19.81 13.85
N GLY A 143 31.11 -19.04 14.05
CA GLY A 143 31.42 -17.96 13.14
C GLY A 143 31.50 -18.41 11.69
N GLY A 144 31.10 -17.54 10.77
CA GLY A 144 31.31 -17.84 9.36
C GLY A 144 32.79 -17.96 9.01
N THR A 145 33.63 -17.13 9.61
CA THR A 145 35.08 -17.23 9.41
C THR A 145 35.64 -18.39 10.20
N GLY A 146 35.38 -18.42 11.51
CA GLY A 146 35.88 -19.51 12.34
C GLY A 146 35.55 -20.88 11.78
N SER A 147 34.37 -21.03 11.16
CA SER A 147 33.99 -22.33 10.60
C SER A 147 34.47 -22.47 9.15
N GLY A 148 34.18 -21.48 8.31
CA GLY A 148 34.42 -21.57 6.89
C GLY A 148 35.84 -21.36 6.45
N PHE A 149 36.48 -20.28 6.91
CA PHE A 149 37.87 -20.07 6.51
C PHE A 149 38.80 -21.10 7.14
N THR A 150 38.52 -21.52 8.38
CA THR A 150 39.38 -22.51 9.03
C THR A 150 39.48 -23.78 8.21
N SER A 151 38.34 -24.34 7.77
CA SER A 151 38.38 -25.62 7.08
C SER A 151 39.14 -25.54 5.76
N LEU A 152 39.11 -24.38 5.09
CA LEU A 152 39.98 -24.20 3.93
C LEU A 152 41.44 -24.11 4.33
N LEU A 153 41.73 -23.46 5.45
CA LEU A 153 43.11 -23.38 5.92
C LEU A 153 43.63 -24.76 6.28
N MET A 154 42.82 -25.55 7.01
CA MET A 154 43.24 -26.90 7.37
C MET A 154 43.48 -27.75 6.13
N GLU A 155 42.68 -27.57 5.08
CA GLU A 155 42.91 -28.30 3.83
C GLU A 155 44.25 -27.93 3.24
N ARG A 156 44.55 -26.63 3.14
CA ARG A 156 45.80 -26.23 2.52
C ARG A 156 47.01 -26.66 3.35
N LEU A 157 46.95 -26.48 4.69
CA LEU A 157 48.08 -26.86 5.53
C LEU A 157 48.49 -28.31 5.31
N SER A 158 47.51 -29.21 5.10
CA SER A 158 47.82 -30.61 4.85
C SER A 158 48.61 -30.78 3.55
N VAL A 159 48.45 -29.86 2.60
CA VAL A 159 49.21 -29.92 1.36
C VAL A 159 50.61 -29.35 1.56
N ASP A 160 50.71 -28.09 2.00
CA ASP A 160 52.01 -27.44 2.07
C ASP A 160 52.87 -27.93 3.23
N TYR A 161 52.27 -28.46 4.29
CA TYR A 161 53.01 -29.02 5.41
C TYR A 161 52.45 -30.42 5.69
N GLY A 162 52.68 -31.33 4.76
CA GLY A 162 52.15 -32.67 4.88
C GLY A 162 52.44 -33.33 6.21
N LYS A 163 53.70 -33.74 6.42
CA LYS A 163 54.06 -34.57 7.56
C LYS A 163 53.68 -33.96 8.90
N LYS A 164 53.42 -32.66 8.95
CA LYS A 164 53.28 -31.93 10.21
C LYS A 164 51.93 -32.24 10.90
N SER A 165 51.90 -31.97 12.19
CA SER A 165 50.71 -32.18 13.00
C SER A 165 49.88 -30.91 13.11
N LYS A 166 48.55 -31.08 13.06
CA LYS A 166 47.59 -30.00 13.21
C LYS A 166 46.73 -30.32 14.43
N LEU A 167 46.79 -29.46 15.45
CA LEU A 167 45.92 -29.56 16.61
C LEU A 167 44.94 -28.39 16.65
N GLU A 168 43.75 -28.67 17.18
CA GLU A 168 42.62 -27.76 17.06
C GLU A 168 42.06 -27.43 18.43
N PHE A 169 41.89 -26.14 18.71
CA PHE A 169 41.14 -25.67 19.87
C PHE A 169 39.87 -25.04 19.33
N SER A 170 38.72 -25.65 19.62
CA SER A 170 37.46 -25.25 19.01
C SER A 170 36.47 -24.80 20.06
N ILE A 171 35.68 -23.78 19.75
CA ILE A 171 34.65 -23.27 20.65
C ILE A 171 33.30 -23.76 20.16
N TYR A 172 32.78 -24.79 20.83
CA TYR A 172 31.45 -25.32 20.56
C TYR A 172 30.36 -24.30 20.94
N PRO A 173 29.31 -24.16 20.12
CA PRO A 173 28.37 -23.05 20.30
C PRO A 173 27.32 -23.32 21.35
N ALA A 174 26.98 -22.28 22.14
CA ALA A 174 25.93 -22.44 23.15
C ALA A 174 25.09 -21.17 23.20
N PRO A 175 23.75 -21.32 23.23
CA PRO A 175 22.89 -20.13 23.16
C PRO A 175 22.98 -19.21 24.39
N GLN A 176 23.53 -19.68 25.49
CA GLN A 176 23.70 -18.80 26.66
C GLN A 176 24.73 -17.73 26.32
N VAL A 177 25.57 -17.98 25.30
CA VAL A 177 26.66 -17.02 24.98
C VAL A 177 26.60 -16.62 23.51
N SER A 178 26.10 -15.42 23.22
CA SER A 178 26.00 -14.87 21.83
C SER A 178 26.14 -15.93 20.74
N THR A 179 25.04 -16.54 20.31
CA THR A 179 25.06 -17.50 19.18
C THR A 179 24.02 -17.10 18.15
N ALA A 180 24.33 -17.27 16.86
CA ALA A 180 23.37 -16.99 15.79
C ALA A 180 22.58 -18.26 15.50
N VAL A 181 21.44 -18.14 14.80
CA VAL A 181 20.61 -19.33 14.62
C VAL A 181 21.28 -20.31 13.67
N VAL A 182 22.13 -19.84 12.75
CA VAL A 182 22.69 -20.72 11.72
C VAL A 182 23.98 -21.38 12.22
N GLU A 183 24.30 -21.19 13.51
CA GLU A 183 25.59 -21.72 13.94
C GLU A 183 25.63 -23.25 13.91
N PRO A 184 24.52 -23.95 14.19
CA PRO A 184 24.53 -25.41 14.00
C PRO A 184 24.95 -25.83 12.60
N TYR A 185 24.50 -25.11 11.57
CA TYR A 185 24.91 -25.40 10.20
C TYR A 185 26.42 -25.28 10.04
N ASN A 186 26.99 -24.12 10.39
CA ASN A 186 28.43 -23.92 10.25
C ASN A 186 29.22 -24.98 11.02
N SER A 187 28.69 -25.44 12.15
CA SER A 187 29.42 -26.39 12.98
C SER A 187 29.58 -27.73 12.27
N ILE A 188 28.48 -28.32 11.80
CA ILE A 188 28.56 -29.57 11.04
C ILE A 188 29.38 -29.38 9.77
N LEU A 189 29.18 -28.27 9.07
CA LEU A 189 29.89 -28.05 7.81
C LEU A 189 31.39 -28.03 8.04
N THR A 190 31.85 -27.35 9.10
CA THR A 190 33.29 -27.24 9.31
C THR A 190 33.86 -28.52 9.92
N THR A 191 33.10 -29.18 10.80
CA THR A 191 33.53 -30.44 11.40
C THR A 191 33.75 -31.52 10.34
N HIS A 192 32.83 -31.61 9.36
CA HIS A 192 32.99 -32.58 8.29
C HIS A 192 34.20 -32.25 7.43
N THR A 193 34.33 -30.99 7.02
CA THR A 193 35.40 -30.60 6.11
C THR A 193 36.78 -30.74 6.76
N THR A 194 36.86 -30.53 8.07
CA THR A 194 38.15 -30.48 8.75
C THR A 194 38.48 -31.79 9.49
N LEU A 195 37.55 -32.75 9.51
CA LEU A 195 37.68 -33.91 10.39
C LEU A 195 38.90 -34.75 10.05
N GLU A 196 39.36 -34.74 8.81
CA GLU A 196 40.51 -35.52 8.41
C GLU A 196 41.80 -34.71 8.36
N HIS A 197 41.76 -33.43 8.69
CA HIS A 197 42.94 -32.58 8.62
C HIS A 197 43.38 -32.15 10.00
N SER A 198 42.79 -32.73 11.04
CA SER A 198 43.09 -32.40 12.41
C SER A 198 43.43 -33.69 13.15
N ASP A 199 44.61 -33.74 13.76
CA ASP A 199 45.08 -34.91 14.48
C ASP A 199 44.48 -35.04 15.86
N CYS A 200 44.06 -33.92 16.46
CA CYS A 200 43.51 -33.88 17.81
C CYS A 200 42.84 -32.53 18.04
N ALA A 201 41.63 -32.54 18.59
CA ALA A 201 40.85 -31.33 18.76
C ALA A 201 40.26 -31.26 20.16
N PHE A 202 40.47 -30.13 20.83
CA PHE A 202 39.92 -29.90 22.16
C PHE A 202 38.70 -28.98 22.02
N MET A 203 37.51 -29.53 22.25
CA MET A 203 36.32 -28.71 22.24
C MET A 203 36.14 -28.00 23.56
N VAL A 204 35.71 -26.76 23.49
CA VAL A 204 35.26 -26.01 24.64
C VAL A 204 33.84 -25.58 24.37
N ASP A 205 32.91 -25.98 25.24
CA ASP A 205 31.48 -25.66 25.11
C ASP A 205 31.20 -24.39 25.88
N ASN A 206 30.87 -23.31 25.16
CA ASN A 206 30.65 -22.03 25.83
C ASN A 206 29.63 -22.16 26.96
N GLU A 207 28.70 -23.10 26.85
CA GLU A 207 27.76 -23.35 27.94
C GLU A 207 28.50 -23.74 29.22
N ALA A 208 29.47 -24.66 29.10
CA ALA A 208 30.20 -25.13 30.27
C ALA A 208 30.99 -24.00 30.92
N ILE A 209 31.87 -23.35 30.16
CA ILE A 209 32.68 -22.26 30.69
CA ILE A 209 32.67 -22.29 30.74
C ILE A 209 31.78 -21.19 31.28
N TYR A 210 30.61 -20.98 30.67
CA TYR A 210 29.66 -20.00 31.18
C TYR A 210 29.26 -20.35 32.61
N ASP A 211 28.76 -21.57 32.82
CA ASP A 211 28.33 -21.99 34.16
C ASP A 211 29.47 -21.97 35.15
N ILE A 212 30.65 -22.45 34.75
CA ILE A 212 31.79 -22.40 35.67
C ILE A 212 32.03 -20.98 36.15
N CYS A 213 32.01 -20.00 35.23
CA CYS A 213 32.15 -18.61 35.64
C CYS A 213 31.05 -18.17 36.58
N ARG A 214 29.85 -18.73 36.44
CA ARG A 214 28.76 -18.36 37.34
C ARG A 214 28.87 -19.07 38.68
N ARG A 215 28.91 -20.39 38.67
CA ARG A 215 29.01 -21.18 39.90
C ARG A 215 30.26 -20.80 40.68
N ASN A 216 31.44 -21.12 40.14
CA ASN A 216 32.68 -21.07 40.90
C ASN A 216 33.23 -19.66 41.06
N LEU A 217 32.95 -18.75 40.12
CA LEU A 217 33.45 -17.40 40.21
C LEU A 217 32.42 -16.36 40.63
N ASP A 218 31.14 -16.73 40.72
CA ASP A 218 30.11 -15.81 41.18
C ASP A 218 29.98 -14.59 40.26
N ILE A 219 30.11 -14.82 38.95
CA ILE A 219 29.88 -13.79 37.94
C ILE A 219 28.46 -13.95 37.42
N GLU A 220 27.60 -12.95 37.62
CA GLU A 220 26.17 -13.04 37.23
C GLU A 220 26.03 -13.21 35.73
N ARG A 221 26.66 -12.34 34.95
CA ARG A 221 26.61 -12.39 33.47
C ARG A 221 28.05 -12.41 32.95
N PRO A 222 28.70 -13.58 32.96
CA PRO A 222 30.06 -13.68 32.42
C PRO A 222 30.20 -12.99 31.06
N THR A 223 31.32 -12.32 30.80
CA THR A 223 31.60 -11.62 29.53
C THR A 223 32.63 -12.43 28.74
N TYR A 224 32.93 -12.08 27.49
CA TYR A 224 33.97 -12.78 26.74
C TYR A 224 35.28 -12.77 27.49
N THR A 225 35.57 -11.66 28.20
CA THR A 225 36.83 -11.58 28.93
C THR A 225 36.90 -12.63 30.03
N ASN A 226 35.85 -12.71 30.86
CA ASN A 226 35.79 -13.77 31.87
C ASN A 226 35.98 -15.14 31.24
N LEU A 227 35.21 -15.43 30.17
CA LEU A 227 35.27 -16.75 29.55
C LEU A 227 36.67 -17.04 29.02
N ASN A 228 37.29 -16.06 28.39
CA ASN A 228 38.56 -16.33 27.72
C ASN A 228 39.70 -16.50 28.72
N ARG A 229 39.63 -15.81 29.87
CA ARG A 229 40.64 -16.00 30.90
C ARG A 229 40.58 -17.41 31.49
N LEU A 230 39.38 -17.94 31.63
CA LEU A 230 39.27 -19.32 32.10
C LEU A 230 39.67 -20.30 31.01
N ILE A 231 39.36 -19.99 29.75
CA ILE A 231 39.74 -20.90 28.66
C ILE A 231 41.26 -20.98 28.55
N SER A 232 41.91 -19.82 28.55
CA SER A 232 43.35 -19.83 28.38
C SER A 232 44.09 -20.41 29.58
N GLN A 233 43.42 -20.59 30.72
CA GLN A 233 44.00 -21.43 31.75
C GLN A 233 44.05 -22.89 31.30
N ILE A 234 42.93 -23.38 30.75
CA ILE A 234 42.92 -24.77 30.26
C ILE A 234 43.91 -24.93 29.12
N VAL A 235 43.89 -23.99 28.16
CA VAL A 235 44.84 -24.07 27.06
C VAL A 235 46.29 -24.07 27.57
N SER A 236 46.58 -23.18 28.52
CA SER A 236 47.93 -23.09 29.06
C SER A 236 48.36 -24.39 29.70
N SER A 237 47.42 -25.09 30.37
CA SER A 237 47.75 -26.39 30.96
C SER A 237 48.05 -27.43 29.89
N ILE A 238 47.41 -27.33 28.72
CA ILE A 238 47.60 -28.33 27.69
C ILE A 238 48.91 -28.12 26.96
N THR A 239 49.32 -26.86 26.76
CA THR A 239 50.51 -26.55 25.98
C THR A 239 51.78 -26.45 26.82
N ALA A 240 51.66 -26.39 28.15
CA ALA A 240 52.83 -26.17 28.99
C ALA A 240 53.89 -27.26 28.80
N SER A 241 53.47 -28.51 28.58
CA SER A 241 54.44 -29.55 28.26
C SER A 241 55.34 -29.17 27.09
N LEU A 242 54.80 -28.43 26.12
CA LEU A 242 55.61 -27.98 25.00
C LEU A 242 56.51 -26.80 25.36
N ARG A 243 56.06 -25.92 26.25
CA ARG A 243 56.80 -24.70 26.58
C ARG A 243 57.81 -24.88 27.71
N PHE A 244 57.65 -25.91 28.55
CA PHE A 244 58.53 -26.13 29.68
C PHE A 244 59.28 -27.44 29.53
N ASP A 245 60.40 -27.54 30.25
CA ASP A 245 61.15 -28.79 30.29
C ASP A 245 60.25 -29.89 30.86
N GLY A 246 60.35 -31.08 30.30
CA GLY A 246 59.50 -32.16 30.76
C GLY A 246 59.70 -33.41 29.94
N ALA A 247 58.84 -34.39 30.19
CA ALA A 247 58.91 -35.69 29.51
C ALA A 247 57.61 -36.12 28.84
N LEU A 248 56.46 -35.61 29.27
CA LEU A 248 55.17 -36.03 28.73
C LEU A 248 54.62 -34.96 27.81
N ASN A 249 54.08 -35.40 26.66
CA ASN A 249 53.53 -34.50 25.64
C ASN A 249 54.54 -33.44 25.24
N VAL A 250 55.74 -33.89 24.84
CA VAL A 250 56.80 -32.95 24.46
CA VAL A 250 56.80 -32.95 24.46
C VAL A 250 56.68 -32.43 23.04
N ASP A 251 55.82 -33.04 22.21
CA ASP A 251 55.58 -32.51 20.88
C ASP A 251 54.22 -32.98 20.40
N LEU A 252 53.65 -32.23 19.44
CA LEU A 252 52.26 -32.44 19.02
C LEU A 252 51.94 -33.89 18.69
N THR A 253 52.93 -34.72 18.37
CA THR A 253 52.61 -36.11 18.04
C THR A 253 52.32 -36.95 19.29
N GLU A 254 52.78 -36.54 20.46
CA GLU A 254 52.43 -37.30 21.66
C GLU A 254 50.98 -37.10 22.06
N PHE A 255 50.38 -35.97 21.73
CA PHE A 255 48.95 -35.78 21.98
C PHE A 255 48.14 -36.87 21.30
N GLN A 256 48.50 -37.19 20.07
CA GLN A 256 47.81 -38.22 19.30
C GLN A 256 48.21 -39.62 19.72
N THR A 257 49.47 -39.80 20.14
CA THR A 257 49.89 -41.10 20.65
C THR A 257 49.23 -41.41 21.98
N ASN A 258 49.08 -40.41 22.85
CA ASN A 258 48.54 -40.61 24.19
C ASN A 258 47.03 -40.47 24.24
N LEU A 259 46.43 -39.72 23.33
CA LEU A 259 45.02 -39.39 23.44
C LEU A 259 44.16 -39.95 22.32
N VAL A 260 44.72 -40.27 21.15
CA VAL A 260 43.88 -40.60 19.99
C VAL A 260 44.26 -41.97 19.43
N PRO A 261 43.64 -43.06 19.90
CA PRO A 261 43.96 -44.39 19.37
C PRO A 261 43.24 -44.68 18.06
N TYR A 262 42.02 -44.12 17.88
CA TYR A 262 41.31 -44.13 16.61
C TYR A 262 41.32 -42.73 16.00
N PRO A 263 41.55 -42.64 14.69
CA PRO A 263 41.80 -41.33 14.08
C PRO A 263 40.59 -40.40 14.10
N ARG A 264 39.42 -40.88 13.66
CA ARG A 264 38.24 -40.02 13.61
C ARG A 264 37.81 -39.58 15.00
N ILE A 265 37.92 -40.48 15.99
CA ILE A 265 37.62 -40.12 17.37
C ILE A 265 38.80 -39.41 18.01
N HIS A 266 39.04 -38.16 17.63
CA HIS A 266 40.17 -37.38 18.13
C HIS A 266 39.70 -36.16 18.93
N PHE A 267 38.68 -36.35 19.77
CA PHE A 267 38.06 -35.28 20.55
C PHE A 267 38.19 -35.60 22.04
N PRO A 268 39.29 -35.20 22.67
CA PRO A 268 39.45 -35.41 24.11
C PRO A 268 38.61 -34.42 24.90
N LEU A 269 38.31 -34.82 26.13
CA LEU A 269 37.53 -34.02 27.07
C LEU A 269 38.46 -33.46 28.12
N ALA A 270 38.44 -32.14 28.29
CA ALA A 270 39.23 -31.48 29.30
C ALA A 270 38.36 -31.24 30.53
N THR A 271 38.81 -31.73 31.67
CA THR A 271 38.31 -31.30 32.96
C THR A 271 39.42 -30.52 33.66
N TYR A 272 39.05 -29.62 34.57
CA TYR A 272 40.04 -28.75 35.18
C TYR A 272 39.58 -28.34 36.55
N ALA A 273 40.52 -28.34 37.50
CA ALA A 273 40.25 -27.98 38.87
C ALA A 273 41.56 -27.57 39.52
N PRO A 274 41.54 -26.64 40.49
CA PRO A 274 40.36 -25.99 41.08
C PRO A 274 40.12 -24.58 40.54
N VAL A 275 38.86 -24.23 40.27
CA VAL A 275 38.49 -22.89 39.85
C VAL A 275 37.97 -22.16 41.10
N ILE A 276 38.75 -21.19 41.58
CA ILE A 276 38.48 -20.52 42.85
C ILE A 276 38.39 -19.02 42.62
N SER A 277 37.39 -18.40 43.25
CA SER A 277 37.16 -16.98 43.08
C SER A 277 38.23 -16.16 43.79
N ALA A 278 38.81 -15.20 43.09
CA ALA A 278 39.77 -14.30 43.72
C ALA A 278 39.12 -13.41 44.76
N GLU A 279 37.80 -13.23 44.68
CA GLU A 279 37.10 -12.43 45.67
C GLU A 279 36.94 -13.16 47.00
N LYS A 280 37.33 -14.42 47.07
CA LYS A 280 37.35 -15.17 48.32
C LYS A 280 38.70 -14.90 48.98
N ALA A 281 38.71 -13.99 49.96
CA ALA A 281 39.96 -13.60 50.61
C ALA A 281 40.67 -14.82 51.20
N TYR A 282 39.93 -15.70 51.85
CA TYR A 282 40.47 -16.94 52.38
C TYR A 282 39.73 -18.11 51.75
N HIS A 283 40.48 -19.15 51.41
CA HIS A 283 39.88 -20.39 50.94
C HIS A 283 40.95 -21.47 51.00
N GLU A 284 40.83 -22.36 51.99
CA GLU A 284 41.76 -23.47 52.12
C GLU A 284 42.02 -24.11 50.77
N GLN A 285 43.29 -24.33 50.47
CA GLN A 285 43.66 -24.92 49.19
C GLN A 285 43.51 -26.44 49.27
N LEU A 286 42.95 -27.02 48.21
CA LEU A 286 42.58 -28.42 48.22
C LEU A 286 43.82 -29.31 48.17
N SER A 287 43.64 -30.57 48.58
CA SER A 287 44.70 -31.55 48.48
C SER A 287 44.83 -32.06 47.04
N VAL A 288 45.89 -32.86 46.82
CA VAL A 288 46.05 -33.53 45.53
C VAL A 288 44.91 -34.54 45.31
N ALA A 289 44.60 -35.34 46.33
CA ALA A 289 43.49 -36.27 46.20
C ALA A 289 42.20 -35.53 45.87
N GLU A 290 41.99 -34.36 46.47
CA GLU A 290 40.75 -33.64 46.26
C GLU A 290 40.66 -33.08 44.84
N ILE A 291 41.72 -32.39 44.36
CA ILE A 291 41.66 -31.86 43.00
C ILE A 291 41.56 -33.01 42.00
N THR A 292 42.21 -34.15 42.29
CA THR A 292 42.07 -35.30 41.41
C THR A 292 40.64 -35.82 41.42
N ASN A 293 40.03 -35.90 42.60
CA ASN A 293 38.66 -36.38 42.67
C ASN A 293 37.69 -35.47 41.93
N ALA A 294 38.03 -34.19 41.77
CA ALA A 294 37.13 -33.26 41.07
C ALA A 294 37.12 -33.48 39.57
N CYS A 295 38.22 -34.01 39.02
CA CYS A 295 38.27 -34.30 37.59
C CYS A 295 37.15 -35.23 37.13
N PHE A 296 36.47 -35.91 38.06
CA PHE A 296 35.39 -36.82 37.73
C PHE A 296 34.04 -36.28 38.16
N GLU A 297 33.96 -35.00 38.45
CA GLU A 297 32.66 -34.34 38.72
C GLU A 297 32.26 -33.68 37.40
N PRO A 298 31.07 -33.95 36.83
CA PRO A 298 30.66 -33.33 35.57
C PRO A 298 30.76 -31.82 35.60
N ALA A 299 30.60 -31.21 36.78
CA ALA A 299 30.57 -29.77 36.91
C ALA A 299 31.82 -29.10 36.39
N ASN A 300 32.95 -29.80 36.31
CA ASN A 300 34.24 -29.18 36.02
C ASN A 300 34.76 -29.53 34.63
N GLN A 301 33.91 -30.03 33.74
CA GLN A 301 34.34 -30.42 32.41
C GLN A 301 34.13 -29.28 31.41
N MET A 302 34.97 -29.25 30.37
CA MET A 302 34.84 -28.24 29.33
CA MET A 302 34.84 -28.24 29.33
C MET A 302 33.64 -28.51 28.41
N VAL A 303 32.99 -29.66 28.55
CA VAL A 303 31.78 -29.98 27.80
C VAL A 303 30.83 -30.70 28.74
N LYS A 304 29.60 -30.22 28.83
CA LYS A 304 28.62 -30.85 29.71
C LYS A 304 28.24 -32.22 29.17
N CYS A 305 28.66 -33.27 29.85
CA CYS A 305 28.27 -34.63 29.52
C CYS A 305 28.53 -35.49 30.74
N ASP A 306 28.09 -36.74 30.69
CA ASP A 306 28.18 -37.63 31.84
C ASP A 306 29.14 -38.77 31.53
N PRO A 307 30.42 -38.64 31.89
CA PRO A 307 31.39 -39.69 31.55
C PRO A 307 31.10 -41.04 32.20
N ARG A 308 30.15 -41.13 33.14
CA ARG A 308 29.85 -42.39 33.82
C ARG A 308 29.15 -43.37 32.90
N HIS A 309 28.38 -42.88 31.94
CA HIS A 309 27.71 -43.73 30.98
C HIS A 309 28.44 -43.72 29.65
N GLY A 310 29.76 -43.78 29.73
CA GLY A 310 30.62 -43.93 28.58
C GLY A 310 31.81 -44.82 28.92
N LYS A 311 32.75 -44.92 28.00
CA LYS A 311 33.96 -45.68 28.22
C LYS A 311 35.16 -44.79 27.94
N TYR A 312 36.27 -45.08 28.60
CA TYR A 312 37.49 -44.33 28.37
C TYR A 312 38.39 -45.10 27.42
N MET A 313 39.14 -44.36 26.63
CA MET A 313 40.15 -44.95 25.72
C MET A 313 41.52 -44.42 26.14
N ALA A 314 41.58 -43.36 26.97
CA ALA A 314 42.85 -42.79 27.41
C ALA A 314 42.60 -41.68 28.42
N CYS A 315 43.33 -41.73 29.54
CA CYS A 315 43.28 -40.59 30.49
CA CYS A 315 43.34 -40.62 30.51
C CYS A 315 44.71 -40.07 30.72
N CYS A 316 44.83 -38.77 30.91
CA CYS A 316 46.12 -38.09 31.09
CA CYS A 316 46.11 -38.09 31.08
C CYS A 316 45.93 -37.00 32.13
N LEU A 317 46.59 -37.14 33.27
CA LEU A 317 46.52 -36.16 34.35
C LEU A 317 47.73 -35.23 34.27
N LEU A 318 47.48 -33.92 34.18
CA LEU A 318 48.56 -32.93 34.13
C LEU A 318 48.44 -32.00 35.33
N TYR A 319 49.34 -32.17 36.31
CA TYR A 319 49.36 -31.34 37.50
C TYR A 319 50.37 -30.21 37.36
N ARG A 320 50.04 -29.07 37.95
CA ARG A 320 50.93 -27.91 37.95
C ARG A 320 51.05 -27.42 39.38
N GLY A 321 52.27 -27.47 39.91
CA GLY A 321 52.53 -26.90 41.21
C GLY A 321 53.13 -27.89 42.19
N ASP A 322 52.60 -27.87 43.41
CA ASP A 322 53.14 -28.62 44.53
C ASP A 322 52.49 -30.00 44.55
N VAL A 323 53.05 -30.93 43.79
CA VAL A 323 52.47 -32.27 43.67
C VAL A 323 53.58 -33.30 43.74
N VAL A 324 53.49 -34.23 44.69
CA VAL A 324 54.49 -35.29 44.79
C VAL A 324 53.92 -36.57 44.18
N PRO A 325 54.71 -37.33 43.40
CA PRO A 325 54.16 -38.59 42.83
C PRO A 325 53.49 -39.46 43.88
N LYS A 326 54.01 -39.49 45.10
CA LYS A 326 53.43 -40.29 46.16
C LYS A 326 51.96 -39.95 46.37
N ASP A 327 51.63 -38.65 46.46
CA ASP A 327 50.24 -38.26 46.66
C ASP A 327 49.37 -38.56 45.44
N VAL A 328 49.96 -38.58 44.25
CA VAL A 328 49.19 -38.83 43.04
C VAL A 328 48.74 -40.29 43.00
N ASN A 329 49.67 -41.21 43.25
CA ASN A 329 49.29 -42.62 43.30
C ASN A 329 48.20 -42.86 44.34
N ALA A 330 48.28 -42.14 45.47
CA ALA A 330 47.29 -42.32 46.53
C ALA A 330 45.89 -41.96 46.06
N ALA A 331 45.75 -40.78 45.44
CA ALA A 331 44.45 -40.38 44.92
C ALA A 331 43.96 -41.40 43.88
N ILE A 332 44.80 -41.72 42.90
CA ILE A 332 44.39 -42.62 41.83
C ILE A 332 43.90 -43.94 42.40
N ALA A 333 44.65 -44.49 43.37
CA ALA A 333 44.17 -45.68 44.06
C ALA A 333 42.74 -45.50 44.54
N THR A 334 42.45 -44.34 45.15
CA THR A 334 41.13 -44.12 45.73
C THR A 334 40.08 -43.90 44.65
N ILE A 335 40.36 -43.04 43.67
CA ILE A 335 39.35 -42.69 42.69
C ILE A 335 38.98 -43.85 41.78
N LYS A 336 39.75 -44.94 41.79
CA LYS A 336 39.38 -46.10 40.99
C LYS A 336 38.19 -46.83 41.60
N THR A 337 38.27 -47.14 42.89
CA THR A 337 37.22 -47.88 43.56
C THR A 337 36.08 -47.00 44.06
N LYS A 338 36.22 -45.68 43.98
CA LYS A 338 35.16 -44.74 44.37
C LYS A 338 34.22 -44.42 43.20
N ARG A 339 34.81 -44.05 42.08
CA ARG A 339 34.03 -43.59 40.92
C ARG A 339 33.83 -44.70 39.89
N SER A 340 33.09 -44.41 38.83
CA SER A 340 32.77 -45.34 37.75
C SER A 340 33.70 -45.05 36.59
N ILE A 341 34.81 -45.79 36.49
CA ILE A 341 35.78 -45.61 35.41
C ILE A 341 35.83 -46.84 34.52
N GLN A 342 34.92 -46.89 33.56
CA GLN A 342 34.90 -47.94 32.53
C GLN A 342 35.94 -47.63 31.48
N PHE A 343 36.83 -48.57 31.23
CA PHE A 343 37.74 -48.49 30.09
C PHE A 343 37.34 -49.48 29.03
N VAL A 344 37.49 -49.08 27.76
CA VAL A 344 37.27 -50.00 26.66
C VAL A 344 38.24 -51.17 26.79
N ASP A 345 37.76 -52.38 26.47
CA ASP A 345 38.49 -53.60 26.81
C ASP A 345 39.78 -53.77 26.04
N TRP A 346 39.95 -53.10 24.89
CA TRP A 346 41.19 -53.17 24.12
C TRP A 346 42.18 -52.08 24.51
N CYS A 347 42.05 -51.52 25.72
CA CYS A 347 42.91 -50.44 26.20
C CYS A 347 43.28 -50.73 27.65
N PRO A 348 44.52 -50.47 28.03
CA PRO A 348 44.90 -50.61 29.45
C PRO A 348 44.15 -49.60 30.30
N THR A 349 43.69 -50.05 31.47
CA THR A 349 43.05 -49.17 32.44
C THR A 349 44.15 -48.51 33.27
N GLY A 350 44.62 -47.35 32.81
CA GLY A 350 45.69 -46.65 33.50
C GLY A 350 45.65 -45.14 33.33
N PHE A 351 46.69 -44.45 33.77
CA PHE A 351 46.76 -43.00 33.70
C PHE A 351 48.19 -42.59 33.41
N LYS A 352 48.40 -41.88 32.31
CA LYS A 352 49.66 -41.18 32.10
C LYS A 352 49.62 -39.90 32.92
N VAL A 353 50.64 -39.70 33.75
CA VAL A 353 50.68 -38.59 34.71
C VAL A 353 51.82 -37.64 34.36
N GLY A 354 51.57 -36.35 34.47
CA GLY A 354 52.61 -35.36 34.33
C GLY A 354 52.56 -34.38 35.50
N ILE A 355 53.74 -33.91 35.90
CA ILE A 355 53.86 -32.92 36.96
C ILE A 355 54.80 -31.82 36.51
N ASN A 356 54.32 -30.58 36.53
CA ASN A 356 55.17 -29.40 36.31
CA ASN A 356 55.16 -29.41 36.30
C ASN A 356 55.20 -28.60 37.59
N TYR A 357 56.40 -28.45 38.17
CA TYR A 357 56.48 -27.88 39.50
C TYR A 357 56.09 -26.41 39.57
N GLN A 358 56.11 -25.69 38.44
CA GLN A 358 55.76 -24.28 38.51
C GLN A 358 54.24 -24.15 38.54
N PRO A 359 53.68 -23.44 39.52
CA PRO A 359 52.22 -23.48 39.73
C PRO A 359 51.51 -22.54 38.77
N PRO A 360 50.19 -22.64 38.68
CA PRO A 360 49.46 -21.80 37.71
C PRO A 360 49.71 -20.32 37.98
N THR A 361 49.92 -19.59 36.89
CA THR A 361 50.05 -18.14 36.96
C THR A 361 48.68 -17.52 36.74
N VAL A 362 48.40 -16.41 37.42
CA VAL A 362 47.12 -15.74 37.28
C VAL A 362 47.36 -14.32 36.76
N VAL A 363 46.61 -13.95 35.73
CA VAL A 363 46.56 -12.58 35.26
C VAL A 363 46.22 -11.69 36.45
N PRO A 364 47.08 -10.74 36.82
CA PRO A 364 46.70 -9.81 37.89
C PRO A 364 45.42 -9.08 37.54
N GLY A 365 44.58 -8.86 38.55
CA GLY A 365 43.26 -8.32 38.32
C GLY A 365 42.30 -9.25 37.63
N GLY A 366 42.69 -10.50 37.38
CA GLY A 366 41.79 -11.48 36.83
C GLY A 366 40.78 -11.95 37.87
N ASP A 367 39.99 -12.93 37.45
CA ASP A 367 38.95 -13.48 38.31
C ASP A 367 39.43 -14.64 39.17
N LEU A 368 40.57 -15.22 38.85
CA LEU A 368 40.99 -16.49 39.42
C LEU A 368 41.93 -16.24 40.58
N ALA A 369 41.66 -16.94 41.69
CA ALA A 369 42.58 -16.93 42.82
C ALA A 369 43.81 -17.78 42.48
N LYS A 370 44.95 -17.38 43.02
CA LYS A 370 46.15 -18.16 42.84
C LYS A 370 46.06 -19.43 43.68
N VAL A 371 46.59 -20.52 43.16
CA VAL A 371 46.47 -21.83 43.80
C VAL A 371 47.84 -22.49 43.86
N GLN A 372 48.09 -23.23 44.94
CA GLN A 372 49.37 -23.91 45.08
CA GLN A 372 49.35 -23.94 45.12
C GLN A 372 49.44 -25.20 44.27
N ARG A 373 48.30 -25.76 43.88
CA ARG A 373 48.32 -26.96 43.05
C ARG A 373 47.03 -27.00 42.25
N ALA A 374 47.15 -27.37 40.98
CA ALA A 374 46.02 -27.51 40.08
C ALA A 374 46.27 -28.72 39.18
N VAL A 375 45.20 -29.28 38.64
CA VAL A 375 45.33 -30.41 37.72
C VAL A 375 44.40 -30.19 36.53
N CYS A 376 44.80 -30.75 35.39
CA CYS A 376 44.00 -30.78 34.17
C CYS A 376 44.01 -32.21 33.66
N MET A 377 42.82 -32.77 33.40
CA MET A 377 42.67 -34.18 32.96
C MET A 377 42.15 -34.25 31.53
N LEU A 378 42.94 -34.80 30.62
CA LEU A 378 42.55 -35.05 29.24
C LEU A 378 42.12 -36.50 29.15
N SER A 379 40.83 -36.74 28.95
CA SER A 379 40.32 -38.09 28.79
C SER A 379 39.62 -38.21 27.44
N ASN A 380 39.78 -39.35 26.78
CA ASN A 380 39.07 -39.64 25.54
C ASN A 380 37.91 -40.56 25.90
N THR A 381 36.70 -40.00 25.95
CA THR A 381 35.50 -40.69 26.39
C THR A 381 34.44 -40.68 25.30
N THR A 382 33.80 -41.82 25.10
CA THR A 382 32.62 -41.84 24.23
C THR A 382 31.52 -40.94 24.75
N ALA A 383 31.60 -40.49 26.01
CA ALA A 383 30.59 -39.60 26.55
C ALA A 383 30.45 -38.34 25.70
N ILE A 384 31.57 -37.83 25.16
CA ILE A 384 31.55 -36.58 24.42
C ILE A 384 30.63 -36.67 23.22
N ALA A 385 30.36 -37.89 22.75
CA ALA A 385 29.42 -38.03 21.65
C ALA A 385 28.11 -37.33 21.94
N GLU A 386 27.79 -37.04 23.22
CA GLU A 386 26.57 -36.30 23.51
C GLU A 386 26.57 -34.95 22.80
N ALA A 387 27.71 -34.26 22.81
CA ALA A 387 27.73 -32.95 22.18
C ALA A 387 27.47 -33.05 20.69
N TRP A 388 27.93 -34.13 20.05
CA TRP A 388 27.60 -34.32 18.64
C TRP A 388 26.11 -34.58 18.46
N ALA A 389 25.51 -35.37 19.35
CA ALA A 389 24.11 -35.70 19.20
C ALA A 389 23.22 -34.47 19.35
N ARG A 390 23.51 -33.61 20.32
CA ARG A 390 22.73 -32.39 20.48
C ARG A 390 22.84 -31.52 19.24
N LEU A 391 24.07 -31.32 18.77
CA LEU A 391 24.31 -30.49 17.60
C LEU A 391 23.60 -31.05 16.37
N ASP A 392 23.78 -32.35 16.11
CA ASP A 392 23.17 -32.97 14.93
C ASP A 392 21.65 -32.85 14.96
N HIS A 393 21.03 -32.90 16.14
CA HIS A 393 19.58 -32.80 16.20
C HIS A 393 19.09 -31.42 15.77
N LYS A 394 19.75 -30.36 16.25
CA LYS A 394 19.41 -29.01 15.81
C LYS A 394 19.59 -28.86 14.32
N PHE A 395 20.68 -29.41 13.79
CA PHE A 395 20.86 -29.46 12.35
C PHE A 395 19.65 -30.10 11.68
N ASP A 396 19.23 -31.26 12.17
CA ASP A 396 18.08 -31.95 11.58
C ASP A 396 16.87 -31.05 11.52
N LEU A 397 16.57 -30.38 12.64
CA LEU A 397 15.33 -29.61 12.73
C LEU A 397 15.24 -28.55 11.63
N MET A 398 16.31 -27.78 11.44
CA MET A 398 16.29 -26.74 10.42
C MET A 398 16.41 -27.31 9.02
N TYR A 399 17.30 -28.28 8.81
CA TYR A 399 17.52 -28.78 7.46
C TYR A 399 16.30 -29.49 6.90
N ALA A 400 15.43 -30.02 7.75
CA ALA A 400 14.24 -30.70 7.25
C ALA A 400 13.34 -29.73 6.50
N LYS A 401 13.32 -28.48 6.91
CA LYS A 401 12.55 -27.44 6.23
C LYS A 401 13.40 -26.65 5.25
N ARG A 402 14.69 -26.95 5.15
CA ARG A 402 15.61 -26.22 4.29
C ARG A 402 15.83 -24.78 4.73
N ALA A 403 15.52 -24.45 5.98
CA ALA A 403 15.63 -23.08 6.44
C ALA A 403 17.07 -22.60 6.37
N PHE A 404 17.26 -21.39 5.85
CA PHE A 404 18.53 -20.67 5.74
C PHE A 404 19.48 -21.26 4.68
N VAL A 405 19.11 -22.37 4.04
CA VAL A 405 20.00 -22.99 3.06
C VAL A 405 20.29 -22.04 1.90
N HIS A 406 19.30 -21.27 1.48
CA HIS A 406 19.50 -20.40 0.34
C HIS A 406 20.69 -19.47 0.53
N TRP A 407 20.98 -19.07 1.77
CA TRP A 407 22.13 -18.18 1.97
C TRP A 407 23.43 -18.90 1.62
N TYR A 408 23.50 -20.19 1.94
CA TYR A 408 24.69 -20.97 1.65
C TYR A 408 24.79 -21.27 0.17
N VAL A 409 23.73 -21.85 -0.40
CA VAL A 409 23.71 -22.10 -1.84
C VAL A 409 24.06 -20.84 -2.63
N GLY A 410 23.70 -19.67 -2.09
CA GLY A 410 23.92 -18.43 -2.81
C GLY A 410 25.37 -18.00 -2.90
N GLU A 411 26.24 -18.51 -2.03
CA GLU A 411 27.66 -18.24 -2.11
C GLU A 411 28.38 -19.23 -3.02
N GLY A 412 27.68 -20.21 -3.56
CA GLY A 412 28.27 -21.15 -4.49
C GLY A 412 28.33 -22.56 -3.97
N MET A 413 27.97 -22.78 -2.72
CA MET A 413 27.95 -24.15 -2.16
C MET A 413 26.83 -24.92 -2.82
N GLU A 414 26.95 -26.24 -2.90
CA GLU A 414 25.87 -27.08 -3.41
C GLU A 414 25.07 -27.61 -2.25
N GLU A 415 23.74 -27.59 -2.38
CA GLU A 415 22.89 -28.06 -1.29
C GLU A 415 23.31 -29.46 -0.84
N GLY A 416 23.92 -30.23 -1.73
CA GLY A 416 24.31 -31.60 -1.39
C GLY A 416 25.44 -31.69 -0.40
N GLU A 417 26.25 -30.65 -0.27
CA GLU A 417 27.29 -30.67 0.75
C GLU A 417 26.70 -30.70 2.17
N PHE A 418 25.52 -30.12 2.36
CA PHE A 418 24.81 -30.30 3.63
C PHE A 418 24.62 -31.78 3.93
N SER A 419 24.05 -32.51 2.98
CA SER A 419 23.71 -33.91 3.21
C SER A 419 24.97 -34.74 3.39
N GLU A 420 26.03 -34.41 2.65
CA GLU A 420 27.30 -35.11 2.82
CA GLU A 420 27.30 -35.12 2.82
C GLU A 420 27.86 -34.92 4.22
N ALA A 421 28.01 -33.66 4.65
CA ALA A 421 28.52 -33.40 5.98
C ALA A 421 27.67 -34.10 7.05
N ARG A 422 26.35 -33.98 6.96
CA ARG A 422 25.48 -34.60 7.94
C ARG A 422 25.65 -36.11 7.95
N GLU A 423 25.74 -36.70 6.77
CA GLU A 423 25.96 -38.15 6.68
C GLU A 423 27.28 -38.56 7.32
N ASP A 424 28.31 -37.70 7.23
CA ASP A 424 29.56 -37.96 7.91
C ASP A 424 29.36 -37.93 9.43
N MET A 425 28.71 -36.88 9.93
CA MET A 425 28.39 -36.80 11.35
C MET A 425 27.59 -38.01 11.81
N ALA A 426 26.59 -38.41 11.02
CA ALA A 426 25.82 -39.61 11.36
C ALA A 426 26.72 -40.83 11.49
N ALA A 427 27.85 -40.84 10.78
CA ALA A 427 28.83 -41.92 10.95
C ALA A 427 29.67 -41.70 12.19
N LEU A 428 30.04 -40.44 12.46
CA LEU A 428 30.85 -40.14 13.64
C LEU A 428 30.17 -40.61 14.90
N GLU A 429 28.86 -40.35 15.04
CA GLU A 429 28.14 -40.83 16.20
C GLU A 429 28.21 -42.35 16.29
N LYS A 430 28.07 -43.03 15.16
CA LYS A 430 28.09 -44.49 15.15
C LYS A 430 29.45 -45.03 15.58
N ASP A 431 30.53 -44.41 15.11
CA ASP A 431 31.87 -44.78 15.58
C ASP A 431 31.94 -44.75 17.09
N TYR A 432 31.23 -43.83 17.74
CA TYR A 432 31.24 -43.79 19.19
C TYR A 432 30.38 -44.90 19.78
N GLU A 433 29.26 -45.24 19.14
CA GLU A 433 28.40 -46.28 19.66
C GLU A 433 29.08 -47.63 19.61
N GLU A 434 29.73 -47.93 18.49
CA GLU A 434 30.38 -49.23 18.36
C GLU A 434 31.58 -49.35 19.30
N VAL A 435 32.32 -48.26 19.49
CA VAL A 435 33.46 -48.30 20.41
C VAL A 435 32.99 -48.52 21.84
N GLY A 436 31.89 -47.86 22.24
CA GLY A 436 31.52 -47.80 23.64
C GLY A 436 30.56 -48.86 24.14
N VAL A 437 29.34 -48.86 23.60
CA VAL A 437 28.24 -49.64 24.16
C VAL A 437 28.49 -51.14 23.98
N ASP A 438 27.66 -51.96 24.65
CA ASP A 438 27.62 -53.39 24.45
C ASP A 438 26.17 -53.86 24.58
N SER A 439 25.92 -55.11 24.21
CA SER A 439 24.55 -55.64 24.20
C SER A 439 23.98 -55.82 25.59
N MET B 1 34.02 0.27 6.42
CA MET B 1 33.56 0.62 7.75
C MET B 1 32.06 0.46 7.95
N ARG B 2 31.40 -0.31 7.09
CA ARG B 2 29.96 -0.58 7.21
C ARG B 2 29.12 0.69 7.01
N GLU B 3 29.46 1.48 5.99
CA GLU B 3 28.68 2.67 5.67
C GLU B 3 27.34 2.30 5.05
N ILE B 4 26.30 3.05 5.40
CA ILE B 4 24.95 2.88 4.85
C ILE B 4 24.55 4.14 4.09
N VAL B 5 24.13 3.98 2.84
CA VAL B 5 23.59 5.09 2.07
C VAL B 5 22.07 5.12 2.22
N HIS B 6 21.55 6.26 2.62
CA HIS B 6 20.13 6.42 2.90
C HIS B 6 19.47 7.16 1.74
N ILE B 7 18.33 6.64 1.29
CA ILE B 7 17.55 7.25 0.21
C ILE B 7 16.12 7.39 0.70
N GLN B 8 15.54 8.59 0.53
CA GLN B 8 14.16 8.83 0.95
C GLN B 8 13.41 9.49 -0.19
N ALA B 9 12.30 8.89 -0.61
CA ALA B 9 11.62 9.23 -1.84
C ALA B 9 10.15 9.49 -1.59
N GLY B 10 9.63 10.57 -2.15
CA GLY B 10 8.22 10.87 -2.04
C GLY B 10 7.92 11.69 -0.81
N GLN B 11 6.63 12.05 -0.67
CA GLN B 11 6.21 12.85 0.46
C GLN B 11 6.43 12.12 1.79
N CYS B 12 5.75 11.00 1.98
CA CYS B 12 5.94 10.20 3.19
C CYS B 12 7.40 9.82 3.38
N GLY B 13 8.05 9.34 2.33
CA GLY B 13 9.45 8.96 2.45
C GLY B 13 10.31 10.07 3.02
N ASN B 14 10.00 11.31 2.66
CA ASN B 14 10.82 12.43 3.13
C ASN B 14 10.41 12.90 4.51
N GLN B 15 9.14 12.79 4.88
CA GLN B 15 8.73 13.27 6.19
C GLN B 15 9.20 12.30 7.27
N ILE B 16 8.99 11.01 7.07
CA ILE B 16 9.56 10.06 8.03
CA ILE B 16 9.56 10.01 7.98
C ILE B 16 11.07 10.04 7.91
N GLY B 17 11.61 10.04 6.69
CA GLY B 17 13.06 10.14 6.55
C GLY B 17 13.62 11.33 7.31
N ALA B 18 12.98 12.49 7.16
CA ALA B 18 13.49 13.70 7.79
C ALA B 18 13.45 13.60 9.31
N LYS B 19 12.35 13.07 9.87
CA LYS B 19 12.30 12.86 11.32
C LYS B 19 13.38 11.89 11.78
N PHE B 20 13.65 10.85 10.99
CA PHE B 20 14.67 9.89 11.37
C PHE B 20 16.00 10.60 11.63
N TRP B 21 16.40 11.48 10.70
CA TRP B 21 17.66 12.19 10.89
C TRP B 21 17.61 13.12 12.09
N GLU B 22 16.47 13.76 12.32
CA GLU B 22 16.33 14.64 13.48
CA GLU B 22 16.34 14.63 13.48
C GLU B 22 16.57 13.86 14.77
N VAL B 23 16.03 12.64 14.86
CA VAL B 23 16.15 11.88 16.10
C VAL B 23 17.56 11.33 16.28
N ILE B 24 18.11 10.69 15.24
CA ILE B 24 19.43 10.09 15.43
C ILE B 24 20.50 11.19 15.50
N SER B 25 20.32 12.29 14.77
CA SER B 25 21.23 13.41 14.95
C SER B 25 21.28 13.82 16.40
N ASP B 26 20.12 13.85 17.06
CA ASP B 26 20.09 14.20 18.48
C ASP B 26 20.84 13.17 19.32
N GLU B 27 20.55 11.88 19.11
CA GLU B 27 21.16 10.84 19.92
C GLU B 27 22.68 10.84 19.79
N HIS B 28 23.19 11.28 18.64
CA HIS B 28 24.62 11.36 18.42
C HIS B 28 25.22 12.73 18.75
N GLY B 29 24.41 13.66 19.24
CA GLY B 29 24.91 14.96 19.62
C GLY B 29 25.24 15.90 18.47
N ILE B 30 24.81 15.59 17.25
CA ILE B 30 25.01 16.48 16.12
C ILE B 30 23.90 17.53 16.14
N ASP B 31 24.28 18.80 16.09
CA ASP B 31 23.29 19.87 16.08
C ASP B 31 22.83 20.14 14.65
N PRO B 32 21.83 21.00 14.47
CA PRO B 32 21.25 21.17 13.13
C PRO B 32 22.27 21.62 12.10
N THR B 33 23.37 22.20 12.53
CA THR B 33 24.41 22.66 11.62
C THR B 33 25.48 21.60 11.36
N GLY B 34 25.36 20.43 11.98
CA GLY B 34 26.29 19.33 11.75
C GLY B 34 27.55 19.33 12.60
N SER B 35 27.59 20.11 13.68
CA SER B 35 28.74 20.16 14.57
C SER B 35 28.48 19.31 15.81
N TYR B 36 29.44 18.45 16.14
CA TYR B 36 29.30 17.58 17.30
C TYR B 36 29.32 18.40 18.58
N HIS B 37 28.34 18.16 19.46
CA HIS B 37 28.18 18.87 20.72
C HIS B 37 27.70 17.93 21.82
N GLY B 38 28.04 16.65 21.72
CA GLY B 38 27.68 15.66 22.71
C GLY B 38 28.71 15.56 23.83
N ASP B 39 28.55 14.53 24.66
CA ASP B 39 29.37 14.36 25.85
C ASP B 39 30.04 13.00 25.98
N SER B 40 29.80 12.07 25.06
CA SER B 40 30.31 10.71 25.16
C SER B 40 30.90 10.28 23.82
N ASP B 41 32.03 9.57 23.90
CA ASP B 41 32.64 9.03 22.69
C ASP B 41 31.80 7.95 22.05
N LEU B 42 30.92 7.29 22.82
CA LEU B 42 30.02 6.30 22.26
C LEU B 42 29.21 6.90 21.11
N GLN B 43 28.91 8.20 21.19
CA GLN B 43 28.11 8.83 20.15
C GLN B 43 28.87 8.98 18.85
N LEU B 44 30.20 8.92 18.88
CA LEU B 44 31.02 9.13 17.70
C LEU B 44 31.70 7.86 17.19
N GLU B 45 31.47 6.71 17.82
CA GLU B 45 32.26 5.54 17.45
C GLU B 45 31.71 4.85 16.21
N ARG B 46 30.39 4.82 16.02
CA ARG B 46 29.81 4.31 14.79
C ARG B 46 29.23 5.44 13.94
N ILE B 47 29.65 6.69 14.19
CA ILE B 47 29.07 7.84 13.52
C ILE B 47 29.27 7.76 12.01
N ASN B 48 30.33 7.08 11.56
CA ASN B 48 30.61 6.98 10.13
CA ASN B 48 30.62 6.95 10.14
C ASN B 48 29.62 6.09 9.40
N VAL B 49 28.71 5.40 10.10
CA VAL B 49 27.74 4.54 9.44
C VAL B 49 26.72 5.37 8.66
N TYR B 50 26.18 6.41 9.30
CA TYR B 50 25.13 7.22 8.70
C TYR B 50 25.54 8.65 8.37
N TYR B 51 26.70 9.09 8.84
CA TYR B 51 27.15 10.46 8.63
C TYR B 51 28.47 10.46 7.90
N ASN B 52 28.59 11.32 6.91
CA ASN B 52 29.84 11.54 6.22
C ASN B 52 30.51 12.75 6.84
N GLU B 53 31.80 12.66 7.09
CA GLU B 53 32.53 13.68 7.84
C GLU B 53 33.09 14.71 6.87
N ALA B 54 32.57 15.94 6.95
CA ALA B 54 33.10 17.05 6.19
C ALA B 54 34.22 17.73 6.97
N THR B 55 35.08 18.43 6.24
CA THR B 55 36.12 19.22 6.90
C THR B 55 35.50 20.21 7.87
N GLY B 56 36.15 20.38 9.02
CA GLY B 56 35.64 21.27 10.05
C GLY B 56 34.79 20.54 11.07
N ASN B 57 35.22 19.34 11.47
CA ASN B 57 34.48 18.48 12.39
C ASN B 57 32.98 18.51 12.09
N LYS B 58 32.63 18.65 10.82
CA LYS B 58 31.24 18.73 10.37
C LYS B 58 30.79 17.35 9.96
N TYR B 59 29.60 16.95 10.38
CA TYR B 59 29.03 15.67 10.01
C TYR B 59 27.80 15.90 9.14
N VAL B 60 27.72 15.18 8.03
CA VAL B 60 26.66 15.37 7.04
C VAL B 60 25.97 14.03 6.85
N PRO B 61 24.65 13.96 6.99
CA PRO B 61 23.96 12.67 6.76
C PRO B 61 24.26 12.14 5.38
N ARG B 62 24.57 10.84 5.30
CA ARG B 62 24.75 10.17 4.02
C ARG B 62 23.35 9.80 3.50
N ALA B 63 22.63 10.84 3.05
CA ALA B 63 21.21 10.72 2.71
C ALA B 63 20.93 11.42 1.38
N ILE B 64 20.06 10.82 0.59
CA ILE B 64 19.67 11.34 -0.72
C ILE B 64 18.17 11.59 -0.71
N LEU B 65 17.77 12.77 -1.15
CA LEU B 65 16.38 13.18 -1.10
C LEU B 65 15.80 13.20 -2.51
N VAL B 66 14.69 12.49 -2.72
CA VAL B 66 14.12 12.30 -4.05
C VAL B 66 12.62 12.55 -3.99
N ASP B 67 12.11 13.28 -4.98
CA ASP B 67 10.68 13.52 -5.12
C ASP B 67 10.44 14.07 -6.52
N LEU B 68 9.24 13.85 -7.04
CA LEU B 68 8.87 14.35 -8.37
C LEU B 68 8.20 15.71 -8.31
N GLU B 69 7.93 16.18 -7.09
CA GLU B 69 7.29 17.51 -6.88
C GLU B 69 8.20 18.29 -5.93
N PRO B 70 8.32 19.62 -6.08
CA PRO B 70 9.26 20.40 -5.27
C PRO B 70 8.77 20.79 -3.88
N GLY B 71 7.51 20.52 -3.56
CA GLY B 71 6.93 20.95 -2.28
C GLY B 71 7.67 20.40 -1.08
N THR B 72 7.40 19.15 -0.71
CA THR B 72 8.01 18.55 0.51
C THR B 72 9.52 18.82 0.51
N MET B 73 10.15 18.78 -0.67
CA MET B 73 11.57 19.13 -0.68
C MET B 73 11.80 20.45 0.05
N ASP B 74 11.17 21.53 -0.43
CA ASP B 74 11.26 22.81 0.25
C ASP B 74 10.83 22.71 1.71
N SER B 75 9.84 21.88 2.01
CA SER B 75 9.38 21.76 3.38
C SER B 75 10.49 21.27 4.32
N VAL B 76 11.25 20.27 3.89
CA VAL B 76 12.35 19.75 4.71
C VAL B 76 13.49 20.77 4.80
N ARG B 77 13.85 21.37 3.66
CA ARG B 77 14.99 22.28 3.60
C ARG B 77 14.81 23.46 4.55
N SER B 78 13.59 23.75 4.98
CA SER B 78 13.31 24.81 5.94
C SER B 78 12.85 24.28 7.28
N GLY B 79 12.75 22.95 7.43
CA GLY B 79 12.42 22.36 8.70
C GLY B 79 13.57 22.47 9.67
N PRO B 80 13.45 21.80 10.82
CA PRO B 80 14.46 21.97 11.88
C PRO B 80 15.88 21.73 11.39
N PHE B 81 16.15 20.49 10.97
CA PHE B 81 17.49 20.09 10.56
C PHE B 81 17.68 20.13 9.05
N GLY B 82 16.96 21.02 8.36
CA GLY B 82 17.05 21.06 6.91
C GLY B 82 18.44 21.45 6.42
N GLN B 83 19.11 22.35 7.15
CA GLN B 83 20.44 22.78 6.76
C GLN B 83 21.47 21.64 6.84
N ILE B 84 21.20 20.60 7.62
CA ILE B 84 22.22 19.58 7.83
C ILE B 84 22.39 18.70 6.61
N PHE B 85 21.43 18.72 5.69
CA PHE B 85 21.52 17.87 4.50
C PHE B 85 22.38 18.53 3.43
N ARG B 86 23.14 17.71 2.72
CA ARG B 86 24.02 18.21 1.67
C ARG B 86 23.21 18.76 0.50
N PRO B 87 23.37 20.02 0.12
CA PRO B 87 22.50 20.58 -0.94
C PRO B 87 22.53 19.79 -2.23
N ASP B 88 23.69 19.23 -2.59
CA ASP B 88 23.82 18.49 -3.85
C ASP B 88 22.90 17.30 -3.93
N ASN B 89 22.38 16.82 -2.78
CA ASN B 89 21.66 15.56 -2.71
C ASN B 89 20.15 15.74 -2.70
N PHE B 90 19.67 16.93 -3.06
CA PHE B 90 18.24 17.17 -3.23
C PHE B 90 17.97 17.01 -4.72
N VAL B 91 17.45 15.85 -5.13
CA VAL B 91 17.06 15.60 -6.52
C VAL B 91 15.54 15.61 -6.60
N PHE B 92 14.99 16.57 -7.34
CA PHE B 92 13.55 16.65 -7.44
C PHE B 92 13.12 17.18 -8.80
N GLY B 93 11.98 16.68 -9.27
CA GLY B 93 11.38 17.15 -10.50
C GLY B 93 10.31 18.18 -10.25
N GLN B 94 9.55 18.47 -11.30
CA GLN B 94 8.53 19.49 -11.24
C GLN B 94 7.13 18.99 -11.50
N SER B 95 6.97 17.84 -12.15
CA SER B 95 5.67 17.45 -12.65
C SER B 95 4.81 16.83 -11.56
N GLY B 96 5.41 16.05 -10.66
CA GLY B 96 4.62 15.32 -9.69
C GLY B 96 4.03 14.05 -10.27
N ALA B 97 3.85 13.02 -9.43
CA ALA B 97 3.41 11.70 -9.86
C ALA B 97 1.91 11.45 -9.67
N GLY B 98 1.15 12.45 -9.19
CA GLY B 98 -0.28 12.32 -8.98
C GLY B 98 -0.73 11.02 -8.36
N ASN B 99 -0.14 10.60 -7.24
CA ASN B 99 -0.51 9.34 -6.59
C ASN B 99 -0.70 8.22 -7.61
N ASN B 100 0.13 8.20 -8.65
CA ASN B 100 -0.01 7.25 -9.73
C ASN B 100 1.27 6.43 -9.82
N TRP B 101 1.20 5.17 -9.39
CA TRP B 101 2.37 4.30 -9.47
C TRP B 101 2.97 4.29 -10.87
N ALA B 102 2.14 4.26 -11.92
CA ALA B 102 2.69 4.22 -13.27
C ALA B 102 3.52 5.47 -13.56
N LYS B 103 3.06 6.64 -13.10
CA LYS B 103 3.82 7.87 -13.35
CA LYS B 103 3.81 7.86 -13.36
C LYS B 103 5.17 7.83 -12.68
N GLY B 104 5.24 7.31 -11.46
CA GLY B 104 6.50 7.25 -10.76
C GLY B 104 7.44 6.16 -11.25
N HIS B 105 6.88 5.06 -11.77
CA HIS B 105 7.71 3.94 -12.19
C HIS B 105 8.07 3.99 -13.66
N TYR B 106 7.26 4.57 -14.51
CA TYR B 106 7.51 4.44 -15.94
C TYR B 106 7.70 5.75 -16.65
N THR B 107 6.77 6.68 -16.54
CA THR B 107 6.78 7.88 -17.39
C THR B 107 7.52 9.04 -16.72
N GLU B 108 6.93 9.66 -15.69
CA GLU B 108 7.58 10.83 -15.12
C GLU B 108 8.84 10.45 -14.34
N GLY B 109 8.81 9.33 -13.61
CA GLY B 109 9.96 8.97 -12.82
C GLY B 109 11.18 8.67 -13.67
N ALA B 110 10.96 8.11 -14.87
CA ALA B 110 12.07 7.67 -15.68
C ALA B 110 12.96 8.83 -16.08
N GLU B 111 12.38 10.02 -16.21
CA GLU B 111 13.14 11.17 -16.66
C GLU B 111 14.13 11.66 -15.59
N LEU B 112 13.92 11.28 -14.35
CA LEU B 112 14.69 11.79 -13.22
C LEU B 112 15.58 10.73 -12.58
N VAL B 113 15.36 9.45 -12.90
CA VAL B 113 16.06 8.38 -12.19
C VAL B 113 17.57 8.53 -12.34
N ASP B 114 18.04 8.72 -13.58
CA ASP B 114 19.48 8.81 -13.80
C ASP B 114 20.09 9.91 -12.95
N SER B 115 19.37 11.01 -12.75
CA SER B 115 19.88 12.07 -11.90
C SER B 115 20.12 11.56 -10.47
N VAL B 116 19.21 10.75 -9.96
CA VAL B 116 19.35 10.22 -8.61
C VAL B 116 20.52 9.23 -8.53
N LEU B 117 20.65 8.38 -9.55
CA LEU B 117 21.70 7.37 -9.54
C LEU B 117 23.08 8.02 -9.52
N ASP B 118 23.23 9.19 -10.13
CA ASP B 118 24.52 9.88 -10.10
C ASP B 118 24.88 10.34 -8.70
N VAL B 119 23.89 10.72 -7.89
CA VAL B 119 24.17 11.05 -6.50
C VAL B 119 24.43 9.78 -5.68
N VAL B 120 23.59 8.76 -5.87
CA VAL B 120 23.83 7.46 -5.23
C VAL B 120 25.26 7.01 -5.51
N ARG B 121 25.62 6.96 -6.79
CA ARG B 121 26.96 6.52 -7.18
C ARG B 121 28.02 7.40 -6.57
N LYS B 122 27.70 8.68 -6.33
CA LYS B 122 28.68 9.60 -5.74
C LYS B 122 28.90 9.29 -4.27
N GLU B 123 27.81 9.10 -3.52
CA GLU B 123 27.92 8.81 -2.11
C GLU B 123 28.57 7.45 -1.86
N SER B 124 28.40 6.49 -2.79
CA SER B 124 28.99 5.16 -2.63
C SER B 124 30.50 5.18 -2.86
N GLU B 125 30.96 5.89 -3.89
CA GLU B 125 32.40 6.02 -4.08
C GLU B 125 33.09 6.53 -2.82
N SER B 126 32.38 7.29 -2.02
CA SER B 126 32.92 7.89 -0.81
C SER B 126 32.89 6.94 0.40
N CYS B 127 32.81 5.63 0.19
CA CYS B 127 32.63 4.67 1.28
C CYS B 127 33.80 3.69 1.30
N ASP B 128 34.52 3.66 2.43
CA ASP B 128 35.60 2.67 2.60
C ASP B 128 35.10 1.27 2.36
N CYS B 129 33.88 0.98 2.80
CA CYS B 129 33.39 -0.38 2.74
C CYS B 129 31.86 -0.36 2.78
N LEU B 130 31.24 -0.05 1.65
CA LEU B 130 29.79 0.09 1.60
C LEU B 130 29.11 -1.16 2.11
N GLN B 131 28.18 -0.98 3.04
CA GLN B 131 27.41 -2.09 3.60
C GLN B 131 26.12 -2.33 2.83
N GLY B 132 25.34 -1.29 2.57
CA GLY B 132 24.10 -1.44 1.86
C GLY B 132 23.35 -0.12 1.79
N PHE B 133 22.13 -0.21 1.29
CA PHE B 133 21.26 0.94 1.12
C PHE B 133 20.01 0.76 1.97
N GLN B 134 19.45 1.87 2.43
CA GLN B 134 18.17 1.84 3.12
C GLN B 134 17.30 2.94 2.54
N LEU B 135 16.02 2.61 2.35
CA LEU B 135 15.08 3.48 1.66
C LEU B 135 13.81 3.64 2.48
N THR B 136 13.38 4.87 2.67
CA THR B 136 12.09 5.17 3.29
CA THR B 136 12.10 5.18 3.29
C THR B 136 11.11 5.61 2.21
N HIS B 137 9.90 5.09 2.27
CA HIS B 137 8.90 5.40 1.25
C HIS B 137 7.56 4.81 1.62
N SER B 138 6.48 5.41 1.13
CA SER B 138 5.16 4.83 1.23
C SER B 138 4.91 3.98 0.00
N LEU B 139 4.02 3.01 0.16
CA LEU B 139 3.65 2.10 -0.92
C LEU B 139 2.39 2.50 -1.67
N GLY B 140 1.60 3.42 -1.13
CA GLY B 140 0.29 3.74 -1.74
C GLY B 140 0.23 5.02 -2.55
N GLY B 141 1.35 5.69 -2.76
CA GLY B 141 1.37 6.88 -3.63
C GLY B 141 2.02 6.59 -4.96
N GLY B 142 2.77 7.54 -5.51
CA GLY B 142 3.41 7.36 -6.82
C GLY B 142 4.91 7.45 -6.76
N THR B 143 5.43 8.58 -6.32
CA THR B 143 6.90 8.75 -6.24
C THR B 143 7.47 7.70 -5.28
N GLY B 144 7.00 7.60 -4.05
CA GLY B 144 7.63 6.62 -3.16
C GLY B 144 7.43 5.22 -3.67
N SER B 145 6.17 4.85 -3.89
CA SER B 145 5.73 3.55 -4.39
C SER B 145 6.43 3.14 -5.68
N GLY B 146 6.23 3.89 -6.76
CA GLY B 146 6.76 3.56 -8.10
C GLY B 146 8.19 4.02 -8.32
N MET B 147 8.48 5.30 -8.12
CA MET B 147 9.88 5.62 -8.33
C MET B 147 10.78 4.89 -7.33
N GLY B 148 10.38 4.83 -6.07
CA GLY B 148 11.09 4.05 -5.07
C GLY B 148 11.45 2.68 -5.58
N THR B 149 10.44 1.86 -5.92
CA THR B 149 10.73 0.52 -6.44
C THR B 149 11.59 0.58 -7.70
N LEU B 150 11.43 1.62 -8.52
CA LEU B 150 12.29 1.76 -9.69
C LEU B 150 13.75 1.98 -9.29
N LEU B 151 14.00 2.87 -8.32
CA LEU B 151 15.35 3.05 -7.81
C LEU B 151 15.91 1.75 -7.23
N ILE B 152 15.11 1.02 -6.47
CA ILE B 152 15.57 -0.22 -5.79
C ILE B 152 16.07 -1.20 -6.85
N SER B 153 15.47 -1.21 -8.04
CA SER B 153 15.84 -2.15 -9.14
C SER B 153 17.08 -1.65 -9.85
N LYS B 154 17.19 -0.36 -10.07
CA LYS B 154 18.35 0.26 -10.74
C LYS B 154 19.55 0.12 -9.82
N ILE B 155 19.36 0.28 -8.52
CA ILE B 155 20.48 0.13 -7.54
C ILE B 155 20.86 -1.35 -7.45
N ARG B 156 19.90 -2.27 -7.47
CA ARG B 156 20.33 -3.66 -7.40
C ARG B 156 21.08 -4.05 -8.67
N GLU B 157 20.88 -3.32 -9.78
CA GLU B 157 21.57 -3.65 -11.03
C GLU B 157 23.03 -3.24 -10.96
N GLU B 158 23.32 -2.11 -10.34
CA GLU B 158 24.71 -1.67 -10.23
C GLU B 158 25.41 -2.19 -8.99
N TYR B 159 24.67 -2.47 -7.92
CA TYR B 159 25.24 -2.97 -6.67
C TYR B 159 24.61 -4.33 -6.33
N PRO B 160 24.84 -5.33 -7.18
CA PRO B 160 24.09 -6.58 -7.04
C PRO B 160 24.32 -7.31 -5.74
N ASP B 161 25.38 -6.99 -4.98
CA ASP B 161 25.71 -7.72 -3.76
C ASP B 161 25.58 -6.91 -2.47
N ARG B 162 25.27 -5.63 -2.54
CA ARG B 162 24.99 -4.89 -1.33
C ARG B 162 23.61 -5.25 -0.79
N ILE B 163 23.34 -4.83 0.42
CA ILE B 163 22.08 -5.17 1.08
C ILE B 163 21.05 -4.08 0.77
N MET B 164 19.82 -4.49 0.50
CA MET B 164 18.75 -3.55 0.22
C MET B 164 17.73 -3.62 1.35
N ASN B 165 17.56 -2.49 2.04
CA ASN B 165 16.77 -2.42 3.26
C ASN B 165 15.81 -1.25 3.14
N THR B 166 14.51 -1.51 3.28
CA THR B 166 13.51 -0.45 3.15
C THR B 166 12.61 -0.40 4.37
N PHE B 167 12.22 0.82 4.74
CA PHE B 167 11.13 1.05 5.67
C PHE B 167 9.92 1.42 4.82
N SER B 168 8.94 0.53 4.73
CA SER B 168 7.86 0.67 3.77
C SER B 168 6.53 0.85 4.51
N VAL B 169 5.87 1.97 4.28
CA VAL B 169 4.63 2.33 4.96
C VAL B 169 3.46 1.76 4.15
N MET B 170 2.67 0.90 4.77
CA MET B 170 1.53 0.25 4.08
C MET B 170 0.32 1.17 4.21
N PRO B 171 -0.54 1.28 3.17
CA PRO B 171 -1.70 2.16 3.18
C PRO B 171 -2.89 1.55 3.91
N SER B 172 -3.75 2.43 4.41
CA SER B 172 -4.94 2.02 5.16
C SER B 172 -6.09 2.98 4.88
N PRO B 173 -7.31 2.45 4.75
CA PRO B 173 -8.46 3.33 4.58
C PRO B 173 -8.66 4.30 5.72
N LYS B 174 -8.04 4.05 6.87
CA LYS B 174 -8.27 4.94 8.04
C LYS B 174 -7.49 6.23 7.83
N VAL B 175 -6.33 6.14 7.18
CA VAL B 175 -5.50 7.34 6.85
C VAL B 175 -5.29 7.29 5.35
N SER B 176 -6.27 7.73 4.57
CA SER B 176 -6.18 7.56 3.10
C SER B 176 -6.10 8.87 2.34
N ASP B 177 -5.35 8.89 1.26
CA ASP B 177 -5.31 10.04 0.37
C ASP B 177 -6.20 9.87 -0.85
N THR B 178 -6.11 8.73 -1.51
CA THR B 178 -6.89 8.43 -2.72
C THR B 178 -7.34 6.98 -2.67
N VAL B 179 -8.28 6.62 -3.54
CA VAL B 179 -8.78 5.25 -3.56
C VAL B 179 -7.86 4.26 -4.27
N VAL B 180 -6.86 4.72 -5.01
CA VAL B 180 -6.04 3.81 -5.81
C VAL B 180 -4.86 3.27 -5.02
N GLU B 181 -4.85 3.47 -3.71
CA GLU B 181 -3.70 3.01 -2.93
C GLU B 181 -3.52 1.50 -2.96
N PRO B 182 -4.56 0.68 -2.93
CA PRO B 182 -4.33 -0.76 -3.10
C PRO B 182 -3.65 -1.11 -4.41
N TYR B 183 -4.01 -0.41 -5.50
CA TYR B 183 -3.32 -0.59 -6.77
C TYR B 183 -1.84 -0.26 -6.63
N ASN B 184 -1.53 0.94 -6.14
CA ASN B 184 -0.13 1.35 -6.02
C ASN B 184 0.65 0.40 -5.11
N ALA B 185 0.01 -0.08 -4.05
CA ALA B 185 0.71 -0.91 -3.07
C ALA B 185 0.90 -2.33 -3.59
N THR B 186 -0.08 -2.88 -4.30
CA THR B 186 0.09 -4.24 -4.79
C THR B 186 1.16 -4.33 -5.86
N LEU B 187 1.20 -3.36 -6.78
CA LEU B 187 2.30 -3.29 -7.73
C LEU B 187 3.65 -3.21 -7.04
N SER B 188 3.74 -2.53 -5.88
CA SER B 188 5.03 -2.34 -5.22
C SER B 188 5.44 -3.56 -4.39
N VAL B 189 4.50 -4.15 -3.65
CA VAL B 189 4.82 -5.35 -2.91
C VAL B 189 5.47 -6.36 -3.84
N HIS B 190 4.98 -6.45 -5.07
CA HIS B 190 5.54 -7.38 -6.05
C HIS B 190 7.03 -7.10 -6.20
N GLN B 191 7.41 -5.84 -6.46
CA GLN B 191 8.81 -5.49 -6.62
C GLN B 191 9.60 -5.80 -5.35
N LEU B 192 9.07 -5.42 -4.19
CA LEU B 192 9.78 -5.64 -2.93
C LEU B 192 10.06 -7.12 -2.69
N VAL B 193 9.14 -8.01 -3.06
CA VAL B 193 9.32 -9.46 -2.76
C VAL B 193 10.50 -10.02 -3.58
N GLU B 194 11.03 -9.22 -4.50
CA GLU B 194 12.06 -9.75 -5.41
C GLU B 194 13.39 -9.01 -5.27
N ASN B 195 13.35 -7.72 -4.96
CA ASN B 195 14.61 -6.93 -4.98
C ASN B 195 15.00 -6.34 -3.63
N THR B 196 14.37 -6.71 -2.52
CA THR B 196 14.87 -6.24 -1.23
C THR B 196 15.23 -7.43 -0.34
N ASP B 197 16.24 -7.22 0.50
CA ASP B 197 16.72 -8.25 1.42
C ASP B 197 16.02 -8.16 2.77
N GLU B 198 15.61 -6.97 3.19
CA GLU B 198 14.90 -6.73 4.44
C GLU B 198 13.91 -5.60 4.23
N THR B 199 12.67 -5.80 4.65
CA THR B 199 11.64 -4.77 4.59
C THR B 199 10.90 -4.73 5.91
N TYR B 200 10.91 -3.56 6.55
CA TYR B 200 10.09 -3.29 7.72
C TYR B 200 8.72 -2.79 7.25
N CYS B 201 7.68 -3.59 7.52
CA CYS B 201 6.31 -3.18 7.24
C CYS B 201 5.83 -2.24 8.33
N ILE B 202 5.63 -0.99 7.98
CA ILE B 202 5.11 0.01 8.90
C ILE B 202 3.70 0.34 8.44
N ASP B 203 2.70 -0.23 9.10
CA ASP B 203 1.31 -0.20 8.66
C ASP B 203 0.60 1.03 9.21
N ASN B 204 0.07 1.88 8.31
CA ASN B 204 -0.58 3.10 8.75
C ASN B 204 -1.82 2.80 9.54
N GLU B 205 -2.50 1.70 9.23
CA GLU B 205 -3.67 1.32 10.02
C GLU B 205 -3.28 1.09 11.47
N ALA B 206 -2.26 0.27 11.70
CA ALA B 206 -1.74 0.05 13.04
C ALA B 206 -1.35 1.36 13.71
N LEU B 207 -0.57 2.19 13.02
CA LEU B 207 -0.22 3.50 13.56
C LEU B 207 -1.47 4.25 13.99
N TYR B 208 -2.47 4.34 13.09
CA TYR B 208 -3.71 5.00 13.45
C TYR B 208 -4.26 4.44 14.74
N ASP B 209 -4.36 3.12 14.85
CA ASP B 209 -4.98 2.51 16.03
C ASP B 209 -4.18 2.84 17.29
N ILE B 210 -2.87 2.71 17.22
CA ILE B 210 -2.05 3.01 18.40
C ILE B 210 -2.34 4.42 18.89
N CYS B 211 -2.38 5.38 17.97
CA CYS B 211 -2.70 6.75 18.36
C CYS B 211 -4.11 6.84 18.93
N PHE B 212 -5.09 6.33 18.18
CA PHE B 212 -6.48 6.52 18.56
C PHE B 212 -6.83 5.73 19.81
N ARG B 213 -6.54 4.43 19.81
CA ARG B 213 -7.07 3.54 20.82
C ARG B 213 -6.21 3.54 22.09
N THR B 214 -4.89 3.66 21.94
CA THR B 214 -3.97 3.59 23.08
C THR B 214 -3.60 4.97 23.60
N LEU B 215 -3.08 5.84 22.73
CA LEU B 215 -2.65 7.17 23.15
C LEU B 215 -3.82 8.12 23.39
N LYS B 216 -5.05 7.75 23.01
CA LYS B 216 -6.23 8.56 23.32
C LYS B 216 -6.21 9.89 22.55
N LEU B 217 -6.02 9.80 21.24
CA LEU B 217 -5.93 10.98 20.38
C LEU B 217 -7.08 10.90 19.36
N THR B 218 -8.17 11.63 19.61
CA THR B 218 -9.31 11.54 18.72
C THR B 218 -8.93 11.82 17.27
N THR B 219 -8.09 12.83 17.04
CA THR B 219 -7.81 13.36 15.71
C THR B 219 -6.31 13.26 15.41
N PRO B 220 -5.84 12.10 14.95
CA PRO B 220 -4.40 11.92 14.71
C PRO B 220 -3.95 12.54 13.41
N THR B 221 -2.78 13.15 13.44
CA THR B 221 -2.15 13.75 12.27
C THR B 221 -1.00 12.89 11.78
N TYR B 222 -0.50 13.20 10.59
CA TYR B 222 0.70 12.51 10.12
C TYR B 222 1.85 12.74 11.07
N GLY B 223 1.83 13.86 11.81
CA GLY B 223 2.90 14.13 12.75
C GLY B 223 2.89 13.17 13.93
N ASP B 224 1.71 12.74 14.35
CA ASP B 224 1.63 11.77 15.44
C ASP B 224 2.07 10.40 14.98
N LEU B 225 1.60 9.97 13.81
CA LEU B 225 2.04 8.70 13.24
C LEU B 225 3.56 8.66 13.08
N ASN B 226 4.15 9.75 12.60
CA ASN B 226 5.58 9.74 12.35
C ASN B 226 6.39 9.70 13.64
N HIS B 227 5.86 10.26 14.72
CA HIS B 227 6.53 10.12 16.02
C HIS B 227 6.80 8.66 16.33
N LEU B 228 5.80 7.80 16.12
CA LEU B 228 5.98 6.37 16.32
C LEU B 228 6.99 5.78 15.34
N VAL B 229 6.96 6.23 14.08
CA VAL B 229 7.86 5.66 13.08
C VAL B 229 9.30 5.97 13.43
N SER B 230 9.58 7.19 13.90
CA SER B 230 10.97 7.53 14.18
C SER B 230 11.46 6.79 15.43
N ALA B 231 10.64 6.74 16.48
CA ALA B 231 10.97 5.89 17.61
C ALA B 231 11.39 4.50 17.15
N THR B 232 10.54 3.84 16.36
CA THR B 232 10.85 2.50 15.88
C THR B 232 12.14 2.51 15.06
N MET B 233 12.26 3.44 14.09
CA MET B 233 13.46 3.46 13.26
C MET B 233 14.72 3.64 14.09
N SER B 234 14.68 4.51 15.10
CA SER B 234 15.83 4.67 15.97
C SER B 234 16.17 3.35 16.65
N GLY B 235 15.16 2.64 17.15
CA GLY B 235 15.43 1.43 17.90
C GLY B 235 15.97 0.32 17.03
N VAL B 236 15.47 0.20 15.81
CA VAL B 236 15.89 -0.87 14.93
C VAL B 236 17.35 -0.69 14.50
N THR B 237 17.83 0.55 14.45
CA THR B 237 19.20 0.82 14.01
C THR B 237 20.16 0.99 15.17
N THR B 238 19.71 0.76 16.41
CA THR B 238 20.58 0.96 17.57
C THR B 238 21.91 0.24 17.40
N CYS B 239 21.87 -1.07 17.16
CA CYS B 239 23.10 -1.84 17.00
C CYS B 239 23.96 -1.36 15.86
N LEU B 240 23.39 -0.61 14.92
CA LEU B 240 24.21 -0.06 13.85
C LEU B 240 24.91 1.22 14.30
N ARG B 241 24.29 1.98 15.20
CA ARG B 241 24.77 3.31 15.53
C ARG B 241 25.56 3.36 16.84
N PHE B 242 25.43 2.36 17.69
CA PHE B 242 26.08 2.43 18.99
C PHE B 242 26.90 1.17 19.25
N PRO B 243 27.97 1.30 20.03
CA PRO B 243 28.78 0.14 20.36
C PRO B 243 28.09 -0.79 21.33
N GLY B 244 28.44 -2.07 21.24
CA GLY B 244 27.90 -3.07 22.14
C GLY B 244 28.57 -4.40 21.87
N GLN B 245 28.22 -5.40 22.68
CA GLN B 245 28.74 -6.74 22.47
C GLN B 245 28.49 -7.21 21.04
N LEU B 246 27.59 -6.57 20.32
CA LEU B 246 27.06 -7.09 19.06
C LEU B 246 27.83 -6.48 17.90
N ASN B 247 28.73 -7.27 17.32
CA ASN B 247 29.55 -6.89 16.17
C ASN B 247 28.87 -7.37 14.89
N ALA B 248 27.79 -6.66 14.54
CA ALA B 248 26.92 -7.11 13.46
C ALA B 248 26.56 -5.96 12.53
N ASP B 249 26.25 -6.35 11.29
CA ASP B 249 25.83 -5.43 10.24
C ASP B 249 24.53 -5.92 9.61
N LEU B 250 24.13 -5.34 8.48
CA LEU B 250 22.83 -5.67 7.90
C LEU B 250 22.83 -7.06 7.28
N ARG B 251 23.97 -7.51 6.74
CA ARG B 251 24.02 -8.83 6.15
C ARG B 251 23.85 -9.91 7.21
N LYS B 252 24.65 -9.86 8.28
CA LYS B 252 24.45 -10.79 9.39
C LYS B 252 23.01 -10.76 9.87
N LEU B 253 22.39 -9.57 9.86
CA LEU B 253 21.00 -9.49 10.28
C LEU B 253 20.10 -10.29 9.34
N ALA B 254 20.34 -10.18 8.02
CA ALA B 254 19.47 -10.85 7.08
C ALA B 254 19.69 -12.36 7.11
N VAL B 255 20.93 -12.81 7.31
CA VAL B 255 21.21 -14.24 7.31
C VAL B 255 20.45 -14.94 8.42
N ASN B 256 20.29 -14.28 9.56
CA ASN B 256 19.67 -14.94 10.69
C ASN B 256 18.17 -14.66 10.78
N MET B 257 17.69 -13.58 10.17
CA MET B 257 16.29 -13.20 10.30
C MET B 257 15.44 -13.71 9.15
N VAL B 258 16.05 -14.08 8.03
CA VAL B 258 15.31 -14.49 6.83
C VAL B 258 15.56 -15.97 6.53
N PRO B 259 14.71 -16.89 7.00
CA PRO B 259 14.95 -18.32 6.71
C PRO B 259 14.70 -18.72 5.26
N PHE B 260 13.76 -18.08 4.57
CA PHE B 260 13.47 -18.35 3.17
C PHE B 260 13.44 -17.03 2.42
N PRO B 261 13.96 -16.99 1.20
CA PRO B 261 14.25 -15.68 0.57
C PRO B 261 13.05 -14.77 0.43
N ARG B 262 11.89 -15.26 0.05
CA ARG B 262 10.76 -14.32 -0.21
C ARG B 262 10.14 -13.82 1.10
N LEU B 263 10.44 -14.46 2.23
CA LEU B 263 9.81 -14.09 3.50
C LEU B 263 10.71 -13.17 4.32
N HIS B 264 10.86 -11.94 3.82
CA HIS B 264 11.75 -10.97 4.44
C HIS B 264 11.00 -9.69 4.82
N PHE B 265 9.73 -9.83 5.18
CA PHE B 265 8.90 -8.71 5.64
C PHE B 265 8.75 -8.78 7.16
N PHE B 266 9.25 -7.78 7.87
CA PHE B 266 9.37 -7.79 9.32
C PHE B 266 8.25 -7.00 9.98
N MET B 267 7.75 -7.52 11.11
CA MET B 267 6.80 -6.82 11.96
C MET B 267 7.54 -6.01 13.01
N PRO B 268 7.45 -4.68 13.02
CA PRO B 268 8.15 -3.90 14.03
C PRO B 268 7.26 -3.64 15.25
N GLY B 269 7.92 -3.45 16.38
CA GLY B 269 7.19 -3.13 17.61
C GLY B 269 8.02 -2.23 18.51
N PHE B 270 7.33 -1.47 19.36
CA PHE B 270 8.02 -0.53 20.22
C PHE B 270 7.32 -0.45 21.57
N ALA B 271 8.12 -0.25 22.63
CA ALA B 271 7.64 -0.04 23.99
C ALA B 271 8.60 0.86 24.75
N PRO B 272 8.09 1.77 25.60
CA PRO B 272 6.68 2.05 25.91
C PRO B 272 6.06 2.97 24.88
N LEU B 273 4.75 2.92 24.63
CA LEU B 273 4.18 3.76 23.58
C LEU B 273 4.04 5.19 24.11
N THR B 274 4.69 6.13 23.42
CA THR B 274 4.73 7.53 23.80
C THR B 274 3.44 8.24 23.36
N GLN B 280 7.72 9.95 30.39
CA GLN B 280 6.68 9.63 31.37
C GLN B 280 7.32 9.53 32.76
N TYR B 281 6.64 10.10 33.76
CA TYR B 281 7.19 10.16 35.12
C TYR B 281 7.43 8.76 35.69
N ARG B 282 6.37 7.96 35.78
CA ARG B 282 6.53 6.58 36.22
C ARG B 282 7.48 5.85 35.28
N ALA B 283 8.49 5.21 35.85
CA ALA B 283 9.40 4.42 35.03
C ALA B 283 8.79 3.06 34.74
N LEU B 284 9.12 2.51 33.58
CA LEU B 284 8.64 1.18 33.28
C LEU B 284 9.52 0.13 33.95
N THR B 285 8.96 -1.05 34.16
CA THR B 285 9.71 -2.18 34.70
C THR B 285 10.05 -3.13 33.57
N VAL B 286 11.22 -3.77 33.67
CA VAL B 286 11.65 -4.68 32.60
C VAL B 286 10.62 -5.76 32.33
N PRO B 287 10.00 -6.38 33.33
CA PRO B 287 8.83 -7.22 33.05
C PRO B 287 7.78 -6.50 32.21
N GLU B 288 7.51 -5.23 32.48
CA GLU B 288 6.51 -4.49 31.70
C GLU B 288 6.96 -4.26 30.27
N LEU B 289 8.23 -3.87 30.05
CA LEU B 289 8.72 -3.64 28.70
C LEU B 289 8.60 -4.90 27.84
N THR B 290 9.06 -6.05 28.34
CA THR B 290 8.92 -7.28 27.57
C THR B 290 7.46 -7.68 27.42
N GLN B 291 6.64 -7.47 28.45
CA GLN B 291 5.22 -7.80 28.35
C GLN B 291 4.58 -7.07 27.18
N GLN B 292 4.79 -5.75 27.10
CA GLN B 292 4.17 -4.97 26.04
C GLN B 292 4.77 -5.29 24.67
N MET B 293 6.09 -5.45 24.61
CA MET B 293 6.77 -5.66 23.34
C MET B 293 6.13 -6.78 22.54
N PHE B 294 5.75 -7.87 23.20
CA PHE B 294 5.08 -8.98 22.54
C PHE B 294 3.58 -8.81 22.42
N ASP B 295 2.98 -7.86 23.13
CA ASP B 295 1.54 -7.63 23.02
C ASP B 295 1.17 -7.20 21.62
N SER B 296 0.01 -7.67 21.16
CA SER B 296 -0.46 -7.30 19.84
C SER B 296 -0.63 -5.79 19.68
N LYS B 297 -0.99 -5.08 20.75
CA LYS B 297 -1.30 -3.65 20.68
C LYS B 297 -0.07 -2.78 20.45
N ASN B 298 1.14 -3.32 20.50
CA ASN B 298 2.36 -2.56 20.27
C ASN B 298 2.99 -2.81 18.91
N MET B 299 2.39 -3.68 18.09
CA MET B 299 2.95 -3.99 16.78
C MET B 299 2.62 -2.88 15.80
N MET B 300 3.60 -2.47 15.00
CA MET B 300 3.39 -1.36 14.05
C MET B 300 2.84 -1.93 12.74
N ALA B 301 2.28 -3.14 12.80
CA ALA B 301 1.63 -3.76 11.62
C ALA B 301 0.37 -4.48 12.12
N ALA B 302 -0.79 -4.15 11.54
CA ALA B 302 -2.07 -4.70 12.04
C ALA B 302 -2.17 -6.19 11.80
N CYS B 303 -1.50 -6.98 12.63
CA CYS B 303 -1.57 -8.45 12.52
C CYS B 303 -1.55 -9.00 13.95
N ASP B 304 -2.45 -9.93 14.28
CA ASP B 304 -2.44 -10.56 15.62
C ASP B 304 -1.39 -11.66 15.62
N PRO B 305 -0.24 -11.47 16.29
CA PRO B 305 0.79 -12.47 16.26
C PRO B 305 0.23 -13.85 16.59
N ARG B 306 -0.86 -13.92 17.36
CA ARG B 306 -1.40 -15.21 17.77
C ARG B 306 -2.08 -15.94 16.64
N HIS B 307 -2.41 -15.25 15.54
CA HIS B 307 -2.97 -15.89 14.36
C HIS B 307 -1.93 -16.64 13.55
N GLY B 308 -0.67 -16.62 13.96
CA GLY B 308 0.39 -17.27 13.21
C GLY B 308 1.59 -17.51 14.11
N ARG B 309 2.66 -18.02 13.51
CA ARG B 309 3.84 -18.44 14.25
C ARG B 309 5.04 -17.55 13.93
N TYR B 310 5.93 -17.42 14.91
CA TYR B 310 7.14 -16.62 14.75
C TYR B 310 8.26 -17.48 14.15
N LEU B 311 8.77 -17.06 13.00
CA LEU B 311 9.95 -17.69 12.42
C LEU B 311 11.22 -17.24 13.13
N THR B 312 11.43 -15.93 13.22
CA THR B 312 12.59 -15.38 13.92
C THR B 312 12.17 -14.12 14.66
N VAL B 313 12.76 -13.90 15.83
CA VAL B 313 12.49 -12.72 16.65
C VAL B 313 13.81 -12.10 17.07
N ALA B 314 13.89 -10.76 17.00
CA ALA B 314 15.02 -10.01 17.54
C ALA B 314 14.48 -8.86 18.36
N ALA B 315 14.93 -8.74 19.60
CA ALA B 315 14.52 -7.67 20.49
C ALA B 315 15.74 -6.85 20.88
N ILE B 316 15.56 -5.54 21.03
CA ILE B 316 16.66 -4.64 21.38
C ILE B 316 16.23 -3.78 22.55
N PHE B 317 16.88 -3.97 23.71
CA PHE B 317 16.58 -3.20 24.91
C PHE B 317 17.59 -2.07 25.06
N ARG B 318 17.10 -0.86 25.29
CA ARG B 318 17.93 0.33 25.43
C ARG B 318 17.71 0.94 26.80
N GLY B 319 18.80 1.21 27.51
CA GLY B 319 18.75 1.73 28.86
C GLY B 319 19.75 1.06 29.79
N ARG B 320 19.95 1.64 30.96
CA ARG B 320 20.86 1.09 31.95
C ARG B 320 20.04 0.18 32.86
N MET B 321 20.08 -1.13 32.58
CA MET B 321 19.17 -2.07 33.21
C MET B 321 19.88 -3.38 33.52
N SER B 322 19.23 -4.19 34.36
CA SER B 322 19.76 -5.49 34.75
C SER B 322 19.69 -6.44 33.57
N MET B 323 20.83 -6.65 32.91
CA MET B 323 20.85 -7.58 31.79
C MET B 323 20.34 -8.96 32.21
N LYS B 324 20.54 -9.34 33.47
CA LYS B 324 20.03 -10.62 33.94
C LYS B 324 18.51 -10.63 33.91
N GLU B 325 17.88 -9.58 34.45
CA GLU B 325 16.43 -9.51 34.46
C GLU B 325 15.87 -9.47 33.04
N VAL B 326 16.54 -8.72 32.15
CA VAL B 326 16.19 -8.74 30.73
C VAL B 326 16.08 -10.18 30.24
N ASP B 327 17.12 -10.96 30.51
CA ASP B 327 17.20 -12.32 30.01
C ASP B 327 16.12 -13.20 30.64
N GLU B 328 15.91 -13.05 31.95
CA GLU B 328 14.89 -13.86 32.63
C GLU B 328 13.51 -13.62 32.01
N GLN B 329 13.17 -12.35 31.75
CA GLN B 329 11.83 -12.04 31.28
C GLN B 329 11.62 -12.57 29.87
N MET B 330 12.68 -12.53 29.04
CA MET B 330 12.56 -13.04 27.67
C MET B 330 12.30 -14.54 27.67
N LEU B 331 12.93 -15.27 28.57
CA LEU B 331 12.74 -16.74 28.54
C LEU B 331 11.34 -17.04 29.09
N ASN B 332 10.84 -16.19 29.97
CA ASN B 332 9.45 -16.35 30.47
C ASN B 332 8.48 -16.28 29.30
N VAL B 333 8.43 -15.13 28.62
CA VAL B 333 7.56 -14.97 27.43
C VAL B 333 7.67 -16.22 26.55
N GLN B 334 8.89 -16.55 26.14
CA GLN B 334 9.02 -17.70 25.20
C GLN B 334 8.34 -18.90 25.84
N ASN B 335 8.67 -19.20 27.10
CA ASN B 335 8.11 -20.40 27.77
C ASN B 335 6.62 -20.16 28.06
N LYS B 336 6.17 -18.92 27.91
CA LYS B 336 4.76 -18.61 28.12
C LYS B 336 3.97 -18.59 26.81
N ASN B 337 4.66 -18.62 25.67
CA ASN B 337 3.97 -18.55 24.39
C ASN B 337 4.57 -19.51 23.38
N SER B 338 5.23 -20.57 23.84
CA SER B 338 5.98 -21.45 22.95
C SER B 338 5.12 -22.02 21.83
N SER B 339 3.80 -21.99 21.96
CA SER B 339 2.95 -22.41 20.86
C SER B 339 2.92 -21.41 19.71
N TYR B 340 3.59 -20.26 19.84
CA TYR B 340 3.62 -19.25 18.80
C TYR B 340 5.01 -19.08 18.20
N PHE B 341 5.92 -20.00 18.49
CA PHE B 341 7.25 -20.03 17.89
C PHE B 341 7.43 -21.36 17.18
N VAL B 342 8.18 -21.36 16.09
CA VAL B 342 8.40 -22.61 15.38
C VAL B 342 9.42 -23.44 16.16
N GLU B 343 9.14 -24.73 16.31
CA GLU B 343 10.08 -25.60 17.00
C GLU B 343 11.24 -26.02 16.10
N TRP B 344 11.14 -25.84 14.79
CA TRP B 344 12.17 -26.32 13.89
C TRP B 344 13.29 -25.31 13.64
N ILE B 345 13.22 -24.12 14.24
CA ILE B 345 14.38 -23.21 14.24
C ILE B 345 14.80 -23.03 15.68
N PRO B 346 15.79 -23.80 16.18
CA PRO B 346 16.14 -23.74 17.60
C PRO B 346 16.69 -22.37 17.99
N ASN B 347 16.32 -21.92 19.19
CA ASN B 347 16.83 -20.67 19.72
C ASN B 347 16.68 -19.53 18.72
N ASN B 348 15.43 -19.18 18.38
CA ASN B 348 15.15 -18.19 17.34
C ASN B 348 14.66 -16.85 17.91
N VAL B 349 14.98 -16.54 19.17
CA VAL B 349 14.63 -15.26 19.79
C VAL B 349 15.91 -14.70 20.37
N LYS B 350 16.42 -13.61 19.78
CA LYS B 350 17.69 -13.04 20.22
C LYS B 350 17.44 -11.68 20.86
N THR B 351 18.31 -11.33 21.80
CA THR B 351 18.19 -10.08 22.52
C THR B 351 19.51 -9.34 22.46
N ALA B 352 19.44 -8.06 22.17
CA ALA B 352 20.58 -7.17 22.34
C ALA B 352 20.21 -6.06 23.32
N VAL B 353 21.15 -5.69 24.17
CA VAL B 353 20.95 -4.58 25.09
C VAL B 353 21.91 -3.46 24.69
N CYS B 354 21.49 -2.24 24.92
CA CYS B 354 22.29 -1.07 24.61
C CYS B 354 22.11 -0.05 25.72
N ASP B 355 23.22 0.54 26.16
CA ASP B 355 23.19 1.40 27.34
C ASP B 355 22.61 2.78 27.05
N ILE B 356 22.78 3.30 25.84
CA ILE B 356 22.27 4.64 25.51
C ILE B 356 20.76 4.58 25.33
N PRO B 357 19.98 5.22 26.19
CA PRO B 357 18.53 5.29 25.98
C PRO B 357 18.17 6.47 25.12
N PRO B 358 17.15 6.34 24.27
CA PRO B 358 16.75 7.46 23.40
C PRO B 358 16.29 8.66 24.22
N ARG B 359 16.36 9.83 23.59
CA ARG B 359 15.98 11.05 24.29
C ARG B 359 14.51 10.99 24.69
N GLY B 360 14.25 11.04 25.99
CA GLY B 360 12.91 11.13 26.52
C GLY B 360 12.49 9.96 27.39
N LEU B 361 13.17 8.82 27.29
CA LEU B 361 12.75 7.63 28.00
C LEU B 361 13.92 7.06 28.81
N LYS B 362 13.62 6.62 30.04
CA LYS B 362 14.64 5.94 30.85
C LYS B 362 15.09 4.64 30.20
N MET B 363 14.20 3.97 29.48
CA MET B 363 14.57 2.71 28.84
C MET B 363 13.41 2.24 27.98
N SER B 364 13.72 1.43 26.98
CA SER B 364 12.74 1.06 25.97
C SER B 364 13.14 -0.27 25.35
N ALA B 365 12.19 -0.86 24.64
CA ALA B 365 12.41 -2.07 23.89
C ALA B 365 11.95 -1.86 22.46
N THR B 366 12.61 -2.52 21.51
CA THR B 366 12.18 -2.51 20.12
C THR B 366 12.10 -3.94 19.60
N PHE B 367 10.98 -4.26 18.97
CA PHE B 367 10.64 -5.61 18.55
C PHE B 367 10.77 -5.73 17.05
N ILE B 368 11.51 -6.74 16.59
CA ILE B 368 11.62 -7.04 15.18
C ILE B 368 11.24 -8.51 15.01
N GLY B 369 10.07 -8.76 14.45
CA GLY B 369 9.57 -10.12 14.29
C GLY B 369 9.37 -10.50 12.84
N ASN B 370 9.72 -11.73 12.51
CA ASN B 370 9.39 -12.34 11.23
C ASN B 370 8.34 -13.41 11.55
N SER B 371 7.09 -13.13 11.22
CA SER B 371 5.95 -13.94 11.65
C SER B 371 5.01 -14.23 10.48
N THR B 372 4.46 -15.45 10.46
CA THR B 372 3.52 -15.78 9.40
C THR B 372 2.25 -14.94 9.51
N ALA B 373 2.01 -14.31 10.65
CA ALA B 373 0.80 -13.52 10.80
C ALA B 373 0.78 -12.31 9.85
N ILE B 374 1.95 -11.90 9.35
CA ILE B 374 2.00 -10.76 8.43
C ILE B 374 1.14 -11.01 7.19
N GLN B 375 0.80 -12.26 6.91
CA GLN B 375 -0.06 -12.52 5.76
C GLN B 375 -1.38 -11.76 5.88
N GLU B 376 -1.85 -11.52 7.10
CA GLU B 376 -3.08 -10.77 7.26
C GLU B 376 -2.99 -9.41 6.59
N LEU B 377 -1.82 -8.77 6.68
CA LEU B 377 -1.61 -7.46 6.05
C LEU B 377 -1.77 -7.55 4.55
N PHE B 378 -1.11 -8.54 3.93
CA PHE B 378 -1.20 -8.69 2.48
C PHE B 378 -2.59 -9.16 2.06
N LYS B 379 -3.23 -10.01 2.87
CA LYS B 379 -4.61 -10.37 2.58
C LYS B 379 -5.49 -9.14 2.52
N ARG B 380 -5.30 -8.22 3.47
CA ARG B 380 -6.09 -7.00 3.49
C ARG B 380 -5.88 -6.20 2.22
N ILE B 381 -4.62 -5.85 1.92
CA ILE B 381 -4.28 -5.16 0.67
C ILE B 381 -4.94 -5.89 -0.50
N SER B 382 -4.88 -7.23 -0.49
CA SER B 382 -5.35 -7.99 -1.64
C SER B 382 -6.87 -7.95 -1.75
N GLU B 383 -7.57 -8.03 -0.61
CA GLU B 383 -9.03 -7.94 -0.65
C GLU B 383 -9.47 -6.63 -1.28
N GLN B 384 -8.83 -5.52 -0.90
CA GLN B 384 -9.26 -4.21 -1.39
C GLN B 384 -8.82 -3.99 -2.84
N PHE B 385 -7.73 -4.63 -3.25
CA PHE B 385 -7.32 -4.60 -4.65
C PHE B 385 -8.39 -5.26 -5.53
N THR B 386 -8.83 -6.46 -5.16
CA THR B 386 -9.71 -7.23 -6.02
C THR B 386 -11.06 -6.56 -6.14
N ALA B 387 -11.58 -6.03 -5.04
CA ALA B 387 -12.87 -5.35 -5.09
C ALA B 387 -12.93 -4.37 -6.25
N MET B 388 -11.88 -3.57 -6.41
CA MET B 388 -11.84 -2.59 -7.49
C MET B 388 -11.47 -3.24 -8.81
N PHE B 389 -10.48 -4.12 -8.80
CA PHE B 389 -9.99 -4.68 -10.05
C PHE B 389 -11.01 -5.58 -10.72
N ARG B 390 -11.84 -6.29 -9.95
CA ARG B 390 -12.89 -7.10 -10.55
C ARG B 390 -13.72 -6.31 -11.54
N ARG B 391 -13.88 -5.00 -11.30
CA ARG B 391 -14.64 -4.10 -12.15
C ARG B 391 -13.75 -3.14 -12.93
N LYS B 392 -12.43 -3.27 -12.78
CA LYS B 392 -11.48 -2.43 -13.50
C LYS B 392 -11.74 -0.95 -13.22
N ALA B 393 -12.14 -0.65 -12.00
CA ALA B 393 -12.34 0.73 -11.58
C ALA B 393 -11.00 1.45 -11.50
N PHE B 394 -10.97 2.68 -12.01
CA PHE B 394 -9.81 3.55 -11.95
C PHE B 394 -8.61 3.02 -12.72
N LEU B 395 -8.76 1.95 -13.50
CA LEU B 395 -7.63 1.48 -14.28
C LEU B 395 -7.16 2.50 -15.30
N HIS B 396 -8.01 3.43 -15.74
CA HIS B 396 -7.60 4.27 -16.86
C HIS B 396 -6.46 5.21 -16.46
N TRP B 397 -6.36 5.57 -15.18
CA TRP B 397 -5.23 6.39 -14.74
C TRP B 397 -3.90 5.68 -15.01
N TYR B 398 -3.89 4.34 -15.03
CA TYR B 398 -2.70 3.52 -15.28
C TYR B 398 -2.58 3.14 -16.75
N THR B 399 -3.64 2.61 -17.35
CA THR B 399 -3.55 2.20 -18.75
C THR B 399 -3.26 3.40 -19.65
N GLY B 400 -3.56 4.61 -19.22
CA GLY B 400 -3.23 5.79 -19.97
C GLY B 400 -1.79 6.21 -19.84
N GLU B 401 -1.02 5.57 -18.96
CA GLU B 401 0.41 5.80 -18.85
C GLU B 401 1.21 4.67 -19.47
N GLY B 402 0.56 3.80 -20.23
CA GLY B 402 1.24 2.75 -20.96
C GLY B 402 1.10 1.37 -20.36
N MET B 403 0.67 1.26 -19.11
CA MET B 403 0.54 -0.06 -18.48
C MET B 403 -0.67 -0.80 -19.02
N ASP B 404 -0.62 -2.13 -18.92
CA ASP B 404 -1.72 -2.98 -19.37
CA ASP B 404 -1.70 -3.01 -19.37
C ASP B 404 -2.23 -3.80 -18.18
N GLU B 405 -3.44 -4.34 -18.33
CA GLU B 405 -4.03 -5.12 -17.25
C GLU B 405 -3.19 -6.34 -16.91
N MET B 406 -2.49 -6.91 -17.88
CA MET B 406 -1.69 -8.10 -17.62
C MET B 406 -0.75 -7.88 -16.45
N GLU B 407 -0.26 -6.66 -16.29
CA GLU B 407 0.70 -6.35 -15.24
C GLU B 407 0.05 -6.29 -13.86
N PHE B 408 -1.23 -5.89 -13.81
CA PHE B 408 -1.99 -5.94 -12.56
C PHE B 408 -2.25 -7.40 -12.18
N THR B 409 -2.72 -8.21 -13.13
CA THR B 409 -2.91 -9.63 -12.89
C THR B 409 -1.65 -10.31 -12.33
N GLU B 410 -0.46 -9.94 -12.84
CA GLU B 410 0.76 -10.56 -12.34
C GLU B 410 1.02 -10.19 -10.90
N ALA B 411 1.02 -8.89 -10.59
CA ALA B 411 1.27 -8.46 -9.22
C ALA B 411 0.30 -9.14 -8.23
N GLU B 412 -0.99 -9.10 -8.56
N GLU B 412 -0.99 -9.13 -8.56
CA GLU B 412 -2.00 -9.76 -7.74
CA GLU B 412 -1.97 -9.77 -7.68
C GLU B 412 -1.63 -11.22 -7.50
C GLU B 412 -1.62 -11.24 -7.48
N SER B 413 -1.36 -11.97 -8.56
CA SER B 413 -1.01 -13.37 -8.43
CA SER B 413 -0.99 -13.37 -8.43
C SER B 413 0.23 -13.55 -7.55
N ASN B 414 1.31 -12.82 -7.87
CA ASN B 414 2.52 -12.95 -7.07
CA ASN B 414 2.53 -12.93 -7.07
C ASN B 414 2.27 -12.65 -5.60
N MET B 415 1.35 -11.74 -5.30
CA MET B 415 1.08 -11.45 -3.90
C MET B 415 0.36 -12.62 -3.21
N ASN B 416 -0.63 -13.22 -3.88
CA ASN B 416 -1.33 -14.35 -3.27
C ASN B 416 -0.38 -15.51 -2.99
N ASP B 417 0.54 -15.78 -3.91
CA ASP B 417 1.58 -16.76 -3.64
C ASP B 417 2.30 -16.44 -2.34
N LEU B 418 2.70 -15.17 -2.17
CA LEU B 418 3.35 -14.75 -0.94
C LEU B 418 2.51 -15.16 0.27
N VAL B 419 1.21 -14.87 0.23
CA VAL B 419 0.32 -15.28 1.32
C VAL B 419 0.32 -16.79 1.46
N SER B 420 0.36 -17.51 0.34
CA SER B 420 0.39 -18.97 0.42
C SER B 420 1.66 -19.45 1.07
N GLU B 421 2.80 -18.90 0.65
CA GLU B 421 4.09 -19.30 1.25
C GLU B 421 4.02 -19.10 2.76
N TYR B 422 3.55 -17.92 3.18
CA TYR B 422 3.50 -17.65 4.62
C TYR B 422 2.65 -18.68 5.34
N GLN B 423 1.56 -19.13 4.71
CA GLN B 423 0.65 -20.04 5.38
C GLN B 423 1.13 -21.48 5.33
N GLN B 424 2.07 -21.78 4.43
CA GLN B 424 2.64 -23.12 4.36
C GLN B 424 3.54 -23.40 5.56
N TYR B 425 4.17 -22.38 6.11
CA TYR B 425 5.06 -22.52 7.26
C TYR B 425 4.36 -22.27 8.59
N GLN B 426 3.06 -22.02 8.57
CA GLN B 426 2.28 -21.84 9.79
C GLN B 426 1.71 -23.15 10.29
N ASP B 427 1.67 -24.18 9.44
CA ASP B 427 1.18 -25.49 9.82
C ASP B 427 2.29 -26.52 9.95
N ALA B 428 3.55 -26.06 10.02
CA ALA B 428 4.71 -26.93 10.13
C ALA B 428 4.60 -27.94 11.28
N MET C 1 4.46 26.20 -9.86
CA MET C 1 4.00 26.16 -11.28
C MET C 1 2.50 25.85 -11.26
N ARG C 2 2.05 24.81 -11.95
CA ARG C 2 0.63 24.38 -11.90
C ARG C 2 -0.27 25.58 -12.22
N GLU C 3 -0.32 25.99 -13.48
CA GLU C 3 -1.09 27.19 -13.87
C GLU C 3 -2.34 26.78 -14.64
N CYS C 4 -3.46 27.46 -14.39
CA CYS C 4 -4.73 27.16 -15.05
C CYS C 4 -5.12 28.33 -15.94
N ILE C 5 -5.40 28.02 -17.20
CA ILE C 5 -5.95 28.99 -18.13
C ILE C 5 -7.47 28.79 -18.16
N SER C 6 -8.22 29.87 -17.98
CA SER C 6 -9.67 29.78 -17.90
C SER C 6 -10.28 30.39 -19.16
N ILE C 7 -11.12 29.62 -19.85
CA ILE C 7 -11.74 30.07 -21.10
C ILE C 7 -13.23 30.21 -20.84
N HIS C 8 -13.76 31.41 -21.11
CA HIS C 8 -15.18 31.71 -20.95
C HIS C 8 -15.82 31.93 -22.31
N VAL C 9 -16.77 31.08 -22.66
CA VAL C 9 -17.27 30.98 -24.02
C VAL C 9 -18.72 31.37 -24.02
N GLY C 10 -19.04 32.42 -24.77
CA GLY C 10 -20.43 32.84 -24.92
C GLY C 10 -21.03 33.51 -23.72
N GLN C 11 -22.26 34.03 -23.83
CA GLN C 11 -22.83 34.87 -22.79
C GLN C 11 -22.76 34.22 -21.41
N ALA C 12 -23.36 33.03 -21.26
CA ALA C 12 -23.33 32.35 -19.97
C ALA C 12 -21.90 32.25 -19.45
N GLY C 13 -20.98 31.78 -20.30
CA GLY C 13 -19.59 31.63 -19.85
C GLY C 13 -18.94 32.96 -19.52
N VAL C 14 -19.21 33.98 -20.34
CA VAL C 14 -18.66 35.30 -20.07
C VAL C 14 -19.25 35.90 -18.80
N GLN C 15 -20.56 35.79 -18.62
CA GLN C 15 -21.17 36.39 -17.43
C GLN C 15 -20.84 35.59 -16.18
N ILE C 16 -20.74 34.26 -16.29
CA ILE C 16 -20.19 33.52 -15.16
C ILE C 16 -18.74 33.95 -14.94
N GLY C 17 -18.01 34.26 -16.02
CA GLY C 17 -16.62 34.66 -15.89
C GLY C 17 -16.43 35.94 -15.09
N ASN C 18 -17.25 36.95 -15.36
CA ASN C 18 -17.20 38.19 -14.58
C ASN C 18 -17.35 37.91 -13.09
N ALA C 19 -18.43 37.24 -12.73
CA ALA C 19 -18.66 36.93 -11.32
C ALA C 19 -17.43 36.30 -10.69
N CYS C 20 -16.93 35.24 -11.31
CA CYS C 20 -15.80 34.51 -10.73
C CYS C 20 -14.61 35.42 -10.50
N TRP C 21 -14.24 36.20 -11.51
CA TRP C 21 -13.00 36.96 -11.40
C TRP C 21 -13.15 38.09 -10.39
N GLU C 22 -14.30 38.76 -10.39
CA GLU C 22 -14.60 39.73 -9.34
C GLU C 22 -14.40 39.14 -7.97
N LEU C 23 -14.83 37.89 -7.79
CA LEU C 23 -14.73 37.23 -6.49
C LEU C 23 -13.29 36.86 -6.17
N TYR C 24 -12.58 36.26 -7.15
CA TYR C 24 -11.17 35.92 -6.94
C TYR C 24 -10.41 37.13 -6.45
N CYS C 25 -10.62 38.27 -7.13
CA CYS C 25 -9.99 39.51 -6.69
C CYS C 25 -10.33 39.81 -5.24
N LEU C 26 -11.61 39.76 -4.90
CA LEU C 26 -11.98 40.01 -3.52
C LEU C 26 -11.38 38.97 -2.59
N GLU C 27 -11.17 37.75 -3.07
CA GLU C 27 -10.60 36.73 -2.18
C GLU C 27 -9.12 36.95 -1.94
N HIS C 28 -8.40 37.51 -2.92
CA HIS C 28 -6.96 37.66 -2.84
C HIS C 28 -6.51 39.09 -2.52
N GLY C 29 -7.44 40.03 -2.43
CA GLY C 29 -7.04 41.41 -2.22
C GLY C 29 -6.43 42.04 -3.45
N ILE C 30 -6.94 41.72 -4.63
CA ILE C 30 -6.51 42.34 -5.87
C ILE C 30 -7.51 43.43 -6.23
N GLN C 31 -7.02 44.63 -6.53
CA GLN C 31 -7.88 45.76 -6.82
C GLN C 31 -8.31 45.74 -8.28
N PRO C 32 -9.32 46.56 -8.62
CA PRO C 32 -9.81 46.57 -10.01
C PRO C 32 -8.80 47.06 -11.03
N ASP C 33 -7.76 47.78 -10.60
CA ASP C 33 -6.66 48.14 -11.49
C ASP C 33 -5.54 47.11 -11.45
N GLY C 34 -5.77 45.96 -10.82
CA GLY C 34 -4.81 44.88 -10.83
C GLY C 34 -3.71 44.96 -9.79
N GLN C 35 -3.66 46.02 -8.99
CA GLN C 35 -2.63 46.14 -7.97
C GLN C 35 -2.99 45.27 -6.75
N MET C 36 -2.00 44.55 -6.24
CA MET C 36 -2.17 43.69 -5.07
C MET C 36 -1.16 44.12 -4.02
N PRO C 37 -1.53 45.03 -3.12
CA PRO C 37 -0.53 45.61 -2.21
C PRO C 37 0.17 44.58 -1.34
N SER C 38 -0.52 43.50 -0.97
CA SER C 38 0.09 42.48 -0.14
C SER C 38 1.21 41.73 -0.86
N ASP C 39 1.20 41.69 -2.18
CA ASP C 39 2.19 40.92 -2.94
C ASP C 39 3.52 41.67 -2.95
N LYS C 40 4.53 41.10 -2.28
CA LYS C 40 5.86 41.71 -2.26
C LYS C 40 6.70 41.37 -3.46
N THR C 41 6.42 40.26 -4.14
CA THR C 41 7.18 39.90 -5.34
C THR C 41 6.64 40.68 -6.54
N ILE C 42 7.44 41.65 -7.01
CA ILE C 42 7.05 42.51 -8.13
C ILE C 42 7.46 41.85 -9.44
N GLY C 43 6.53 41.78 -10.38
CA GLY C 43 6.81 41.21 -11.67
C GLY C 43 6.83 39.69 -11.74
N GLY C 44 6.59 39.01 -10.63
CA GLY C 44 6.58 37.56 -10.66
C GLY C 44 6.28 36.95 -9.31
N GLY C 45 6.69 35.71 -9.15
CA GLY C 45 6.44 34.95 -7.94
C GLY C 45 5.91 33.57 -8.25
N ASP C 46 6.01 32.65 -7.30
CA ASP C 46 5.48 31.30 -7.43
C ASP C 46 4.47 31.01 -6.33
N ASP C 47 3.61 31.98 -6.05
CA ASP C 47 2.61 31.88 -4.99
C ASP C 47 1.36 31.16 -5.49
N SER C 48 0.52 30.77 -4.53
CA SER C 48 -0.64 29.96 -4.88
C SER C 48 -1.58 30.70 -5.80
N PHE C 49 -1.83 31.98 -5.53
CA PHE C 49 -2.72 32.74 -6.39
C PHE C 49 -2.15 32.88 -7.80
N ASN C 50 -0.83 32.73 -7.98
CA ASN C 50 -0.25 32.86 -9.30
C ASN C 50 -0.69 31.76 -10.26
N THR C 51 -1.32 30.69 -9.75
CA THR C 51 -1.87 29.71 -10.67
C THR C 51 -2.98 30.31 -11.53
N PHE C 52 -3.60 31.40 -11.07
CA PHE C 52 -4.64 32.06 -11.84
C PHE C 52 -4.30 33.48 -12.28
N PHE C 53 -3.29 34.10 -11.70
CA PHE C 53 -2.93 35.46 -12.06
C PHE C 53 -1.46 35.49 -12.47
N SER C 54 -1.19 36.10 -13.64
CA SER C 54 0.18 36.42 -14.00
C SER C 54 0.52 37.80 -13.45
N GLU C 55 1.76 38.21 -13.63
CA GLU C 55 2.19 39.50 -13.13
C GLU C 55 2.99 40.23 -14.21
N THR C 56 2.92 41.57 -14.16
CA THR C 56 3.67 42.44 -15.04
C THR C 56 4.71 43.20 -14.24
N GLY C 57 5.58 43.91 -14.97
CA GLY C 57 6.62 44.68 -14.31
C GLY C 57 6.06 45.71 -13.35
N ALA C 58 4.89 46.27 -13.66
CA ALA C 58 4.28 47.33 -12.87
C ALA C 58 3.52 46.82 -11.66
N GLY C 59 3.61 45.53 -11.35
CA GLY C 59 2.88 44.98 -10.24
C GLY C 59 1.41 44.75 -10.51
N LYS C 60 1.01 44.70 -11.77
CA LYS C 60 -0.35 44.31 -12.12
C LYS C 60 -0.49 42.80 -12.14
N HIS C 61 -1.61 42.30 -11.64
CA HIS C 61 -1.93 40.88 -11.66
C HIS C 61 -3.06 40.65 -12.67
N VAL C 62 -2.79 39.90 -13.73
CA VAL C 62 -3.69 39.76 -14.86
C VAL C 62 -4.25 38.34 -14.86
N PRO C 63 -5.57 38.17 -14.93
CA PRO C 63 -6.13 36.82 -14.96
C PRO C 63 -5.61 36.02 -16.16
N ARG C 64 -5.30 34.75 -15.90
CA ARG C 64 -4.97 33.81 -16.97
C ARG C 64 -6.28 33.35 -17.61
N ALA C 65 -6.83 34.21 -18.46
CA ALA C 65 -8.19 33.99 -18.93
C ALA C 65 -8.37 34.53 -20.34
N VAL C 66 -9.23 33.86 -21.09
CA VAL C 66 -9.68 34.35 -22.39
C VAL C 66 -11.19 34.38 -22.36
N PHE C 67 -11.77 35.48 -22.79
CA PHE C 67 -13.21 35.59 -23.01
C PHE C 67 -13.48 35.58 -24.51
N VAL C 68 -14.38 34.71 -24.97
CA VAL C 68 -14.71 34.59 -26.38
CA VAL C 68 -14.71 34.59 -26.38
C VAL C 68 -16.22 34.55 -26.54
N ASP C 69 -16.74 35.35 -27.46
CA ASP C 69 -18.15 35.32 -27.80
C ASP C 69 -18.29 35.78 -29.25
N LEU C 70 -19.26 35.21 -29.97
CA LEU C 70 -19.42 35.52 -31.39
C LEU C 70 -20.19 36.82 -31.64
N GLU C 71 -20.55 37.56 -30.60
CA GLU C 71 -21.07 38.91 -30.73
C GLU C 71 -20.54 39.72 -29.55
N PRO C 72 -20.47 41.05 -29.69
CA PRO C 72 -19.76 41.86 -28.69
C PRO C 72 -20.56 42.27 -27.46
N THR C 73 -21.90 42.35 -27.56
CA THR C 73 -22.67 43.08 -26.56
C THR C 73 -22.40 42.60 -25.14
N VAL C 74 -22.17 41.30 -24.93
CA VAL C 74 -21.94 40.84 -23.56
C VAL C 74 -20.51 41.12 -23.11
N ILE C 75 -19.53 40.93 -23.99
CA ILE C 75 -18.15 41.26 -23.60
C ILE C 75 -17.99 42.76 -23.46
N ASP C 76 -18.64 43.55 -24.32
CA ASP C 76 -18.55 45.00 -24.24
C ASP C 76 -18.76 45.50 -22.82
N GLU C 77 -19.58 44.80 -22.02
CA GLU C 77 -19.75 45.21 -20.64
C GLU C 77 -18.48 44.96 -19.84
N VAL C 78 -17.86 43.80 -20.01
CA VAL C 78 -16.56 43.57 -19.42
C VAL C 78 -15.58 44.64 -19.85
N ARG C 79 -15.62 45.04 -21.14
CA ARG C 79 -14.65 46.02 -21.65
C ARG C 79 -14.84 47.39 -21.02
N THR C 80 -16.06 47.71 -20.58
CA THR C 80 -16.36 49.04 -20.03
C THR C 80 -16.76 48.99 -18.58
N GLY C 81 -16.54 47.86 -17.89
CA GLY C 81 -17.02 47.66 -16.55
C GLY C 81 -16.03 48.05 -15.47
N THR C 82 -16.30 47.58 -14.26
CA THR C 82 -15.48 47.95 -13.11
C THR C 82 -14.09 47.33 -13.21
N TYR C 83 -13.99 46.11 -13.74
CA TYR C 83 -12.70 45.45 -13.88
C TYR C 83 -12.15 45.56 -15.29
N ARG C 84 -12.49 46.64 -15.99
CA ARG C 84 -12.01 46.82 -17.36
C ARG C 84 -10.50 46.85 -17.41
N GLN C 85 -9.86 47.47 -16.41
CA GLN C 85 -8.40 47.56 -16.40
C GLN C 85 -7.72 46.26 -15.95
N LEU C 86 -8.50 45.22 -15.67
CA LEU C 86 -7.91 43.98 -15.19
C LEU C 86 -7.38 43.13 -16.34
N PHE C 87 -8.09 43.13 -17.47
CA PHE C 87 -7.75 42.29 -18.62
C PHE C 87 -7.11 43.10 -19.74
N HIS C 88 -6.22 42.45 -20.48
CA HIS C 88 -5.67 43.05 -21.70
C HIS C 88 -6.71 42.93 -22.81
N PRO C 89 -6.80 43.90 -23.70
CA PRO C 89 -7.80 43.84 -24.78
C PRO C 89 -7.72 42.55 -25.57
N GLU C 90 -6.49 42.08 -25.81
CA GLU C 90 -6.27 40.85 -26.56
C GLU C 90 -6.83 39.62 -25.87
N GLN C 91 -7.19 39.71 -24.59
CA GLN C 91 -7.88 38.60 -23.91
C GLN C 91 -9.37 38.57 -24.19
N LEU C 92 -9.96 39.64 -24.75
CA LEU C 92 -11.40 39.76 -24.96
C LEU C 92 -11.68 39.77 -26.46
N ILE C 93 -12.28 38.68 -26.95
CA ILE C 93 -12.39 38.36 -28.37
C ILE C 93 -13.86 38.23 -28.73
N THR C 94 -14.30 39.02 -29.72
CA THR C 94 -15.69 38.96 -30.13
C THR C 94 -15.80 39.02 -31.65
N GLY C 95 -16.83 38.37 -32.18
CA GLY C 95 -17.22 38.50 -33.56
C GLY C 95 -18.33 39.54 -33.75
N LYS C 96 -18.98 39.47 -34.91
CA LYS C 96 -20.04 40.40 -35.26
C LYS C 96 -21.42 39.78 -35.25
N GLU C 97 -21.53 38.46 -35.39
CA GLU C 97 -22.80 37.75 -35.57
C GLU C 97 -22.73 36.46 -34.79
N ASP C 98 -23.75 36.17 -34.02
CA ASP C 98 -23.68 35.01 -33.14
C ASP C 98 -24.23 33.78 -33.85
N ALA C 99 -24.50 32.73 -33.09
CA ALA C 99 -24.90 31.44 -33.64
C ALA C 99 -26.40 31.23 -33.66
N ALA C 100 -27.18 32.20 -33.17
CA ALA C 100 -28.63 32.13 -33.25
C ALA C 100 -29.20 30.85 -32.61
N ASN C 101 -28.70 30.52 -31.42
CA ASN C 101 -29.09 29.29 -30.74
C ASN C 101 -28.87 28.07 -31.60
N ASN C 102 -27.97 28.13 -32.58
CA ASN C 102 -27.76 27.05 -33.53
C ASN C 102 -26.36 26.48 -33.35
N TYR C 103 -26.29 25.26 -32.80
CA TYR C 103 -25.01 24.58 -32.67
C TYR C 103 -24.25 24.56 -33.99
N ALA C 104 -24.95 24.26 -35.08
CA ALA C 104 -24.28 24.20 -36.38
C ALA C 104 -23.61 25.51 -36.72
N ARG C 105 -24.16 26.64 -36.26
CA ARG C 105 -23.56 27.93 -36.58
C ARG C 105 -22.36 28.24 -35.71
N GLY C 106 -22.34 27.76 -34.47
CA GLY C 106 -21.23 28.01 -33.57
C GLY C 106 -20.06 27.11 -33.82
N HIS C 107 -20.32 25.88 -34.27
CA HIS C 107 -19.25 24.91 -34.50
C HIS C 107 -18.74 24.90 -35.94
N TYR C 108 -19.48 25.49 -36.88
CA TYR C 108 -19.06 25.53 -38.29
C TYR C 108 -19.14 26.93 -38.86
N THR C 109 -20.35 27.38 -39.21
CA THR C 109 -20.50 28.53 -40.10
C THR C 109 -19.81 29.77 -39.56
N ILE C 110 -20.18 30.19 -38.34
CA ILE C 110 -19.56 31.36 -37.74
C ILE C 110 -18.24 30.98 -37.07
N GLY C 111 -18.24 29.90 -36.28
CA GLY C 111 -17.09 29.58 -35.47
C GLY C 111 -15.80 29.51 -36.25
N LYS C 112 -15.87 28.98 -37.48
CA LYS C 112 -14.64 28.79 -38.24
C LYS C 112 -13.95 30.11 -38.56
N GLU C 113 -14.69 31.22 -38.52
CA GLU C 113 -14.12 32.53 -38.80
C GLU C 113 -13.17 33.03 -37.71
N ILE C 114 -13.17 32.41 -36.54
CA ILE C 114 -12.59 33.05 -35.37
C ILE C 114 -11.81 32.03 -34.52
N ILE C 115 -12.03 30.73 -34.77
CA ILE C 115 -11.36 29.70 -33.99
C ILE C 115 -9.84 29.92 -33.98
N ASP C 116 -9.27 30.13 -35.17
CA ASP C 116 -7.82 30.32 -35.23
C ASP C 116 -7.38 31.46 -34.33
N LEU C 117 -8.11 32.56 -34.35
CA LEU C 117 -7.71 33.69 -33.52
C LEU C 117 -7.75 33.32 -32.03
N VAL C 118 -8.80 32.60 -31.61
CA VAL C 118 -8.90 32.20 -30.20
C VAL C 118 -7.73 31.32 -29.80
N LEU C 119 -7.43 30.30 -30.62
CA LEU C 119 -6.31 29.41 -30.31
C LEU C 119 -4.99 30.14 -30.27
N ASP C 120 -4.85 31.22 -31.02
CA ASP C 120 -3.61 32.00 -30.97
CA ASP C 120 -3.62 32.00 -30.97
C ASP C 120 -3.50 32.74 -29.65
N ARG C 121 -4.59 33.35 -29.18
CA ARG C 121 -4.54 34.05 -27.90
C ARG C 121 -4.29 33.07 -26.76
N ILE C 122 -4.88 31.88 -26.83
CA ILE C 122 -4.64 30.86 -25.81
C ILE C 122 -3.17 30.48 -25.77
N ARG C 123 -2.58 30.23 -26.94
CA ARG C 123 -1.17 29.90 -27.01
C ARG C 123 -0.32 30.95 -26.32
N LYS C 124 -0.54 32.22 -26.64
CA LYS C 124 0.22 33.28 -26.01
C LYS C 124 0.14 33.19 -24.49
N LEU C 125 -1.06 32.94 -23.95
CA LEU C 125 -1.19 32.73 -22.51
C LEU C 125 -0.41 31.51 -22.05
N ALA C 126 -0.51 30.40 -22.79
CA ALA C 126 0.18 29.18 -22.38
C ALA C 126 1.70 29.35 -22.40
N ASP C 127 2.23 30.23 -23.25
CA ASP C 127 3.68 30.43 -23.29
C ASP C 127 4.20 31.18 -22.07
N GLN C 128 3.34 31.89 -21.35
CA GLN C 128 3.72 32.57 -20.12
C GLN C 128 3.70 31.63 -18.92
N CYS C 129 3.48 30.34 -19.19
CA CYS C 129 3.31 29.36 -18.08
C CYS C 129 4.56 28.49 -17.93
N THR C 130 4.94 28.20 -16.70
CA THR C 130 6.12 27.37 -16.41
C THR C 130 5.70 25.91 -16.35
N GLY C 131 4.41 25.67 -16.15
CA GLY C 131 3.87 24.30 -16.09
C GLY C 131 2.37 24.30 -16.25
N LEU C 132 1.89 24.70 -17.43
CA LEU C 132 0.42 24.69 -17.70
C LEU C 132 -0.15 23.38 -17.20
N GLN C 133 -1.06 23.47 -16.26
CA GLN C 133 -1.70 22.27 -15.72
C GLN C 133 -2.89 21.84 -16.56
N GLY C 134 -3.67 22.78 -17.06
CA GLY C 134 -4.86 22.46 -17.81
C GLY C 134 -5.71 23.68 -18.02
N PHE C 135 -6.92 23.43 -18.52
CA PHE C 135 -7.87 24.45 -18.95
C PHE C 135 -9.19 24.30 -18.21
N LEU C 136 -9.82 25.44 -17.92
CA LEU C 136 -11.16 25.47 -17.33
C LEU C 136 -12.08 26.16 -18.32
N VAL C 137 -13.12 25.47 -18.78
CA VAL C 137 -13.94 25.93 -19.90
C VAL C 137 -15.35 26.19 -19.43
N PHE C 138 -15.75 27.46 -19.41
CA PHE C 138 -17.06 27.89 -18.92
C PHE C 138 -18.00 28.17 -20.10
N HIS C 139 -19.11 27.44 -20.16
CA HIS C 139 -20.04 27.59 -21.27
C HIS C 139 -21.41 27.08 -20.86
N SER C 140 -22.41 27.45 -21.64
CA SER C 140 -23.74 26.90 -21.49
C SER C 140 -23.93 25.75 -22.47
N PHE C 141 -24.95 24.92 -22.18
CA PHE C 141 -25.34 23.82 -23.05
C PHE C 141 -26.21 24.29 -24.20
N GLY C 142 -26.95 25.38 -24.01
CA GLY C 142 -28.10 25.68 -24.83
C GLY C 142 -27.88 26.70 -25.92
N GLY C 143 -26.89 27.54 -25.75
CA GLY C 143 -26.61 28.55 -26.77
C GLY C 143 -25.91 27.98 -28.00
N GLY C 144 -25.98 28.74 -29.09
CA GLY C 144 -25.25 28.34 -30.30
C GLY C 144 -23.75 28.38 -30.10
N THR C 145 -23.24 29.42 -29.44
CA THR C 145 -21.81 29.53 -29.14
C THR C 145 -21.41 28.62 -27.98
N GLY C 146 -22.16 28.70 -26.89
CA GLY C 146 -21.90 27.84 -25.76
C GLY C 146 -21.80 26.38 -26.14
N SER C 147 -22.71 25.90 -27.00
CA SER C 147 -22.63 24.50 -27.38
C SER C 147 -21.71 24.29 -28.57
N GLY C 148 -21.94 25.03 -29.66
CA GLY C 148 -21.24 24.74 -30.90
C GLY C 148 -19.79 25.16 -30.85
N PHE C 149 -19.52 26.41 -30.51
CA PHE C 149 -18.14 26.87 -30.51
C PHE C 149 -17.32 26.14 -29.46
N THR C 150 -17.88 25.94 -28.26
CA THR C 150 -17.15 25.22 -27.23
C THR C 150 -16.67 23.87 -27.77
N SER C 151 -17.58 23.07 -28.32
CA SER C 151 -17.18 21.78 -28.87
CA SER C 151 -17.18 21.78 -28.87
C SER C 151 -16.04 21.95 -29.86
N LEU C 152 -16.10 22.96 -30.71
CA LEU C 152 -15.02 23.19 -31.66
C LEU C 152 -13.72 23.50 -30.92
N LEU C 153 -13.78 24.37 -29.90
CA LEU C 153 -12.58 24.75 -29.18
C LEU C 153 -11.96 23.54 -28.45
N MET C 154 -12.81 22.67 -27.90
CA MET C 154 -12.30 21.52 -27.19
C MET C 154 -11.55 20.59 -28.14
N GLU C 155 -12.17 20.28 -29.28
CA GLU C 155 -11.55 19.41 -30.31
C GLU C 155 -10.18 20.00 -30.65
N ARG C 156 -10.11 21.28 -30.99
CA ARG C 156 -8.83 21.88 -31.38
C ARG C 156 -7.81 21.80 -30.25
N LEU C 157 -8.25 22.00 -29.00
CA LEU C 157 -7.32 21.99 -27.87
C LEU C 157 -6.70 20.61 -27.67
N SER C 158 -7.49 19.53 -27.86
CA SER C 158 -6.91 18.20 -27.82
C SER C 158 -5.82 18.03 -28.87
N VAL C 159 -5.95 18.72 -30.00
CA VAL C 159 -4.94 18.58 -31.03
C VAL C 159 -3.68 19.34 -30.69
N ASP C 160 -3.80 20.49 -30.01
CA ASP C 160 -2.66 21.35 -29.71
C ASP C 160 -2.04 21.08 -28.35
N TYR C 161 -2.77 20.47 -27.44
CA TYR C 161 -2.21 20.19 -26.12
C TYR C 161 -2.34 18.71 -25.74
N GLY C 162 -2.75 17.85 -26.66
CA GLY C 162 -2.85 16.43 -26.35
C GLY C 162 -3.75 16.18 -25.15
N LYS C 163 -3.27 15.35 -24.24
CA LYS C 163 -4.08 14.91 -23.12
C LYS C 163 -4.02 15.85 -21.91
N LYS C 164 -3.33 17.00 -22.04
CA LYS C 164 -3.44 18.07 -21.05
C LYS C 164 -4.90 18.22 -20.63
N SER C 165 -5.12 18.41 -19.33
CA SER C 165 -6.46 18.21 -18.81
C SER C 165 -7.36 19.40 -19.08
N LYS C 166 -8.64 19.12 -19.31
CA LYS C 166 -9.65 20.11 -19.65
C LYS C 166 -10.86 19.86 -18.76
N LEU C 167 -11.26 20.87 -18.00
CA LEU C 167 -12.40 20.81 -17.09
C LEU C 167 -13.48 21.75 -17.59
N GLU C 168 -14.73 21.30 -17.51
CA GLU C 168 -15.89 22.07 -17.94
C GLU C 168 -16.72 22.51 -16.73
N PHE C 169 -17.17 23.75 -16.76
CA PHE C 169 -18.29 24.19 -15.95
C PHE C 169 -19.44 24.47 -16.90
N SER C 170 -20.44 23.62 -16.90
CA SER C 170 -21.49 23.68 -17.90
C SER C 170 -22.78 24.19 -17.30
N ILE C 171 -23.56 24.94 -18.07
CA ILE C 171 -24.90 25.36 -17.64
C ILE C 171 -25.93 24.49 -18.35
N TYR C 172 -26.65 23.70 -17.54
CA TYR C 172 -27.72 22.83 -17.98
C TYR C 172 -29.02 23.63 -18.09
N PRO C 173 -29.77 23.51 -19.19
CA PRO C 173 -30.89 24.42 -19.40
C PRO C 173 -32.07 24.11 -18.49
N ALA C 174 -32.82 25.15 -18.15
CA ALA C 174 -34.05 24.96 -17.39
C ALA C 174 -35.11 25.90 -17.94
N PRO C 175 -36.36 25.44 -18.05
CA PRO C 175 -37.41 26.31 -18.63
C PRO C 175 -37.65 27.56 -17.81
N GLN C 176 -37.62 27.46 -16.46
CA GLN C 176 -37.92 28.60 -15.59
C GLN C 176 -37.03 29.79 -15.91
N VAL C 177 -35.72 29.56 -16.05
CA VAL C 177 -34.80 30.64 -16.37
C VAL C 177 -35.14 31.11 -17.76
N SER C 178 -34.22 30.93 -18.70
CA SER C 178 -34.39 31.62 -19.98
C SER C 178 -33.92 30.71 -21.10
N THR C 179 -34.72 29.72 -21.43
CA THR C 179 -34.31 28.68 -22.36
C THR C 179 -35.06 28.81 -23.68
N ALA C 180 -34.36 28.53 -24.79
CA ALA C 180 -34.93 28.46 -26.14
C ALA C 180 -35.51 27.08 -26.40
N VAL C 181 -36.36 26.98 -27.42
CA VAL C 181 -36.96 25.68 -27.69
C VAL C 181 -35.92 24.69 -28.19
N VAL C 182 -34.83 25.14 -28.80
CA VAL C 182 -33.93 24.17 -29.42
C VAL C 182 -32.81 23.78 -28.47
N GLU C 183 -32.91 24.19 -27.20
CA GLU C 183 -31.72 23.99 -26.37
C GLU C 183 -31.47 22.51 -26.09
N PRO C 184 -32.49 21.64 -26.02
CA PRO C 184 -32.22 20.20 -25.90
C PRO C 184 -31.37 19.65 -27.04
N TYR C 185 -31.50 20.23 -28.25
CA TYR C 185 -30.67 19.77 -29.36
C TYR C 185 -29.21 20.18 -29.14
N ASN C 186 -28.97 21.47 -28.93
CA ASN C 186 -27.59 21.91 -28.69
C ASN C 186 -26.97 21.17 -27.49
N SER C 187 -27.80 20.82 -26.50
CA SER C 187 -27.30 20.12 -25.33
C SER C 187 -26.80 18.73 -25.68
N ILE C 188 -27.65 17.88 -26.28
CA ILE C 188 -27.22 16.54 -26.66
C ILE C 188 -26.09 16.62 -27.67
N LEU C 189 -26.14 17.62 -28.57
CA LEU C 189 -25.08 17.74 -29.56
C LEU C 189 -23.72 17.98 -28.91
N THR C 190 -23.62 19.01 -28.06
CA THR C 190 -22.32 19.34 -27.50
C THR C 190 -21.86 18.29 -26.49
N THR C 191 -22.77 17.75 -25.69
CA THR C 191 -22.39 16.70 -24.74
C THR C 191 -21.72 15.54 -25.46
N HIS C 192 -22.26 15.16 -26.62
CA HIS C 192 -21.70 14.04 -27.37
C HIS C 192 -20.33 14.40 -27.96
N THR C 193 -20.19 15.62 -28.47
CA THR C 193 -18.95 15.99 -29.14
C THR C 193 -17.79 16.17 -28.16
N THR C 194 -18.05 16.77 -27.00
CA THR C 194 -17.01 17.06 -26.03
CA THR C 194 -17.02 17.06 -26.01
C THR C 194 -16.70 15.88 -25.11
N LEU C 195 -17.56 14.86 -25.09
CA LEU C 195 -17.42 13.78 -24.12
C LEU C 195 -16.00 13.21 -24.09
N GLU C 196 -15.44 12.89 -25.25
CA GLU C 196 -14.10 12.30 -25.33
CA GLU C 196 -14.10 12.29 -25.33
C GLU C 196 -12.98 13.30 -25.12
N HIS C 197 -13.28 14.58 -24.97
CA HIS C 197 -12.24 15.60 -24.82
C HIS C 197 -12.24 16.26 -23.45
N SER C 198 -13.11 15.82 -22.55
CA SER C 198 -13.28 16.47 -21.26
C SER C 198 -12.89 15.48 -20.15
N ASP C 199 -11.97 15.89 -19.30
CA ASP C 199 -11.56 15.05 -18.19
C ASP C 199 -12.55 15.06 -17.03
N CYS C 200 -13.38 16.10 -16.94
CA CYS C 200 -14.28 16.25 -15.82
C CYS C 200 -15.18 17.46 -16.05
N ALA C 201 -16.50 17.31 -15.85
CA ALA C 201 -17.46 18.39 -16.08
C ALA C 201 -18.33 18.61 -14.85
N PHE C 202 -18.49 19.88 -14.47
CA PHE C 202 -19.37 20.26 -13.38
C PHE C 202 -20.60 20.90 -14.00
N MET C 203 -21.72 20.17 -14.01
CA MET C 203 -22.97 20.75 -14.48
C MET C 203 -23.64 21.57 -13.40
N VAL C 204 -24.14 22.75 -13.77
CA VAL C 204 -24.99 23.55 -12.90
C VAL C 204 -26.35 23.65 -13.56
N ASP C 205 -27.33 22.95 -13.01
CA ASP C 205 -28.71 23.04 -13.47
C ASP C 205 -29.29 24.42 -13.14
N ASN C 206 -29.72 25.16 -14.15
CA ASN C 206 -30.31 26.46 -13.86
C ASN C 206 -31.55 26.33 -12.99
N GLU C 207 -32.32 25.24 -13.14
CA GLU C 207 -33.52 25.08 -12.33
C GLU C 207 -33.19 24.88 -10.85
N ALA C 208 -32.08 24.21 -10.56
CA ALA C 208 -31.64 24.05 -9.18
C ALA C 208 -31.19 25.38 -8.59
N ILE C 209 -30.30 26.09 -9.28
CA ILE C 209 -29.83 27.38 -8.80
C ILE C 209 -31.01 28.34 -8.60
N TYR C 210 -31.95 28.33 -9.56
CA TYR C 210 -33.12 29.20 -9.47
C TYR C 210 -33.94 28.90 -8.22
N ASP C 211 -34.20 27.63 -7.95
CA ASP C 211 -35.01 27.25 -6.77
C ASP C 211 -34.26 27.60 -5.48
N ILE C 212 -32.94 27.40 -5.43
CA ILE C 212 -32.17 27.76 -4.24
C ILE C 212 -32.26 29.26 -3.98
N CYS C 213 -32.10 30.08 -5.03
CA CYS C 213 -32.16 31.53 -4.84
C CYS C 213 -33.50 31.98 -4.32
N ARG C 214 -34.55 31.21 -4.59
CA ARG C 214 -35.87 31.60 -4.11
C ARG C 214 -36.07 31.15 -2.68
N ARG C 215 -35.97 29.84 -2.41
CA ARG C 215 -36.19 29.31 -1.08
C ARG C 215 -35.21 29.92 -0.07
N ASN C 216 -33.92 29.77 -0.35
CA ASN C 216 -32.91 30.07 0.66
C ASN C 216 -32.57 31.56 0.73
N LEU C 217 -32.62 32.26 -0.39
CA LEU C 217 -32.23 33.66 -0.39
C LEU C 217 -33.41 34.63 -0.42
N ASP C 218 -34.64 34.14 -0.50
CA ASP C 218 -35.83 35.00 -0.45
C ASP C 218 -35.81 36.03 -1.57
N ILE C 219 -35.71 35.52 -2.80
CA ILE C 219 -35.67 36.35 -4.00
C ILE C 219 -36.84 35.94 -4.89
N GLU C 220 -37.82 36.84 -5.06
CA GLU C 220 -39.04 36.49 -5.76
C GLU C 220 -38.75 35.94 -7.15
N ARG C 221 -38.09 36.74 -7.97
CA ARG C 221 -37.74 36.28 -9.34
C ARG C 221 -36.24 36.47 -9.57
N PRO C 222 -35.39 35.43 -9.36
CA PRO C 222 -33.95 35.59 -9.53
C PRO C 222 -33.61 35.92 -10.98
N THR C 223 -32.56 36.73 -11.11
CA THR C 223 -32.02 37.12 -12.41
C THR C 223 -30.72 36.35 -12.66
N TYR C 224 -30.12 36.64 -13.81
CA TYR C 224 -28.80 36.08 -14.10
C TYR C 224 -27.78 36.54 -13.06
N THR C 225 -27.87 37.81 -12.64
CA THR C 225 -26.93 38.29 -11.64
C THR C 225 -27.09 37.51 -10.33
N ASN C 226 -28.32 37.13 -10.01
CA ASN C 226 -28.55 36.34 -8.80
C ASN C 226 -27.93 34.95 -8.92
N LEU C 227 -28.17 34.28 -10.06
CA LEU C 227 -27.67 32.92 -10.24
C LEU C 227 -26.15 32.89 -10.29
N ASN C 228 -25.52 33.84 -10.99
CA ASN C 228 -24.09 33.73 -11.21
C ASN C 228 -23.32 33.92 -9.91
N ARG C 229 -23.76 34.85 -9.05
CA ARG C 229 -23.09 35.05 -7.77
C ARG C 229 -23.07 33.79 -6.94
N LEU C 230 -24.14 33.01 -7.03
CA LEU C 230 -24.14 31.72 -6.34
C LEU C 230 -23.25 30.72 -7.08
N ILE C 231 -23.35 30.67 -8.41
CA ILE C 231 -22.49 29.75 -9.17
C ILE C 231 -21.03 30.02 -8.85
N SER C 232 -20.64 31.29 -8.77
CA SER C 232 -19.23 31.61 -8.57
C SER C 232 -18.73 31.13 -7.22
N GLN C 233 -19.60 31.10 -6.20
CA GLN C 233 -19.19 30.53 -4.92
C GLN C 233 -18.80 29.06 -5.08
N ILE C 234 -19.61 28.29 -5.81
CA ILE C 234 -19.25 26.89 -6.07
C ILE C 234 -17.93 26.82 -6.84
N VAL C 235 -17.82 27.62 -7.90
CA VAL C 235 -16.58 27.60 -8.68
C VAL C 235 -15.39 27.98 -7.79
N SER C 236 -15.62 28.85 -6.80
CA SER C 236 -14.52 29.30 -5.96
C SER C 236 -14.08 28.20 -5.01
N SER C 237 -15.05 27.47 -4.46
CA SER C 237 -14.72 26.36 -3.56
C SER C 237 -13.91 25.29 -4.27
N ILE C 238 -14.24 25.01 -5.55
CA ILE C 238 -13.57 23.95 -6.29
C ILE C 238 -12.13 24.34 -6.62
N THR C 239 -11.91 25.58 -7.02
CA THR C 239 -10.58 26.07 -7.34
C THR C 239 -9.80 26.56 -6.13
N ALA C 240 -10.47 26.73 -4.98
CA ALA C 240 -9.78 27.23 -3.80
C ALA C 240 -8.53 26.43 -3.51
N SER C 241 -8.59 25.12 -3.70
CA SER C 241 -7.41 24.27 -3.50
C SER C 241 -6.25 24.68 -4.41
N LEU C 242 -6.54 25.25 -5.59
CA LEU C 242 -5.48 25.64 -6.52
C LEU C 242 -4.90 27.02 -6.20
N ARG C 243 -5.69 27.92 -5.62
CA ARG C 243 -5.30 29.31 -5.43
C ARG C 243 -4.76 29.61 -4.02
N PHE C 244 -5.04 28.75 -3.04
CA PHE C 244 -4.63 28.96 -1.65
C PHE C 244 -3.74 27.82 -1.15
N ASP C 245 -2.74 28.18 -0.36
CA ASP C 245 -1.88 27.21 0.29
C ASP C 245 -2.41 26.92 1.69
N GLY C 246 -2.20 25.68 2.14
CA GLY C 246 -2.67 25.30 3.46
C GLY C 246 -2.20 23.94 3.97
N ALA C 247 -2.01 23.84 5.28
CA ALA C 247 -1.57 22.59 5.87
C ALA C 247 -2.52 21.45 5.54
N LEU C 248 -3.83 21.70 5.65
CA LEU C 248 -4.81 20.59 5.48
C LEU C 248 -5.55 20.68 4.14
N ASN C 249 -5.05 21.49 3.22
CA ASN C 249 -5.72 21.67 1.90
C ASN C 249 -5.35 20.52 0.96
N VAL C 250 -6.31 19.99 0.22
CA VAL C 250 -6.04 18.90 -0.75
C VAL C 250 -6.17 19.49 -2.16
N ASP C 251 -5.31 19.08 -3.07
CA ASP C 251 -5.34 19.59 -4.47
C ASP C 251 -6.54 18.98 -5.19
N LEU C 252 -7.09 19.71 -6.15
CA LEU C 252 -8.27 19.25 -6.89
C LEU C 252 -7.96 18.06 -7.79
N THR C 253 -6.72 17.96 -8.27
CA THR C 253 -6.33 16.79 -9.04
C THR C 253 -6.26 15.52 -8.19
N GLU C 254 -6.26 15.65 -6.87
CA GLU C 254 -6.32 14.49 -5.99
C GLU C 254 -7.76 14.01 -5.81
N PHE C 255 -8.70 14.94 -5.66
CA PHE C 255 -10.11 14.59 -5.74
C PHE C 255 -10.45 14.00 -7.10
N GLN C 256 -9.83 14.54 -8.16
CA GLN C 256 -10.16 14.11 -9.50
C GLN C 256 -9.89 12.62 -9.69
N THR C 257 -8.89 12.10 -8.98
CA THR C 257 -8.62 10.67 -9.03
C THR C 257 -9.73 9.86 -8.41
N ASN C 258 -10.37 10.40 -7.38
CA ASN C 258 -11.40 9.61 -6.67
C ASN C 258 -12.76 9.89 -7.30
N LEU C 259 -12.86 10.95 -8.11
CA LEU C 259 -14.18 11.35 -8.66
C LEU C 259 -14.39 10.83 -10.08
N VAL C 260 -13.41 10.15 -10.67
CA VAL C 260 -13.54 9.61 -12.05
C VAL C 260 -13.15 8.13 -12.06
N PRO C 261 -14.13 7.21 -11.91
CA PRO C 261 -13.84 5.79 -11.88
C PRO C 261 -13.53 5.29 -13.28
N TYR C 262 -14.19 5.86 -14.28
CA TYR C 262 -14.01 5.50 -15.67
C TYR C 262 -14.08 6.77 -16.50
N PRO C 263 -13.49 6.77 -17.70
CA PRO C 263 -13.38 8.03 -18.44
C PRO C 263 -14.71 8.70 -18.70
N ARG C 264 -15.73 7.94 -19.10
CA ARG C 264 -17.01 8.59 -19.45
C ARG C 264 -17.82 9.01 -18.23
N ILE C 265 -17.55 8.42 -17.06
CA ILE C 265 -18.28 8.78 -15.86
C ILE C 265 -17.55 9.92 -15.17
N HIS C 266 -17.55 11.10 -15.79
CA HIS C 266 -16.78 12.21 -15.25
C HIS C 266 -17.65 13.42 -14.94
N PHE C 267 -18.88 13.19 -14.43
CA PHE C 267 -19.81 14.27 -14.12
C PHE C 267 -20.16 14.30 -12.64
N PRO C 268 -19.34 14.96 -11.80
CA PRO C 268 -19.65 15.03 -10.36
C PRO C 268 -20.86 15.90 -10.08
N LEU C 269 -21.51 15.62 -8.94
CA LEU C 269 -22.65 16.39 -8.44
C LEU C 269 -22.15 17.32 -7.34
N ALA C 270 -22.37 18.61 -7.51
CA ALA C 270 -21.93 19.61 -6.54
C ALA C 270 -23.07 20.03 -5.62
N THR C 271 -22.75 20.19 -4.35
CA THR C 271 -23.65 20.73 -3.35
C THR C 271 -22.91 21.79 -2.56
N TYR C 272 -23.62 22.79 -2.10
CA TYR C 272 -22.99 23.90 -1.40
C TYR C 272 -23.84 24.28 -0.22
N ALA C 273 -23.19 24.69 0.87
CA ALA C 273 -23.87 24.98 2.12
C ALA C 273 -22.96 25.87 2.97
N PRO C 274 -23.50 26.89 3.65
CA PRO C 274 -24.90 27.34 3.68
C PRO C 274 -25.24 28.41 2.67
N VAL C 275 -26.41 28.32 2.05
CA VAL C 275 -26.92 29.42 1.22
C VAL C 275 -28.03 30.09 2.01
N ILE C 276 -27.67 31.09 2.80
CA ILE C 276 -28.59 31.71 3.73
C ILE C 276 -28.56 33.21 3.48
N SER C 277 -29.60 33.90 3.94
CA SER C 277 -29.68 35.33 3.76
C SER C 277 -29.27 36.07 5.04
N ALA C 278 -28.88 37.33 4.88
CA ALA C 278 -28.45 38.10 6.04
C ALA C 278 -29.56 38.20 7.05
N GLU C 279 -30.80 38.32 6.59
CA GLU C 279 -31.91 38.34 7.55
C GLU C 279 -31.92 37.08 8.41
N LYS C 280 -31.68 35.91 7.80
CA LYS C 280 -31.72 34.65 8.52
C LYS C 280 -30.40 34.35 9.21
N ALA C 281 -29.29 34.81 8.66
CA ALA C 281 -27.98 34.55 9.26
C ALA C 281 -27.76 35.35 10.53
N TYR C 282 -28.47 36.47 10.69
CA TYR C 282 -28.33 37.26 11.89
C TYR C 282 -28.65 36.45 13.13
N HIS C 283 -29.61 35.52 13.01
CA HIS C 283 -30.01 34.68 14.15
C HIS C 283 -29.18 33.41 14.22
N GLU C 284 -29.36 32.52 13.25
CA GLU C 284 -28.66 31.24 13.25
C GLU C 284 -27.16 31.41 13.09
N GLN C 285 -26.40 30.68 13.90
CA GLN C 285 -24.99 30.40 13.66
C GLN C 285 -24.87 28.95 13.29
N LEU C 286 -24.33 28.66 12.11
CA LEU C 286 -24.36 27.33 11.53
C LEU C 286 -23.02 26.63 11.74
N SER C 287 -23.06 25.46 12.37
CA SER C 287 -21.88 24.73 12.74
C SER C 287 -21.38 23.86 11.58
N VAL C 288 -20.21 23.25 11.78
CA VAL C 288 -19.76 22.26 10.81
C VAL C 288 -20.77 21.13 10.69
N ALA C 289 -21.40 20.75 11.81
CA ALA C 289 -22.35 19.65 11.79
C ALA C 289 -23.55 19.99 10.92
N GLU C 290 -24.00 21.24 11.00
CA GLU C 290 -25.21 21.62 10.28
C GLU C 290 -24.95 21.74 8.79
N ILE C 291 -23.85 22.40 8.41
CA ILE C 291 -23.59 22.61 7.00
C ILE C 291 -23.24 21.29 6.31
N THR C 292 -22.54 20.39 7.01
CA THR C 292 -22.28 19.07 6.44
C THR C 292 -23.58 18.34 6.17
N ASN C 293 -24.44 18.23 7.19
CA ASN C 293 -25.74 17.58 7.00
CA ASN C 293 -25.74 17.59 7.01
C ASN C 293 -26.47 18.18 5.81
N ALA C 294 -26.40 19.50 5.65
CA ALA C 294 -27.12 20.17 4.58
C ALA C 294 -26.70 19.71 3.20
N CYS C 295 -25.48 19.18 3.05
CA CYS C 295 -25.01 18.71 1.75
CA CYS C 295 -25.04 18.73 1.74
C CYS C 295 -25.78 17.48 1.27
N PHE C 296 -26.39 16.73 2.18
CA PHE C 296 -27.11 15.53 1.82
C PHE C 296 -28.61 15.78 1.68
N GLU C 297 -29.03 17.05 1.69
CA GLU C 297 -30.41 17.38 1.37
C GLU C 297 -30.57 17.53 -0.14
N PRO C 298 -31.45 16.76 -0.78
CA PRO C 298 -31.58 16.86 -2.26
C PRO C 298 -31.75 18.27 -2.77
N ALA C 299 -32.40 19.15 -2.02
CA ALA C 299 -32.70 20.48 -2.52
C ALA C 299 -31.50 21.44 -2.52
N ASN C 300 -30.32 21.02 -2.06
CA ASN C 300 -29.16 21.90 -2.09
C ASN C 300 -28.18 21.55 -3.19
N GLN C 301 -28.64 20.89 -4.25
CA GLN C 301 -27.75 20.34 -5.26
C GLN C 301 -27.75 21.14 -6.55
N MET C 302 -26.57 21.34 -7.12
CA MET C 302 -26.46 22.11 -8.36
C MET C 302 -27.16 21.42 -9.51
N VAL C 303 -27.49 20.15 -9.38
CA VAL C 303 -28.24 19.42 -10.40
C VAL C 303 -29.41 18.71 -9.73
N LYS C 304 -30.60 18.83 -10.33
CA LYS C 304 -31.84 18.31 -9.76
C LYS C 304 -31.92 16.80 -10.03
N CYS C 305 -31.67 16.01 -8.99
CA CYS C 305 -31.77 14.55 -9.03
C CYS C 305 -31.94 14.05 -7.60
N ASP C 306 -32.19 12.76 -7.45
CA ASP C 306 -32.39 12.21 -6.11
C ASP C 306 -31.31 11.20 -5.75
N PRO C 307 -30.28 11.60 -5.02
CA PRO C 307 -29.19 10.66 -4.68
C PRO C 307 -29.64 9.47 -3.86
N ARG C 308 -30.75 9.57 -3.12
CA ARG C 308 -31.25 8.42 -2.38
C ARG C 308 -31.61 7.28 -3.32
N HIS C 309 -31.89 7.58 -4.58
CA HIS C 309 -32.30 6.58 -5.56
C HIS C 309 -31.15 6.14 -6.43
N GLY C 310 -29.92 6.40 -5.99
CA GLY C 310 -28.74 6.00 -6.73
C GLY C 310 -27.72 5.40 -5.78
N LYS C 311 -26.48 5.29 -6.22
CA LYS C 311 -25.39 4.78 -5.41
C LYS C 311 -24.21 5.71 -5.59
N TYR C 312 -23.45 5.87 -4.52
CA TYR C 312 -22.29 6.73 -4.54
C TYR C 312 -21.08 5.96 -5.02
N MET C 313 -20.22 6.66 -5.74
CA MET C 313 -18.92 6.16 -6.15
C MET C 313 -17.77 6.97 -5.56
N ALA C 314 -18.06 8.10 -4.92
CA ALA C 314 -17.05 8.99 -4.36
C ALA C 314 -17.73 10.16 -3.67
N CYS C 315 -17.19 10.62 -2.55
CA CYS C 315 -17.73 11.78 -1.84
CA CYS C 315 -17.73 11.77 -1.83
C CYS C 315 -16.58 12.61 -1.28
N CYS C 316 -16.47 13.84 -1.78
CA CYS C 316 -15.40 14.74 -1.36
C CYS C 316 -16.02 15.95 -0.68
N LEU C 317 -15.60 16.22 0.54
CA LEU C 317 -16.05 17.40 1.27
C LEU C 317 -14.94 18.44 1.22
N LEU C 318 -15.24 19.60 0.67
CA LEU C 318 -14.28 20.69 0.56
C LEU C 318 -14.75 21.78 1.53
N TYR C 319 -14.06 21.88 2.68
CA TYR C 319 -14.39 22.88 3.68
C TYR C 319 -13.50 24.10 3.51
N ARG C 320 -14.06 25.28 3.83
CA ARG C 320 -13.26 26.48 3.91
C ARG C 320 -13.77 27.34 5.06
N GLY C 321 -12.84 27.91 5.83
CA GLY C 321 -13.20 28.78 6.92
C GLY C 321 -12.86 28.20 8.27
N ASP C 322 -13.60 28.62 9.30
CA ASP C 322 -13.37 28.19 10.67
C ASP C 322 -13.85 26.75 10.84
N VAL C 323 -13.00 25.81 10.42
CA VAL C 323 -13.32 24.38 10.38
C VAL C 323 -12.10 23.60 10.81
N VAL C 324 -12.29 22.63 11.71
CA VAL C 324 -11.18 21.77 12.14
C VAL C 324 -11.54 20.30 12.03
N PRO C 325 -10.56 19.44 11.80
CA PRO C 325 -10.86 18.03 11.55
C PRO C 325 -11.71 17.38 12.61
N LYS C 326 -11.47 17.68 13.90
CA LYS C 326 -12.24 17.02 14.95
C LYS C 326 -13.74 17.12 14.68
N ASP C 327 -14.20 18.30 14.26
CA ASP C 327 -15.62 18.49 14.00
C ASP C 327 -16.05 17.80 12.73
N VAL C 328 -15.27 17.94 11.66
CA VAL C 328 -15.59 17.23 10.42
C VAL C 328 -15.86 15.76 10.70
N ASN C 329 -14.89 15.10 11.33
CA ASN C 329 -15.07 13.66 11.58
C ASN C 329 -16.31 13.38 12.41
N ALA C 330 -16.47 14.10 13.52
CA ALA C 330 -17.67 13.94 14.33
C ALA C 330 -18.93 14.08 13.48
N ALA C 331 -18.97 15.08 12.60
CA ALA C 331 -20.12 15.29 11.72
C ALA C 331 -20.35 14.10 10.81
N ILE C 332 -19.30 13.66 10.10
CA ILE C 332 -19.45 12.59 9.12
C ILE C 332 -19.97 11.32 9.77
N ALA C 333 -19.59 11.07 11.03
CA ALA C 333 -20.07 9.86 11.71
C ALA C 333 -21.57 9.94 11.95
N THR C 334 -22.07 11.11 12.34
CA THR C 334 -23.51 11.32 12.47
C THR C 334 -24.23 11.02 11.17
N ILE C 335 -23.86 11.74 10.09
CA ILE C 335 -24.45 11.49 8.77
C ILE C 335 -24.36 10.02 8.42
N LYS C 336 -23.24 9.38 8.73
CA LYS C 336 -22.99 7.99 8.32
C LYS C 336 -23.97 7.01 8.95
N THR C 337 -24.84 7.46 9.85
CA THR C 337 -25.83 6.58 10.46
C THR C 337 -27.27 7.04 10.27
N LYS C 338 -27.51 8.33 10.00
CA LYS C 338 -28.87 8.84 9.85
C LYS C 338 -29.33 8.93 8.42
N ARG C 339 -28.43 8.67 7.46
CA ARG C 339 -28.80 8.90 6.06
C ARG C 339 -28.61 7.63 5.22
N SER C 340 -29.14 7.65 4.01
CA SER C 340 -29.04 6.48 3.10
C SER C 340 -27.85 6.68 2.17
N ILE C 341 -26.64 6.77 2.72
CA ILE C 341 -25.47 6.85 1.80
C ILE C 341 -25.14 5.42 1.37
N GLN C 342 -25.74 4.97 0.26
CA GLN C 342 -25.44 3.63 -0.27
C GLN C 342 -24.32 3.75 -1.29
N PHE C 343 -23.24 3.00 -1.10
CA PHE C 343 -22.08 3.08 -1.98
C PHE C 343 -22.10 1.89 -2.94
N VAL C 344 -21.40 2.02 -4.06
CA VAL C 344 -21.21 0.82 -4.89
C VAL C 344 -20.27 -0.15 -4.18
N ASP C 345 -20.35 -1.42 -4.57
CA ASP C 345 -19.60 -2.43 -3.82
C ASP C 345 -18.13 -2.45 -4.20
N TRP C 346 -17.71 -1.75 -5.24
CA TRP C 346 -16.37 -1.90 -5.75
C TRP C 346 -15.45 -0.72 -5.40
N CYS C 347 -15.84 0.11 -4.44
CA CYS C 347 -14.93 1.17 -4.00
C CYS C 347 -15.20 1.50 -2.55
N PRO C 348 -14.18 1.92 -1.81
CA PRO C 348 -14.35 2.13 -0.36
C PRO C 348 -15.44 3.16 -0.08
N THR C 349 -15.98 3.08 1.14
CA THR C 349 -17.07 3.95 1.58
C THR C 349 -16.58 5.15 2.40
N GLY C 350 -15.39 5.68 2.10
CA GLY C 350 -14.87 6.81 2.84
C GLY C 350 -15.40 8.13 2.34
N PHE C 351 -14.98 9.19 3.03
CA PHE C 351 -15.21 10.56 2.60
C PHE C 351 -13.86 11.26 2.58
N LYS C 352 -13.52 11.86 1.45
CA LYS C 352 -12.26 12.58 1.30
C LYS C 352 -12.51 14.04 1.62
N VAL C 353 -11.65 14.61 2.48
CA VAL C 353 -11.91 15.90 3.12
C VAL C 353 -10.73 16.84 2.88
N GLY C 354 -11.01 18.01 2.33
CA GLY C 354 -10.00 19.06 2.35
C GLY C 354 -10.51 20.22 3.17
N ILE C 355 -9.59 21.05 3.68
CA ILE C 355 -9.99 22.18 4.53
C ILE C 355 -9.14 23.38 4.14
N ASN C 356 -9.76 24.42 3.63
CA ASN C 356 -9.08 25.67 3.30
CA ASN C 356 -9.06 25.66 3.31
C ASN C 356 -9.34 26.67 4.42
N TYR C 357 -8.28 27.32 4.91
CA TYR C 357 -8.46 28.18 6.07
C TYR C 357 -9.04 29.53 5.71
N GLN C 358 -8.77 30.01 4.50
CA GLN C 358 -9.34 31.28 4.06
CA GLN C 358 -9.33 31.29 4.09
C GLN C 358 -10.85 31.19 4.06
N PRO C 359 -11.56 32.08 4.75
CA PRO C 359 -13.03 31.96 4.87
C PRO C 359 -13.74 32.49 3.64
N PRO C 360 -15.02 32.17 3.49
CA PRO C 360 -15.75 32.59 2.29
C PRO C 360 -15.83 34.10 2.22
N THR C 361 -15.82 34.60 0.99
CA THR C 361 -16.06 36.02 0.76
C THR C 361 -17.41 36.19 0.12
N VAL C 362 -17.92 37.41 0.17
CA VAL C 362 -19.15 37.78 -0.50
C VAL C 362 -18.89 39.09 -1.22
N VAL C 363 -19.48 39.23 -2.40
CA VAL C 363 -19.33 40.49 -3.14
C VAL C 363 -20.15 41.56 -2.44
N PRO C 364 -19.68 42.80 -2.34
CA PRO C 364 -20.51 43.86 -1.76
C PRO C 364 -21.80 44.04 -2.54
N GLY C 365 -22.91 44.11 -1.82
CA GLY C 365 -24.21 44.20 -2.46
C GLY C 365 -24.76 42.88 -2.98
N GLY C 366 -24.22 41.75 -2.51
CA GLY C 366 -24.72 40.44 -2.88
C GLY C 366 -25.86 40.01 -1.99
N ASP C 367 -26.34 38.79 -2.25
CA ASP C 367 -27.51 38.28 -1.55
C ASP C 367 -27.16 37.26 -0.48
N LEU C 368 -25.92 36.77 -0.46
CA LEU C 368 -25.48 35.76 0.50
C LEU C 368 -25.01 36.45 1.78
N ALA C 369 -25.37 35.86 2.92
CA ALA C 369 -24.87 36.35 4.19
C ALA C 369 -23.40 35.98 4.34
N LYS C 370 -22.66 36.81 5.07
CA LYS C 370 -21.26 36.51 5.33
C LYS C 370 -21.18 35.49 6.46
N VAL C 371 -20.50 34.37 6.21
CA VAL C 371 -20.47 33.25 7.14
C VAL C 371 -19.04 32.88 7.44
N GLN C 372 -18.84 32.22 8.59
CA GLN C 372 -17.51 31.87 9.04
C GLN C 372 -16.99 30.57 8.47
N ARG C 373 -17.87 29.74 7.91
CA ARG C 373 -17.48 28.42 7.44
C ARG C 373 -18.48 27.94 6.40
N ALA C 374 -17.97 27.40 5.30
CA ALA C 374 -18.78 26.86 4.23
C ALA C 374 -18.23 25.48 3.84
N VAL C 375 -19.02 24.74 3.08
CA VAL C 375 -18.59 23.44 2.56
C VAL C 375 -19.20 23.25 1.18
N CYS C 376 -18.44 22.60 0.31
CA CYS C 376 -18.90 22.17 -1.00
C CYS C 376 -18.61 20.69 -1.15
N MET C 377 -19.65 19.90 -1.38
CA MET C 377 -19.50 18.47 -1.54
C MET C 377 -19.46 18.14 -3.02
N LEU C 378 -18.41 17.45 -3.44
CA LEU C 378 -18.30 16.91 -4.78
C LEU C 378 -18.51 15.40 -4.65
N SER C 379 -19.65 14.93 -5.12
CA SER C 379 -19.95 13.51 -5.07
C SER C 379 -20.19 13.00 -6.48
N ASN C 380 -19.81 11.75 -6.71
CA ASN C 380 -20.05 11.05 -7.96
C ASN C 380 -21.14 10.01 -7.71
N THR C 381 -22.34 10.27 -8.23
CA THR C 381 -23.49 9.42 -7.96
C THR C 381 -24.22 9.09 -9.24
N THR C 382 -24.60 7.82 -9.38
CA THR C 382 -25.42 7.40 -10.50
C THR C 382 -26.70 8.21 -10.59
N ALA C 383 -27.15 8.78 -9.47
CA ALA C 383 -28.36 9.60 -9.48
C ALA C 383 -28.33 10.67 -10.57
N ILE C 384 -27.15 11.16 -10.94
CA ILE C 384 -27.07 12.27 -11.87
C ILE C 384 -27.51 11.88 -13.28
N ALA C 385 -27.65 10.60 -13.57
CA ALA C 385 -28.12 10.24 -14.88
C ALA C 385 -29.55 10.72 -15.10
N GLU C 386 -30.26 11.04 -14.02
CA GLU C 386 -31.61 11.60 -14.18
C GLU C 386 -31.59 12.84 -15.06
N ALA C 387 -30.55 13.66 -14.94
CA ALA C 387 -30.51 14.84 -15.79
C ALA C 387 -30.37 14.44 -17.25
N TRP C 388 -29.54 13.44 -17.54
CA TRP C 388 -29.45 12.94 -18.91
C TRP C 388 -30.81 12.49 -19.40
N ALA C 389 -31.53 11.72 -18.59
CA ALA C 389 -32.82 11.20 -19.04
C ALA C 389 -33.79 12.33 -19.38
N ARG C 390 -33.93 13.32 -18.49
CA ARG C 390 -34.85 14.42 -18.74
C ARG C 390 -34.51 15.12 -20.04
N LEU C 391 -33.23 15.44 -20.25
CA LEU C 391 -32.80 16.12 -21.47
C LEU C 391 -32.98 15.22 -22.69
N ASP C 392 -32.71 13.92 -22.54
CA ASP C 392 -32.89 13.01 -23.67
C ASP C 392 -34.35 12.89 -24.10
N HIS C 393 -35.29 12.95 -23.16
CA HIS C 393 -36.69 12.81 -23.54
C HIS C 393 -37.17 14.00 -24.36
N LYS C 394 -36.81 15.22 -23.96
CA LYS C 394 -37.17 16.40 -24.74
C LYS C 394 -36.59 16.32 -26.15
N PHE C 395 -35.31 16.00 -26.25
CA PHE C 395 -34.69 15.71 -27.54
C PHE C 395 -35.54 14.74 -28.37
N ASP C 396 -35.96 13.62 -27.77
CA ASP C 396 -36.71 12.64 -28.53
C ASP C 396 -38.06 13.17 -28.98
N LEU C 397 -38.75 13.93 -28.11
CA LEU C 397 -40.07 14.44 -28.46
C LEU C 397 -40.02 15.22 -29.76
N MET C 398 -39.09 16.17 -29.84
CA MET C 398 -38.96 16.97 -31.05
C MET C 398 -38.36 16.17 -32.20
N TYR C 399 -37.26 15.46 -31.95
CA TYR C 399 -36.56 14.81 -33.06
C TYR C 399 -37.45 13.77 -33.75
N ALA C 400 -38.42 13.20 -33.04
CA ALA C 400 -39.32 12.24 -33.66
C ALA C 400 -40.10 12.86 -34.80
N LYS C 401 -40.29 14.18 -34.79
CA LYS C 401 -40.95 14.89 -35.88
C LYS C 401 -39.99 15.78 -36.65
N ARG C 402 -38.69 15.70 -36.39
CA ARG C 402 -37.67 16.51 -37.04
C ARG C 402 -37.90 18.01 -36.85
N ALA C 403 -38.59 18.39 -35.78
CA ALA C 403 -38.88 19.78 -35.54
C ALA C 403 -37.59 20.57 -35.40
N PHE C 404 -37.47 21.64 -36.19
CA PHE C 404 -36.35 22.57 -36.21
C PHE C 404 -35.09 21.96 -36.80
N VAL C 405 -35.12 20.69 -37.22
CA VAL C 405 -33.89 20.09 -37.73
C VAL C 405 -33.42 20.80 -38.99
N HIS C 406 -34.35 21.39 -39.75
CA HIS C 406 -33.95 22.04 -40.99
C HIS C 406 -33.01 23.22 -40.73
N TRP C 407 -33.13 23.87 -39.57
CA TRP C 407 -32.20 24.96 -39.29
C TRP C 407 -30.78 24.43 -39.22
N TYR C 408 -30.58 23.23 -38.67
CA TYR C 408 -29.25 22.67 -38.54
C TYR C 408 -28.74 22.15 -39.87
N VAL C 409 -29.60 21.49 -40.64
CA VAL C 409 -29.17 20.98 -41.93
C VAL C 409 -28.89 22.12 -42.90
N GLY C 410 -29.59 23.24 -42.76
CA GLY C 410 -29.32 24.38 -43.62
C GLY C 410 -27.92 24.90 -43.46
N GLU C 411 -27.33 24.73 -42.29
CA GLU C 411 -25.98 25.20 -42.03
C GLU C 411 -24.91 24.16 -42.37
N GLY C 412 -25.30 22.92 -42.66
CA GLY C 412 -24.34 21.95 -43.13
C GLY C 412 -24.32 20.63 -42.38
N MET C 413 -25.16 20.49 -41.35
CA MET C 413 -25.19 19.24 -40.60
C MET C 413 -26.09 18.21 -41.30
N GLU C 414 -25.87 16.94 -40.94
CA GLU C 414 -26.63 15.82 -41.45
C GLU C 414 -27.46 15.19 -40.34
N GLU C 415 -28.66 14.74 -40.68
CA GLU C 415 -29.48 14.05 -39.70
C GLU C 415 -28.68 12.96 -39.00
N GLY C 416 -27.71 12.37 -39.70
CA GLY C 416 -26.90 11.34 -39.08
C GLY C 416 -26.20 11.83 -37.83
N GLU C 417 -25.73 13.07 -37.82
CA GLU C 417 -25.10 13.60 -36.62
C GLU C 417 -26.07 13.65 -35.44
N PHE C 418 -27.36 13.88 -35.70
CA PHE C 418 -28.31 13.89 -34.60
C PHE C 418 -28.44 12.51 -33.97
N SER C 419 -28.73 11.49 -34.79
CA SER C 419 -28.92 10.16 -34.24
C SER C 419 -27.64 9.64 -33.61
N GLU C 420 -26.50 10.01 -34.16
CA GLU C 420 -25.23 9.60 -33.57
C GLU C 420 -25.08 10.17 -32.18
N ALA C 421 -25.26 11.47 -32.03
CA ALA C 421 -25.21 12.10 -30.71
C ALA C 421 -26.18 11.41 -29.75
N ARG C 422 -27.41 11.19 -30.20
CA ARG C 422 -28.40 10.59 -29.32
C ARG C 422 -27.97 9.20 -28.87
N GLU C 423 -27.48 8.38 -29.80
CA GLU C 423 -27.11 7.02 -29.42
C GLU C 423 -25.98 7.02 -28.38
N ASP C 424 -25.08 7.99 -28.50
CA ASP C 424 -24.07 8.14 -27.47
C ASP C 424 -24.71 8.39 -26.13
N MET C 425 -25.57 9.43 -26.04
CA MET C 425 -26.34 9.67 -24.82
C MET C 425 -26.99 8.38 -24.32
N ALA C 426 -27.52 7.59 -25.24
CA ALA C 426 -28.12 6.31 -24.85
C ALA C 426 -27.11 5.42 -24.13
N ALA C 427 -25.94 5.22 -24.74
CA ALA C 427 -24.89 4.46 -24.08
C ALA C 427 -24.54 5.05 -22.73
N LEU C 428 -24.42 6.38 -22.66
CA LEU C 428 -24.05 7.02 -21.41
C LEU C 428 -25.05 6.69 -20.31
N GLU C 429 -26.35 6.69 -20.63
CA GLU C 429 -27.33 6.29 -19.63
C GLU C 429 -27.13 4.84 -19.20
N LYS C 430 -26.86 3.96 -20.17
CA LYS C 430 -26.62 2.56 -19.82
C LYS C 430 -25.37 2.41 -18.99
N ASP C 431 -24.34 3.22 -19.27
CA ASP C 431 -23.11 3.18 -18.49
C ASP C 431 -23.38 3.49 -17.02
N TYR C 432 -24.30 4.40 -16.76
CA TYR C 432 -24.61 4.69 -15.37
C TYR C 432 -25.37 3.55 -14.72
N GLU C 433 -26.18 2.81 -15.47
CA GLU C 433 -26.85 1.64 -14.90
C GLU C 433 -25.85 0.59 -14.46
N GLU C 434 -24.85 0.33 -15.31
CA GLU C 434 -23.96 -0.80 -15.05
C GLU C 434 -23.03 -0.55 -13.88
N VAL C 435 -22.48 0.66 -13.76
CA VAL C 435 -21.62 0.91 -12.62
C VAL C 435 -22.36 0.66 -11.32
N GLY C 436 -23.69 0.81 -11.33
CA GLY C 436 -24.47 0.62 -10.12
C GLY C 436 -24.80 -0.83 -9.79
N VAL C 437 -24.91 -1.69 -10.79
CA VAL C 437 -25.15 -3.11 -10.55
C VAL C 437 -24.02 -3.66 -9.67
N ASP C 438 -24.34 -4.69 -8.89
CA ASP C 438 -23.37 -5.29 -7.98
C ASP C 438 -22.51 -6.34 -8.67
N SER C 439 -21.30 -6.52 -8.14
CA SER C 439 -20.31 -7.43 -8.72
C SER C 439 -20.80 -8.88 -8.63
N VAL C 440 -20.13 -9.75 -9.40
CA VAL C 440 -20.43 -11.17 -9.40
C VAL C 440 -19.90 -11.84 -8.11
N MET D 1 -25.08 46.85 -34.51
CA MET D 1 -24.37 46.22 -35.61
C MET D 1 -25.28 45.23 -36.27
N ARG D 2 -26.51 45.15 -35.77
CA ARG D 2 -27.54 44.26 -36.33
C ARG D 2 -28.56 45.03 -37.16
N GLU D 3 -28.07 45.65 -38.24
CA GLU D 3 -28.92 46.52 -39.03
C GLU D 3 -29.99 45.72 -39.78
N ILE D 4 -31.13 46.36 -39.99
CA ILE D 4 -32.22 45.81 -40.79
C ILE D 4 -32.51 46.79 -41.90
N VAL D 5 -32.79 46.27 -43.10
CA VAL D 5 -33.11 47.09 -44.26
C VAL D 5 -34.62 47.02 -44.47
N HIS D 6 -35.29 48.16 -44.27
CA HIS D 6 -36.74 48.25 -44.40
C HIS D 6 -37.11 48.54 -45.85
N ILE D 7 -38.14 47.86 -46.34
CA ILE D 7 -38.63 48.05 -47.69
C ILE D 7 -40.15 48.07 -47.66
N GLN D 8 -40.76 49.11 -48.23
CA GLN D 8 -42.21 49.19 -48.32
C GLN D 8 -42.63 49.46 -49.75
N ALA D 9 -43.58 48.66 -50.23
CA ALA D 9 -43.98 48.64 -51.63
C ALA D 9 -45.49 48.70 -51.73
N GLY D 10 -45.98 49.46 -52.72
CA GLY D 10 -47.40 49.55 -52.96
C GLY D 10 -48.08 50.58 -52.07
N GLN D 11 -49.33 50.88 -52.42
CA GLN D 11 -50.14 51.80 -51.64
C GLN D 11 -50.15 51.37 -50.19
N CYS D 12 -50.75 50.22 -49.91
CA CYS D 12 -50.78 49.72 -48.53
C CYS D 12 -49.38 49.67 -47.95
N GLY D 13 -48.44 49.12 -48.70
CA GLY D 13 -47.06 49.04 -48.25
C GLY D 13 -46.53 50.34 -47.68
N ASN D 14 -46.60 51.41 -48.47
CA ASN D 14 -46.09 52.69 -47.98
C ASN D 14 -46.98 53.28 -46.89
N GLN D 15 -48.27 52.96 -46.91
CA GLN D 15 -49.17 53.52 -45.92
C GLN D 15 -48.80 52.99 -44.54
N ILE D 16 -49.01 51.69 -44.30
CA ILE D 16 -48.63 51.12 -43.02
C ILE D 16 -47.14 51.33 -42.77
N GLY D 17 -46.34 51.35 -43.84
CA GLY D 17 -44.92 51.61 -43.68
C GLY D 17 -44.65 52.97 -43.06
N ALA D 18 -45.33 54.01 -43.56
CA ALA D 18 -45.15 55.34 -43.01
C ALA D 18 -45.53 55.39 -41.54
N LYS D 19 -46.69 54.83 -41.20
CA LYS D 19 -47.10 54.78 -39.80
C LYS D 19 -46.06 54.10 -38.92
N PHE D 20 -45.48 52.99 -39.40
CA PHE D 20 -44.50 52.27 -38.60
C PHE D 20 -43.36 53.18 -38.17
N TRP D 21 -42.94 54.09 -39.06
CA TRP D 21 -41.87 55.01 -38.69
C TRP D 21 -42.36 56.12 -37.77
N GLU D 22 -43.61 56.59 -37.95
CA GLU D 22 -44.17 57.54 -37.01
C GLU D 22 -44.10 57.02 -35.58
N VAL D 23 -44.50 55.76 -35.39
CA VAL D 23 -44.66 55.23 -34.04
C VAL D 23 -43.31 54.95 -33.42
N ILE D 24 -42.42 54.25 -34.14
CA ILE D 24 -41.14 53.88 -33.53
C ILE D 24 -40.18 55.08 -33.44
N SER D 25 -40.34 56.10 -34.29
CA SER D 25 -39.60 57.35 -34.08
C SER D 25 -40.05 58.03 -32.79
N ASP D 26 -41.35 58.07 -32.55
CA ASP D 26 -41.86 58.65 -31.31
C ASP D 26 -41.32 57.91 -30.10
N GLU D 27 -41.18 56.59 -30.20
CA GLU D 27 -40.72 55.80 -29.06
C GLU D 27 -39.24 56.01 -28.78
N HIS D 28 -38.44 56.24 -29.81
CA HIS D 28 -37.01 56.44 -29.66
C HIS D 28 -36.63 57.91 -29.51
N GLY D 29 -37.61 58.82 -29.59
CA GLY D 29 -37.31 60.23 -29.41
C GLY D 29 -36.74 60.91 -30.64
N ILE D 30 -37.18 60.51 -31.83
CA ILE D 30 -36.74 61.11 -33.09
C ILE D 30 -37.86 62.03 -33.58
N ASP D 31 -37.55 63.31 -33.74
CA ASP D 31 -38.56 64.22 -34.28
C ASP D 31 -38.58 64.11 -35.79
N PRO D 32 -39.59 64.71 -36.46
CA PRO D 32 -39.64 64.63 -37.92
C PRO D 32 -38.38 65.13 -38.61
N THR D 33 -37.60 66.00 -37.95
CA THR D 33 -36.35 66.51 -38.50
C THR D 33 -35.18 65.55 -38.30
N GLY D 34 -35.42 64.37 -37.72
CA GLY D 34 -34.38 63.39 -37.48
C GLY D 34 -33.49 63.67 -36.28
N SER D 35 -33.69 64.79 -35.59
CA SER D 35 -32.89 65.11 -34.41
C SER D 35 -33.42 64.38 -33.19
N TYR D 36 -32.52 63.86 -32.37
CA TYR D 36 -32.92 63.09 -31.19
C TYR D 36 -33.32 64.04 -30.07
N HIS D 37 -34.57 63.95 -29.63
CA HIS D 37 -35.07 64.82 -28.57
C HIS D 37 -35.65 64.03 -27.41
N GLY D 38 -35.25 62.76 -27.25
CA GLY D 38 -35.71 61.93 -26.14
C GLY D 38 -34.98 62.21 -24.85
N ASP D 39 -35.34 61.44 -23.82
CA ASP D 39 -34.79 61.65 -22.49
C ASP D 39 -34.11 60.42 -21.87
N SER D 40 -34.19 59.26 -22.52
CA SER D 40 -33.61 58.03 -21.97
C SER D 40 -32.51 57.51 -22.87
N ASP D 41 -31.49 56.90 -22.25
CA ASP D 41 -30.43 56.26 -23.00
C ASP D 41 -30.85 54.95 -23.62
N LEU D 42 -31.96 54.36 -23.17
CA LEU D 42 -32.45 53.12 -23.79
C LEU D 42 -32.92 53.35 -25.22
N GLN D 43 -33.27 54.59 -25.57
CA GLN D 43 -33.81 54.86 -26.89
C GLN D 43 -32.76 54.87 -27.97
N LEU D 44 -31.49 55.09 -27.62
CA LEU D 44 -30.41 55.19 -28.60
C LEU D 44 -29.53 53.95 -28.64
N GLU D 45 -29.74 52.98 -27.76
CA GLU D 45 -28.82 51.84 -27.70
C GLU D 45 -28.93 50.98 -28.96
N ARG D 46 -30.14 50.54 -29.30
CA ARG D 46 -30.34 49.74 -30.50
C ARG D 46 -30.90 50.54 -31.66
N ILE D 47 -30.61 51.84 -31.67
CA ILE D 47 -31.17 52.72 -32.69
C ILE D 47 -30.68 52.32 -34.07
N ASN D 48 -29.42 51.91 -34.18
CA ASN D 48 -28.85 51.59 -35.47
C ASN D 48 -29.53 50.41 -36.15
N VAL D 49 -30.45 49.74 -35.47
CA VAL D 49 -31.16 48.62 -36.10
C VAL D 49 -32.01 49.13 -37.25
N TYR D 50 -32.65 50.28 -37.07
CA TYR D 50 -33.54 50.82 -38.09
C TYR D 50 -33.11 52.17 -38.61
N TYR D 51 -32.05 52.75 -38.07
CA TYR D 51 -31.66 54.11 -38.43
C TYR D 51 -30.17 54.17 -38.76
N ASN D 52 -29.83 55.01 -39.73
CA ASN D 52 -28.45 55.40 -40.00
C ASN D 52 -28.13 56.68 -39.23
N GLU D 53 -26.85 56.90 -38.97
CA GLU D 53 -26.40 58.07 -38.23
C GLU D 53 -25.75 59.03 -39.21
N ALA D 54 -26.40 60.18 -39.40
CA ALA D 54 -25.93 61.21 -40.32
C ALA D 54 -25.17 62.30 -39.55
N THR D 55 -24.45 63.12 -40.32
CA THR D 55 -23.64 64.19 -39.74
C THR D 55 -24.50 65.06 -38.83
N GLY D 56 -24.02 65.27 -37.60
CA GLY D 56 -24.73 66.10 -36.66
C GLY D 56 -25.90 65.39 -36.01
N ASN D 57 -25.63 64.19 -35.47
CA ASN D 57 -26.62 63.43 -34.71
C ASN D 57 -28.00 63.49 -35.36
N LYS D 58 -28.03 63.29 -36.67
CA LYS D 58 -29.28 63.21 -37.41
C LYS D 58 -29.51 61.75 -37.76
N TYR D 59 -30.66 61.21 -37.36
CA TYR D 59 -31.00 59.80 -37.58
C TYR D 59 -31.97 59.68 -38.75
N VAL D 60 -31.61 58.86 -39.72
CA VAL D 60 -32.38 58.67 -40.95
C VAL D 60 -32.91 57.24 -40.96
N PRO D 61 -34.21 57.04 -41.14
CA PRO D 61 -34.71 55.68 -41.31
C PRO D 61 -33.92 54.96 -42.39
N ARG D 62 -33.65 53.68 -42.18
CA ARG D 62 -32.96 52.87 -43.18
C ARG D 62 -33.99 52.16 -44.07
N ALA D 63 -34.80 52.97 -44.76
CA ALA D 63 -35.96 52.48 -45.48
C ALA D 63 -35.90 52.84 -46.97
N ILE D 64 -36.63 52.06 -47.77
CA ILE D 64 -36.64 52.21 -49.23
C ILE D 64 -38.09 52.15 -49.70
N LEU D 65 -38.58 53.24 -50.27
CA LEU D 65 -39.98 53.32 -50.67
C LEU D 65 -40.11 53.00 -52.16
N VAL D 66 -41.02 52.08 -52.48
CA VAL D 66 -41.18 51.59 -53.85
C VAL D 66 -42.66 51.57 -54.18
N ASP D 67 -42.97 51.98 -55.41
CA ASP D 67 -44.33 52.02 -55.94
C ASP D 67 -44.23 52.22 -57.44
N LEU D 68 -45.20 51.68 -58.17
CA LEU D 68 -45.23 51.84 -59.62
C LEU D 68 -46.01 53.07 -60.08
N GLU D 69 -46.43 53.90 -59.11
CA GLU D 69 -47.26 55.08 -59.39
C GLU D 69 -46.85 56.20 -58.44
N PRO D 70 -46.63 57.43 -58.91
CA PRO D 70 -46.14 58.50 -58.04
C PRO D 70 -47.23 58.96 -57.07
N GLY D 71 -48.48 58.62 -57.37
CA GLY D 71 -49.60 59.08 -56.54
C GLY D 71 -49.73 58.27 -55.26
N THR D 72 -48.79 58.45 -54.33
CA THR D 72 -48.83 57.75 -53.02
C THR D 72 -47.60 58.20 -52.25
N MET D 73 -46.42 57.93 -52.81
CA MET D 73 -45.16 58.41 -52.22
C MET D 73 -45.29 59.93 -52.17
N ASP D 74 -45.98 60.54 -53.13
CA ASP D 74 -46.30 61.98 -53.07
C ASP D 74 -46.95 62.22 -51.71
N SER D 75 -47.92 61.37 -51.36
CA SER D 75 -48.54 61.53 -50.05
C SER D 75 -47.53 61.31 -48.94
N VAL D 76 -46.75 60.23 -49.04
CA VAL D 76 -45.85 59.86 -47.95
C VAL D 76 -44.95 61.02 -47.60
N ARG D 77 -44.41 61.69 -48.61
CA ARG D 77 -43.51 62.80 -48.36
C ARG D 77 -44.23 64.05 -47.87
N SER D 78 -45.55 63.97 -47.67
CA SER D 78 -46.35 65.07 -47.12
C SER D 78 -46.74 64.84 -45.66
N GLY D 79 -46.98 63.57 -45.31
CA GLY D 79 -47.36 63.24 -43.93
C GLY D 79 -46.27 63.63 -42.95
N PRO D 80 -46.56 63.65 -41.63
CA PRO D 80 -45.52 63.93 -40.64
C PRO D 80 -44.41 62.89 -40.80
N PHE D 81 -43.17 63.30 -40.55
CA PHE D 81 -42.01 62.37 -40.69
C PHE D 81 -41.82 62.00 -42.16
N GLY D 82 -42.10 62.94 -43.07
CA GLY D 82 -41.91 62.68 -44.51
C GLY D 82 -40.57 63.20 -44.99
N GLN D 83 -39.99 64.13 -44.24
CA GLN D 83 -38.66 64.69 -44.59
C GLN D 83 -37.60 63.75 -44.02
N ILE D 84 -37.92 63.08 -42.91
CA ILE D 84 -37.00 62.12 -42.33
C ILE D 84 -36.51 61.13 -43.37
N PHE D 85 -37.36 60.79 -44.34
CA PHE D 85 -36.99 59.77 -45.30
C PHE D 85 -35.95 60.30 -46.28
N ARG D 86 -34.86 59.55 -46.40
CA ARG D 86 -33.79 59.87 -47.33
C ARG D 86 -34.33 59.98 -48.76
N PRO D 87 -34.08 61.10 -49.46
CA PRO D 87 -34.79 61.32 -50.73
C PRO D 87 -34.34 60.40 -51.87
N ASP D 88 -33.10 59.90 -51.85
CA ASP D 88 -32.69 58.94 -52.87
C ASP D 88 -33.49 57.64 -52.78
N ASN D 89 -33.86 57.23 -51.56
CA ASN D 89 -34.53 55.96 -51.32
C ASN D 89 -35.97 55.95 -51.81
N PHE D 90 -36.43 57.00 -52.47
CA PHE D 90 -37.70 56.98 -53.17
C PHE D 90 -37.48 56.46 -54.58
N VAL D 91 -38.15 55.35 -54.93
CA VAL D 91 -37.97 54.70 -56.22
C VAL D 91 -39.37 54.46 -56.77
N PHE D 92 -39.91 55.47 -57.46
CA PHE D 92 -41.31 55.43 -57.94
C PHE D 92 -41.40 55.29 -59.45
N GLY D 93 -42.33 54.47 -59.93
CA GLY D 93 -42.62 54.34 -61.34
C GLY D 93 -43.62 55.38 -61.80
N GLN D 94 -44.24 55.10 -62.95
CA GLN D 94 -45.16 56.07 -63.54
C GLN D 94 -46.43 55.42 -64.06
N SER D 95 -46.28 54.35 -64.84
CA SER D 95 -47.45 53.72 -65.45
C SER D 95 -48.48 53.30 -64.41
N GLY D 96 -48.05 52.59 -63.38
CA GLY D 96 -48.94 52.03 -62.40
C GLY D 96 -49.12 50.53 -62.59
N ALA D 97 -49.68 49.90 -61.56
CA ALA D 97 -49.84 48.45 -61.53
C ALA D 97 -51.25 47.99 -61.85
N GLY D 98 -52.25 48.81 -61.56
CA GLY D 98 -53.63 48.44 -61.86
C GLY D 98 -54.11 47.18 -61.15
N ASN D 99 -53.75 47.01 -59.88
CA ASN D 99 -54.20 45.87 -59.07
C ASN D 99 -54.08 44.56 -59.85
N ASN D 100 -53.03 44.46 -60.67
CA ASN D 100 -52.78 43.29 -61.48
C ASN D 100 -51.46 42.66 -61.07
N TRP D 101 -51.52 41.51 -60.39
CA TRP D 101 -50.31 40.86 -59.91
C TRP D 101 -49.28 40.71 -61.02
N ALA D 102 -49.72 40.24 -62.20
CA ALA D 102 -48.79 39.96 -63.30
C ALA D 102 -48.04 41.23 -63.73
N LYS D 103 -48.74 42.36 -63.79
CA LYS D 103 -48.07 43.60 -64.15
C LYS D 103 -46.97 43.93 -63.15
N GLY D 104 -47.18 43.61 -61.87
CA GLY D 104 -46.20 43.96 -60.85
C GLY D 104 -45.05 42.98 -60.77
N HIS D 105 -45.26 41.72 -61.17
CA HIS D 105 -44.25 40.69 -61.02
C HIS D 105 -43.45 40.45 -62.30
N TYR D 106 -44.11 40.48 -63.47
CA TYR D 106 -43.46 40.10 -64.72
C TYR D 106 -43.18 41.28 -65.65
N THR D 107 -44.16 42.17 -65.85
CA THR D 107 -44.03 43.16 -66.90
C THR D 107 -43.61 44.54 -66.36
N GLU D 108 -44.54 45.29 -65.77
CA GLU D 108 -44.20 46.64 -65.32
C GLU D 108 -43.15 46.61 -64.21
N GLY D 109 -43.40 45.79 -63.17
CA GLY D 109 -42.51 45.77 -62.03
C GLY D 109 -41.08 45.43 -62.39
N ALA D 110 -40.88 44.61 -63.42
CA ALA D 110 -39.51 44.23 -63.80
C ALA D 110 -38.74 45.41 -64.36
N GLU D 111 -39.42 46.31 -65.08
CA GLU D 111 -38.74 47.48 -65.62
C GLU D 111 -38.06 48.29 -64.53
N LEU D 112 -38.48 48.15 -63.28
CA LEU D 112 -38.06 49.02 -62.19
C LEU D 112 -37.30 48.31 -61.08
N VAL D 113 -37.13 46.98 -61.14
CA VAL D 113 -36.52 46.29 -60.00
C VAL D 113 -35.03 46.59 -59.92
N ASP D 114 -34.36 46.78 -61.06
CA ASP D 114 -32.95 47.12 -61.04
C ASP D 114 -32.72 48.42 -60.28
N SER D 115 -33.66 49.37 -60.39
CA SER D 115 -33.50 50.65 -59.73
C SER D 115 -33.58 50.51 -58.22
N VAL D 116 -34.55 49.72 -57.73
CA VAL D 116 -34.64 49.51 -56.30
C VAL D 116 -33.44 48.73 -55.80
N LEU D 117 -33.00 47.72 -56.57
CA LEU D 117 -31.88 46.90 -56.15
C LEU D 117 -30.67 47.74 -55.81
N ASP D 118 -30.27 48.64 -56.71
CA ASP D 118 -29.12 49.48 -56.45
C ASP D 118 -29.27 50.22 -55.12
N VAL D 119 -30.50 50.58 -54.76
CA VAL D 119 -30.71 51.28 -53.49
C VAL D 119 -30.56 50.31 -52.32
N VAL D 120 -31.06 49.09 -52.48
CA VAL D 120 -31.01 48.11 -51.38
C VAL D 120 -29.55 47.74 -51.14
N ARG D 121 -28.80 47.63 -52.24
CA ARG D 121 -27.36 47.30 -52.18
C ARG D 121 -26.65 48.45 -51.48
N LYS D 122 -26.89 49.69 -51.89
CA LYS D 122 -26.17 50.86 -51.33
C LYS D 122 -26.43 50.91 -49.83
N GLU D 123 -27.65 50.62 -49.41
CA GLU D 123 -28.03 50.69 -47.98
C GLU D 123 -27.38 49.52 -47.26
N SER D 124 -27.13 48.41 -47.95
CA SER D 124 -26.50 47.24 -47.35
C SER D 124 -25.00 47.41 -47.17
N GLU D 125 -24.29 47.94 -48.18
CA GLU D 125 -22.87 48.26 -47.99
C GLU D 125 -22.64 49.14 -46.76
N SER D 126 -23.65 49.91 -46.37
CA SER D 126 -23.54 50.80 -45.23
C SER D 126 -23.55 50.06 -43.89
N CYS D 127 -24.05 48.83 -43.85
CA CYS D 127 -24.33 48.14 -42.59
C CYS D 127 -23.09 47.45 -42.05
N ASP D 128 -22.77 47.73 -40.79
CA ASP D 128 -21.71 47.00 -40.11
C ASP D 128 -21.92 45.50 -40.21
N CYS D 129 -23.14 45.04 -39.98
CA CYS D 129 -23.42 43.61 -40.06
C CYS D 129 -24.92 43.42 -40.26
N LEU D 130 -25.32 43.20 -41.51
CA LEU D 130 -26.73 43.16 -41.86
C LEU D 130 -27.44 41.93 -41.27
N GLN D 131 -28.52 42.17 -40.52
CA GLN D 131 -29.43 41.10 -40.11
C GLN D 131 -30.18 40.51 -41.29
N GLY D 132 -30.91 41.36 -42.01
CA GLY D 132 -31.83 40.93 -43.02
C GLY D 132 -32.75 42.08 -43.36
N PHE D 133 -33.81 41.75 -44.11
CA PHE D 133 -34.73 42.74 -44.65
C PHE D 133 -36.11 42.53 -44.05
N GLN D 134 -36.88 43.60 -43.98
CA GLN D 134 -38.29 43.51 -43.65
C GLN D 134 -39.09 44.30 -44.67
N LEU D 135 -40.16 43.68 -45.17
CA LEU D 135 -40.97 44.22 -46.27
C LEU D 135 -42.40 44.38 -45.77
N THR D 136 -42.92 45.60 -45.86
CA THR D 136 -44.34 45.85 -45.67
C THR D 136 -44.97 46.03 -47.04
N HIS D 137 -45.91 45.14 -47.35
CA HIS D 137 -46.57 45.14 -48.67
C HIS D 137 -48.01 44.68 -48.46
N SER D 138 -48.63 44.16 -49.50
CA SER D 138 -50.03 43.74 -49.47
C SER D 138 -50.23 42.65 -50.51
N LEU D 139 -50.85 41.56 -50.11
CA LEU D 139 -51.23 40.54 -51.08
C LEU D 139 -52.46 40.93 -51.89
N GLY D 140 -52.92 42.18 -51.73
CA GLY D 140 -54.17 42.61 -52.35
C GLY D 140 -54.09 42.81 -53.85
N GLY D 141 -52.95 43.24 -54.37
CA GLY D 141 -52.78 43.24 -55.81
C GLY D 141 -51.95 44.38 -56.37
N GLY D 142 -51.09 44.05 -57.33
CA GLY D 142 -50.35 45.08 -58.04
C GLY D 142 -48.89 45.18 -57.65
N THR D 143 -48.49 46.38 -57.24
CA THR D 143 -47.10 46.66 -56.88
C THR D 143 -46.64 45.79 -55.71
N GLY D 144 -47.21 46.05 -54.53
CA GLY D 144 -46.75 45.34 -53.34
C GLY D 144 -46.91 43.83 -53.46
N SER D 145 -47.99 43.38 -54.10
CA SER D 145 -48.25 41.95 -54.17
C SER D 145 -47.31 41.27 -55.15
N GLY D 146 -47.35 41.69 -56.41
CA GLY D 146 -46.54 41.09 -57.46
C GLY D 146 -45.12 41.60 -57.52
N MET D 147 -44.93 42.91 -57.46
CA MET D 147 -43.56 43.43 -57.47
C MET D 147 -42.87 43.15 -56.13
N GLY D 148 -43.58 43.32 -55.02
CA GLY D 148 -42.98 43.05 -53.73
C GLY D 148 -42.40 41.65 -53.64
N THR D 149 -43.15 40.66 -54.12
CA THR D 149 -42.65 39.29 -54.13
C THR D 149 -41.53 39.10 -55.15
N LEU D 150 -41.48 39.93 -56.19
CA LEU D 150 -40.33 39.91 -57.09
C LEU D 150 -39.09 40.41 -56.37
N LEU D 151 -39.21 41.53 -55.64
CA LEU D 151 -38.08 42.04 -54.88
C LEU D 151 -37.56 41.01 -53.88
N ILE D 152 -38.47 40.39 -53.13
CA ILE D 152 -38.04 39.34 -52.21
C ILE D 152 -37.19 38.32 -52.94
N SER D 153 -37.63 37.89 -54.13
CA SER D 153 -36.92 36.83 -54.85
CA SER D 153 -36.92 36.84 -54.86
C SER D 153 -35.60 37.34 -55.42
N LYS D 154 -35.52 38.61 -55.81
CA LYS D 154 -34.28 39.15 -56.33
C LYS D 154 -33.26 39.41 -55.22
N ILE D 155 -33.71 40.02 -54.11
CA ILE D 155 -32.84 40.21 -52.96
C ILE D 155 -32.29 38.88 -52.46
N ARG D 156 -33.13 37.84 -52.48
CA ARG D 156 -32.75 36.52 -51.96
C ARG D 156 -31.55 35.94 -52.74
N GLU D 157 -31.50 36.17 -54.05
CA GLU D 157 -30.41 35.64 -54.86
C GLU D 157 -29.07 36.29 -54.53
N GLU D 158 -29.08 37.48 -53.92
CA GLU D 158 -27.85 38.18 -53.56
C GLU D 158 -27.54 38.13 -52.08
N TYR D 159 -28.54 37.90 -51.23
CA TYR D 159 -28.34 37.75 -49.79
C TYR D 159 -29.02 36.47 -49.32
N PRO D 160 -28.57 35.31 -49.82
CA PRO D 160 -29.31 34.07 -49.55
C PRO D 160 -29.25 33.63 -48.09
N ASP D 161 -28.20 33.94 -47.36
CA ASP D 161 -28.15 33.57 -45.95
C ASP D 161 -28.70 34.64 -45.01
N ARG D 162 -29.30 35.71 -45.54
CA ARG D 162 -29.95 36.73 -44.72
C ARG D 162 -31.40 36.34 -44.46
N ILE D 163 -32.03 37.05 -43.52
CA ILE D 163 -33.39 36.75 -43.08
C ILE D 163 -34.38 37.59 -43.89
N MET D 164 -35.41 36.94 -44.42
CA MET D 164 -36.45 37.62 -45.17
C MET D 164 -37.72 37.65 -44.33
N ASN D 165 -38.16 38.85 -43.99
CA ASN D 165 -39.26 39.09 -43.05
C ASN D 165 -40.29 39.97 -43.73
N THR D 166 -41.56 39.54 -43.76
CA THR D 166 -42.62 40.33 -44.37
C THR D 166 -43.72 40.62 -43.35
N PHE D 167 -44.32 41.82 -43.45
CA PHE D 167 -45.63 42.13 -42.87
C PHE D 167 -46.61 42.15 -44.03
N SER D 168 -47.41 41.08 -44.16
CA SER D 168 -48.25 40.86 -45.32
C SER D 168 -49.72 41.04 -44.94
N VAL D 169 -50.39 41.93 -45.64
CA VAL D 169 -51.80 42.27 -45.37
C VAL D 169 -52.67 41.48 -46.34
N MET D 170 -53.51 40.60 -45.79
CA MET D 170 -54.38 39.71 -46.56
C MET D 170 -55.69 40.40 -46.97
N PRO D 171 -56.19 40.15 -48.18
CA PRO D 171 -57.43 40.80 -48.62
C PRO D 171 -58.68 40.23 -47.96
N SER D 172 -59.63 41.12 -47.71
CA SER D 172 -60.95 40.78 -47.20
C SER D 172 -62.00 41.61 -47.94
N PRO D 173 -63.14 41.03 -48.30
CA PRO D 173 -64.18 41.80 -49.00
C PRO D 173 -64.83 42.90 -48.16
N LYS D 174 -64.79 42.79 -46.83
CA LYS D 174 -65.31 43.83 -45.95
C LYS D 174 -64.52 45.12 -46.05
N VAL D 175 -63.33 45.09 -46.64
CA VAL D 175 -62.50 46.28 -46.84
C VAL D 175 -62.03 46.23 -48.29
N SER D 176 -62.71 45.45 -49.12
CA SER D 176 -62.24 45.12 -50.45
C SER D 176 -61.96 46.38 -51.26
N ASP D 177 -60.94 46.29 -52.12
CA ASP D 177 -60.71 47.26 -53.19
C ASP D 177 -61.18 46.75 -54.54
N THR D 178 -60.70 45.57 -54.95
CA THR D 178 -61.01 45.02 -56.26
C THR D 178 -61.64 43.64 -56.12
N VAL D 179 -62.24 43.18 -57.22
CA VAL D 179 -62.80 41.83 -57.27
C VAL D 179 -61.72 40.77 -57.41
N VAL D 180 -60.60 41.08 -58.09
CA VAL D 180 -59.60 40.08 -58.45
C VAL D 180 -58.64 39.83 -57.30
N GLU D 181 -58.96 40.33 -56.10
CA GLU D 181 -58.04 40.19 -55.00
C GLU D 181 -57.75 38.74 -54.63
N PRO D 182 -58.71 37.82 -54.64
CA PRO D 182 -58.36 36.41 -54.41
C PRO D 182 -57.26 35.91 -55.35
N TYR D 183 -57.29 36.31 -56.63
CA TYR D 183 -56.26 35.87 -57.56
C TYR D 183 -54.88 36.33 -57.09
N ASN D 184 -54.76 37.60 -56.70
CA ASN D 184 -53.45 38.14 -56.33
C ASN D 184 -52.93 37.50 -55.04
N ALA D 185 -53.81 37.32 -54.05
CA ALA D 185 -53.38 36.71 -52.79
C ALA D 185 -52.72 35.36 -53.04
N THR D 186 -53.40 34.49 -53.80
CA THR D 186 -52.89 33.13 -53.98
C THR D 186 -51.56 33.13 -54.70
N LEU D 187 -51.40 33.96 -55.73
CA LEU D 187 -50.11 34.04 -56.40
C LEU D 187 -49.00 34.48 -55.44
N SER D 188 -49.34 35.28 -54.43
CA SER D 188 -48.30 35.72 -53.49
C SER D 188 -48.01 34.66 -52.43
N VAL D 189 -49.04 34.11 -51.80
CA VAL D 189 -48.81 33.04 -50.83
C VAL D 189 -47.91 31.97 -51.43
N HIS D 190 -48.09 31.70 -52.73
CA HIS D 190 -47.23 30.75 -53.44
C HIS D 190 -45.77 31.18 -53.40
N GLN D 191 -45.51 32.50 -53.42
CA GLN D 191 -44.14 33.01 -53.31
C GLN D 191 -43.66 33.00 -51.88
N LEU D 192 -44.49 33.46 -50.94
CA LEU D 192 -44.06 33.58 -49.55
C LEU D 192 -43.76 32.23 -48.93
N VAL D 193 -44.51 31.18 -49.32
CA VAL D 193 -44.23 29.85 -48.83
C VAL D 193 -42.84 29.39 -49.21
N GLU D 194 -42.18 30.08 -50.14
CA GLU D 194 -40.92 29.60 -50.68
C GLU D 194 -39.74 30.53 -50.46
N ASN D 195 -39.96 31.83 -50.24
CA ASN D 195 -38.87 32.80 -50.29
C ASN D 195 -38.79 33.72 -49.06
N THR D 196 -39.57 33.46 -48.02
CA THR D 196 -39.45 34.21 -46.78
C THR D 196 -39.12 33.27 -45.62
N ASP D 197 -38.49 33.83 -44.60
CA ASP D 197 -38.17 33.11 -43.38
C ASP D 197 -39.26 33.25 -42.33
N GLU D 198 -39.90 34.41 -42.28
CA GLU D 198 -40.98 34.63 -41.33
C GLU D 198 -41.90 35.71 -41.89
N THR D 199 -43.21 35.45 -41.84
CA THR D 199 -44.23 36.34 -42.38
C THR D 199 -45.33 36.55 -41.35
N TYR D 200 -45.62 37.81 -41.03
CA TYR D 200 -46.74 38.18 -40.17
C TYR D 200 -47.98 38.36 -41.02
N CYS D 201 -49.04 37.61 -40.71
CA CYS D 201 -50.28 37.69 -41.49
C CYS D 201 -51.20 38.71 -40.86
N ILE D 202 -51.03 39.97 -41.24
CA ILE D 202 -51.95 41.03 -40.86
C ILE D 202 -53.15 40.94 -41.79
N ASP D 203 -54.32 40.66 -41.23
CA ASP D 203 -55.52 40.30 -42.00
C ASP D 203 -56.54 41.43 -41.94
N ASN D 204 -56.84 42.03 -43.10
CA ASN D 204 -57.83 43.10 -43.14
C ASN D 204 -59.20 42.63 -42.65
N GLU D 205 -59.48 41.33 -42.70
CA GLU D 205 -60.74 40.84 -42.19
C GLU D 205 -60.81 41.00 -40.66
N ALA D 206 -59.76 40.58 -39.96
CA ALA D 206 -59.73 40.76 -38.52
C ALA D 206 -59.70 42.24 -38.14
N LEU D 207 -58.90 43.03 -38.86
CA LEU D 207 -58.82 44.45 -38.55
C LEU D 207 -60.18 45.12 -38.70
N TYR D 208 -60.94 44.74 -39.73
CA TYR D 208 -62.27 45.31 -39.90
C TYR D 208 -63.15 45.01 -38.70
N ASP D 209 -63.19 43.74 -38.26
CA ASP D 209 -64.08 43.35 -37.18
C ASP D 209 -63.69 44.02 -35.86
N ILE D 210 -62.40 44.06 -35.55
CA ILE D 210 -61.95 44.69 -34.31
C ILE D 210 -62.47 46.12 -34.22
N CYS D 211 -62.30 46.89 -35.32
CA CYS D 211 -62.82 48.25 -35.36
C CYS D 211 -64.33 48.27 -35.16
N PHE D 212 -65.04 47.39 -35.85
CA PHE D 212 -66.49 47.42 -35.84
C PHE D 212 -67.04 46.94 -34.51
N ARG D 213 -66.87 45.67 -34.19
CA ARG D 213 -67.48 45.10 -33.00
C ARG D 213 -66.79 45.61 -31.74
N THR D 214 -65.50 45.39 -31.63
CA THR D 214 -64.76 45.77 -30.43
C THR D 214 -64.74 47.29 -30.26
N LEU D 215 -64.01 48.00 -31.13
CA LEU D 215 -63.93 49.44 -31.00
C LEU D 215 -65.21 50.15 -31.42
N LYS D 216 -66.25 49.42 -31.81
CA LYS D 216 -67.56 49.97 -32.14
C LYS D 216 -67.46 51.14 -33.09
N LEU D 217 -66.86 50.86 -34.25
CA LEU D 217 -66.72 51.81 -35.35
C LEU D 217 -67.66 51.41 -36.48
N THR D 218 -68.63 52.28 -36.79
CA THR D 218 -69.59 51.94 -37.83
C THR D 218 -68.95 52.04 -39.22
N THR D 219 -68.27 53.15 -39.50
CA THR D 219 -67.65 53.39 -40.80
CA THR D 219 -67.65 53.38 -40.80
C THR D 219 -66.13 53.35 -40.68
N PRO D 220 -65.52 52.16 -40.54
CA PRO D 220 -64.06 52.10 -40.39
C PRO D 220 -63.36 52.51 -41.67
N THR D 221 -62.24 53.20 -41.51
CA THR D 221 -61.42 53.66 -42.62
C THR D 221 -60.09 52.90 -42.61
N TYR D 222 -59.27 53.17 -43.63
CA TYR D 222 -57.92 52.60 -43.61
C TYR D 222 -57.11 53.21 -42.47
N GLY D 223 -57.28 54.50 -42.20
CA GLY D 223 -56.64 55.07 -41.03
C GLY D 223 -56.84 54.20 -39.79
N ASP D 224 -58.10 53.85 -39.49
CA ASP D 224 -58.42 53.08 -38.30
C ASP D 224 -57.78 51.68 -38.34
N LEU D 225 -57.91 50.99 -39.45
CA LEU D 225 -57.28 49.65 -39.56
C LEU D 225 -55.77 49.82 -39.36
N ASN D 226 -55.15 50.73 -40.10
CA ASN D 226 -53.67 50.89 -40.04
C ASN D 226 -53.22 51.16 -38.61
N HIS D 227 -54.06 51.84 -37.82
CA HIS D 227 -53.66 52.15 -36.46
C HIS D 227 -53.47 50.87 -35.65
N LEU D 228 -54.31 49.87 -35.88
CA LEU D 228 -54.06 48.53 -35.37
C LEU D 228 -52.73 48.00 -35.90
N VAL D 229 -52.54 48.05 -37.23
CA VAL D 229 -51.34 47.48 -37.82
C VAL D 229 -50.10 48.07 -37.19
N SER D 230 -50.10 49.39 -36.98
CA SER D 230 -48.97 50.04 -36.33
C SER D 230 -48.75 49.48 -34.92
N ALA D 231 -49.81 49.44 -34.11
CA ALA D 231 -49.66 48.95 -32.75
C ALA D 231 -49.03 47.56 -32.71
N THR D 232 -49.42 46.70 -33.66
CA THR D 232 -48.86 45.35 -33.70
C THR D 232 -47.40 45.40 -34.13
N MET D 233 -47.10 46.12 -35.21
CA MET D 233 -45.73 46.19 -35.70
C MET D 233 -44.78 46.76 -34.65
N SER D 234 -45.20 47.81 -33.95
CA SER D 234 -44.40 48.30 -32.84
C SER D 234 -44.11 47.19 -31.83
N GLY D 235 -45.10 46.34 -31.58
CA GLY D 235 -44.97 45.27 -30.61
C GLY D 235 -44.01 44.17 -31.03
N VAL D 236 -44.25 43.55 -32.19
CA VAL D 236 -43.43 42.41 -32.58
C VAL D 236 -41.96 42.78 -32.72
N THR D 237 -41.64 44.08 -32.87
CA THR D 237 -40.26 44.53 -33.05
C THR D 237 -39.67 45.15 -31.78
N THR D 238 -40.29 44.93 -30.62
CA THR D 238 -39.84 45.61 -29.41
C THR D 238 -38.46 45.13 -28.97
N CYS D 239 -38.26 43.81 -28.88
CA CYS D 239 -36.97 43.32 -28.42
C CYS D 239 -35.90 43.40 -29.50
N LEU D 240 -36.27 43.77 -30.72
CA LEU D 240 -35.28 44.17 -31.69
C LEU D 240 -34.77 45.58 -31.43
N ARG D 241 -35.60 46.45 -30.87
CA ARG D 241 -35.31 47.87 -30.78
C ARG D 241 -34.85 48.33 -29.40
N PHE D 242 -35.04 47.53 -28.37
CA PHE D 242 -34.65 47.92 -27.01
C PHE D 242 -33.78 46.84 -26.37
N PRO D 243 -32.96 47.23 -25.41
CA PRO D 243 -32.07 46.26 -24.74
C PRO D 243 -32.74 45.58 -23.56
N GLY D 244 -33.63 44.64 -23.86
CA GLY D 244 -34.25 43.85 -22.82
C GLY D 244 -33.35 42.71 -22.36
N GLN D 245 -33.81 41.99 -21.32
CA GLN D 245 -33.06 40.81 -20.88
C GLN D 245 -32.97 39.75 -21.96
N LEU D 246 -33.70 39.91 -23.06
CA LEU D 246 -33.58 39.04 -24.21
C LEU D 246 -32.48 39.57 -25.13
N ASN D 247 -31.59 38.69 -25.59
CA ASN D 247 -30.47 39.12 -26.46
C ASN D 247 -30.66 38.42 -27.80
N ALA D 248 -31.56 38.91 -28.65
CA ALA D 248 -31.84 38.13 -29.87
C ALA D 248 -32.17 38.99 -31.10
N ASP D 249 -32.00 38.40 -32.28
CA ASP D 249 -32.23 39.11 -33.55
C ASP D 249 -33.31 38.39 -34.34
N LEU D 250 -33.38 38.67 -35.64
CA LEU D 250 -34.39 38.03 -36.48
C LEU D 250 -34.13 36.54 -36.62
N ARG D 251 -32.85 36.14 -36.76
CA ARG D 251 -32.54 34.74 -36.99
C ARG D 251 -32.81 33.89 -35.76
N LYS D 252 -32.58 34.44 -34.57
CA LYS D 252 -32.86 33.67 -33.35
C LYS D 252 -34.36 33.51 -33.12
N LEU D 253 -35.16 34.48 -33.56
CA LEU D 253 -36.61 34.34 -33.49
C LEU D 253 -37.08 33.27 -34.46
N ALA D 254 -36.60 33.33 -35.70
CA ALA D 254 -36.97 32.31 -36.67
C ALA D 254 -36.64 30.92 -36.15
N VAL D 255 -35.43 30.75 -35.62
CA VAL D 255 -34.99 29.42 -35.18
C VAL D 255 -35.91 28.85 -34.11
N ASN D 256 -36.43 29.69 -33.24
CA ASN D 256 -37.30 29.17 -32.19
C ASN D 256 -38.76 29.24 -32.55
N MET D 257 -39.13 29.97 -33.59
CA MET D 257 -40.53 30.09 -33.97
C MET D 257 -40.94 29.19 -35.13
N VAL D 258 -39.99 28.73 -35.96
CA VAL D 258 -40.33 28.02 -37.20
C VAL D 258 -39.90 26.56 -37.15
N PRO D 259 -40.74 25.65 -36.68
CA PRO D 259 -40.29 24.26 -36.53
C PRO D 259 -40.07 23.56 -37.85
N PHE D 260 -40.79 23.95 -38.89
CA PHE D 260 -40.59 23.40 -40.22
C PHE D 260 -40.55 24.54 -41.22
N PRO D 261 -39.80 24.40 -42.30
CA PRO D 261 -39.50 25.57 -43.13
C PRO D 261 -40.72 26.23 -43.75
N ARG D 262 -41.72 25.47 -44.18
CA ARG D 262 -42.86 26.11 -44.83
C ARG D 262 -43.82 26.76 -43.85
N LEU D 263 -43.85 26.29 -42.60
CA LEU D 263 -44.83 26.78 -41.63
C LEU D 263 -44.30 28.00 -40.89
N HIS D 264 -44.08 29.08 -41.64
CA HIS D 264 -43.53 30.31 -41.10
C HIS D 264 -44.52 31.48 -41.24
N PHE D 265 -45.82 31.22 -41.05
CA PHE D 265 -46.83 32.26 -41.09
C PHE D 265 -47.42 32.45 -39.70
N PHE D 266 -47.30 33.66 -39.15
CA PHE D 266 -47.62 33.95 -37.77
C PHE D 266 -48.94 34.68 -37.62
N MET D 267 -49.55 34.51 -36.46
CA MET D 267 -50.80 35.17 -36.10
CA MET D 267 -50.81 35.16 -36.10
C MET D 267 -50.52 36.22 -35.04
N PRO D 268 -50.49 37.50 -35.39
CA PRO D 268 -50.25 38.54 -34.38
C PRO D 268 -51.47 38.77 -33.52
N GLY D 269 -51.22 39.23 -32.30
CA GLY D 269 -52.28 39.63 -31.42
C GLY D 269 -51.85 40.83 -30.60
N PHE D 270 -52.83 41.52 -30.04
CA PHE D 270 -52.53 42.72 -29.28
C PHE D 270 -53.60 42.94 -28.23
N ALA D 271 -53.14 43.35 -27.04
CA ALA D 271 -54.02 43.74 -25.95
C ALA D 271 -53.37 44.91 -25.20
N PRO D 272 -54.18 45.84 -24.70
CA PRO D 272 -55.65 45.87 -24.73
C PRO D 272 -56.18 46.46 -26.03
N LEU D 273 -57.50 46.59 -26.18
CA LEU D 273 -58.08 47.18 -27.37
C LEU D 273 -59.20 48.19 -27.04
N LEU D 284 -56.75 47.38 -15.67
CA LEU D 284 -55.99 46.54 -16.59
C LEU D 284 -54.79 45.88 -15.88
N THR D 285 -54.89 44.58 -15.65
CA THR D 285 -53.90 43.85 -14.86
C THR D 285 -53.24 42.75 -15.69
N VAL D 286 -52.17 42.19 -15.12
CA VAL D 286 -51.49 41.06 -15.78
C VAL D 286 -52.46 39.93 -16.04
N PRO D 287 -53.38 39.59 -15.14
CA PRO D 287 -54.27 38.42 -15.41
C PRO D 287 -55.18 38.62 -16.61
N GLU D 288 -55.82 39.79 -16.73
CA GLU D 288 -56.68 40.00 -17.88
C GLU D 288 -55.86 40.20 -19.14
N LEU D 289 -54.77 40.95 -19.04
CA LEU D 289 -53.96 41.24 -20.22
C LEU D 289 -53.49 39.94 -20.87
N THR D 290 -53.03 38.98 -20.07
CA THR D 290 -52.63 37.67 -20.59
C THR D 290 -53.83 36.95 -21.20
N GLN D 291 -54.99 37.04 -20.55
CA GLN D 291 -56.16 36.29 -20.99
C GLN D 291 -56.65 36.78 -22.35
N GLN D 292 -56.83 38.10 -22.49
CA GLN D 292 -57.22 38.66 -23.78
C GLN D 292 -56.26 38.25 -24.88
N MET D 293 -54.99 38.09 -24.53
CA MET D 293 -53.97 37.86 -25.55
C MET D 293 -54.15 36.51 -26.24
N PHE D 294 -54.71 35.52 -25.56
CA PHE D 294 -54.98 34.21 -26.15
C PHE D 294 -56.41 34.07 -26.63
N ASP D 295 -57.16 35.17 -26.73
CA ASP D 295 -58.54 35.22 -27.17
C ASP D 295 -58.62 35.55 -28.65
N SER D 296 -59.62 34.97 -29.33
CA SER D 296 -59.73 35.20 -30.76
C SER D 296 -60.02 36.67 -31.10
N LYS D 297 -60.77 37.36 -30.24
CA LYS D 297 -61.13 38.75 -30.52
C LYS D 297 -59.91 39.68 -30.60
N ASN D 298 -58.72 39.22 -30.21
CA ASN D 298 -57.53 40.06 -30.26
C ASN D 298 -56.58 39.62 -31.35
N MET D 299 -56.97 38.65 -32.17
CA MET D 299 -56.11 38.16 -33.23
C MET D 299 -56.20 39.08 -34.44
N MET D 300 -55.05 39.51 -34.95
CA MET D 300 -55.04 40.34 -36.17
C MET D 300 -55.17 39.38 -37.35
N ALA D 301 -55.76 38.22 -37.10
CA ALA D 301 -56.02 37.24 -38.19
C ALA D 301 -57.32 36.51 -37.88
N ALA D 302 -58.17 36.34 -38.90
CA ALA D 302 -59.49 35.72 -38.72
C ALA D 302 -59.33 34.22 -38.51
N CYS D 303 -58.73 33.83 -37.39
CA CYS D 303 -58.57 32.39 -37.08
C CYS D 303 -58.80 32.21 -35.58
N ASP D 304 -59.50 31.16 -35.18
CA ASP D 304 -59.73 30.88 -33.75
C ASP D 304 -58.62 29.97 -33.23
N PRO D 305 -57.74 30.48 -32.35
CA PRO D 305 -56.67 29.68 -31.80
C PRO D 305 -57.20 28.34 -31.29
N ARG D 306 -58.50 28.26 -31.00
CA ARG D 306 -59.09 27.07 -30.43
C ARG D 306 -59.66 26.13 -31.47
N HIS D 307 -59.49 26.44 -32.76
CA HIS D 307 -59.79 25.52 -33.85
C HIS D 307 -58.54 24.81 -34.36
N GLY D 308 -57.39 25.09 -33.77
CA GLY D 308 -56.14 24.42 -34.08
C GLY D 308 -55.25 24.42 -32.87
N ARG D 309 -53.95 24.18 -33.04
CA ARG D 309 -53.04 24.06 -31.91
C ARG D 309 -51.79 24.90 -32.13
N TYR D 310 -51.28 25.48 -31.05
CA TYR D 310 -50.05 26.26 -31.11
C TYR D 310 -48.84 25.36 -31.28
N LEU D 311 -48.08 25.57 -32.35
CA LEU D 311 -46.76 24.95 -32.46
C LEU D 311 -45.76 25.70 -31.59
N THR D 312 -45.69 27.01 -31.76
CA THR D 312 -44.83 27.86 -30.94
C THR D 312 -45.55 29.17 -30.69
N VAL D 313 -45.21 29.82 -29.58
CA VAL D 313 -45.85 31.07 -29.18
C VAL D 313 -44.81 31.97 -28.53
N ALA D 314 -44.80 33.25 -28.91
CA ALA D 314 -43.98 34.26 -28.26
C ALA D 314 -44.87 35.38 -27.77
N ALA D 315 -44.57 35.93 -26.61
CA ALA D 315 -45.39 36.98 -26.01
C ALA D 315 -44.47 38.03 -25.39
N ILE D 316 -44.70 39.28 -25.74
CA ILE D 316 -43.92 40.40 -25.22
C ILE D 316 -44.83 41.33 -24.43
N PHE D 317 -44.51 41.53 -23.16
CA PHE D 317 -45.21 42.48 -22.30
C PHE D 317 -44.38 43.75 -22.19
N ARG D 318 -45.01 44.90 -22.38
CA ARG D 318 -44.35 46.19 -22.24
C ARG D 318 -44.97 46.96 -21.08
N GLY D 319 -44.17 47.78 -20.43
CA GLY D 319 -44.62 48.57 -19.30
C GLY D 319 -44.08 48.04 -17.98
N ARG D 320 -44.43 48.77 -16.93
CA ARG D 320 -43.96 48.44 -15.59
C ARG D 320 -44.91 47.44 -14.95
N MET D 321 -44.40 46.24 -14.66
CA MET D 321 -45.18 45.16 -14.10
C MET D 321 -44.20 44.19 -13.44
N SER D 322 -44.73 43.25 -12.65
CA SER D 322 -43.91 42.32 -11.89
C SER D 322 -43.56 41.11 -12.77
N MET D 323 -42.26 40.88 -12.95
CA MET D 323 -41.83 39.73 -13.72
C MET D 323 -42.49 38.45 -13.24
N LYS D 324 -42.61 38.30 -11.92
CA LYS D 324 -43.13 37.07 -11.34
C LYS D 324 -44.59 36.86 -11.73
N GLU D 325 -45.42 37.89 -11.62
CA GLU D 325 -46.80 37.73 -12.03
C GLU D 325 -46.90 37.33 -13.49
N VAL D 326 -46.10 37.96 -14.35
CA VAL D 326 -46.07 37.56 -15.75
C VAL D 326 -45.77 36.08 -15.89
N ASP D 327 -44.70 35.61 -15.24
CA ASP D 327 -44.38 34.19 -15.28
C ASP D 327 -45.54 33.34 -14.80
N GLU D 328 -46.15 33.72 -13.69
CA GLU D 328 -47.25 32.93 -13.14
C GLU D 328 -48.45 32.94 -14.08
N GLN D 329 -48.83 34.12 -14.57
CA GLN D 329 -50.00 34.21 -15.45
C GLN D 329 -49.79 33.45 -16.75
N MET D 330 -48.57 33.49 -17.30
CA MET D 330 -48.29 32.73 -18.52
C MET D 330 -48.29 31.23 -18.27
N LEU D 331 -47.88 30.80 -17.08
CA LEU D 331 -47.94 29.38 -16.76
C LEU D 331 -49.38 28.91 -16.59
N ASN D 332 -50.22 29.72 -15.95
CA ASN D 332 -51.61 29.34 -15.74
C ASN D 332 -52.37 29.23 -17.06
N VAL D 333 -52.13 30.16 -17.99
CA VAL D 333 -52.80 30.11 -19.28
C VAL D 333 -52.47 28.80 -19.99
N GLN D 334 -51.21 28.37 -19.94
CA GLN D 334 -50.81 27.14 -20.61
C GLN D 334 -51.49 25.93 -19.98
N ASN D 335 -51.47 25.83 -18.66
CA ASN D 335 -52.09 24.69 -17.99
C ASN D 335 -53.58 24.63 -18.25
N LYS D 336 -54.25 25.78 -18.17
CA LYS D 336 -55.68 25.82 -18.42
C LYS D 336 -56.03 25.65 -19.90
N ASN D 337 -55.07 25.73 -20.81
CA ASN D 337 -55.28 25.52 -22.24
C ASN D 337 -54.38 24.43 -22.79
N SER D 338 -53.89 23.54 -21.92
CA SER D 338 -52.91 22.54 -22.32
C SER D 338 -53.32 21.85 -23.61
N SER D 339 -54.61 21.53 -23.74
CA SER D 339 -55.08 20.82 -24.91
C SER D 339 -54.69 21.53 -26.21
N TYR D 340 -54.52 22.86 -26.18
CA TYR D 340 -54.32 23.64 -27.40
C TYR D 340 -52.84 23.92 -27.70
N PHE D 341 -51.92 23.14 -27.12
CA PHE D 341 -50.50 23.22 -27.44
C PHE D 341 -49.99 21.84 -27.79
N VAL D 342 -49.19 21.72 -28.86
CA VAL D 342 -48.64 20.42 -29.21
C VAL D 342 -47.71 19.94 -28.11
N GLU D 343 -47.70 18.62 -27.88
CA GLU D 343 -46.85 18.04 -26.84
C GLU D 343 -45.41 17.85 -27.29
N TRP D 344 -45.20 17.60 -28.58
CA TRP D 344 -43.88 17.25 -29.15
C TRP D 344 -42.93 18.45 -29.19
N ILE D 345 -43.34 19.64 -28.78
CA ILE D 345 -42.40 20.75 -28.65
C ILE D 345 -42.41 21.20 -27.20
N PRO D 346 -41.55 20.63 -26.35
CA PRO D 346 -41.53 21.03 -24.93
C PRO D 346 -41.23 22.51 -24.79
N ASN D 347 -41.88 23.14 -23.80
CA ASN D 347 -41.59 24.53 -23.43
C ASN D 347 -41.63 25.45 -24.64
N ASN D 348 -42.76 25.42 -25.34
CA ASN D 348 -42.90 26.12 -26.60
C ASN D 348 -43.58 27.48 -26.47
N VAL D 349 -43.67 28.03 -25.28
CA VAL D 349 -44.21 29.38 -25.08
C VAL D 349 -43.13 30.22 -24.41
N LYS D 350 -42.72 31.29 -25.08
CA LYS D 350 -41.69 32.16 -24.52
C LYS D 350 -42.24 33.55 -24.34
N THR D 351 -41.72 34.24 -23.33
CA THR D 351 -42.23 35.53 -22.90
C THR D 351 -41.09 36.49 -22.63
N ALA D 352 -41.15 37.67 -23.22
CA ALA D 352 -40.26 38.79 -22.94
C ALA D 352 -41.02 39.90 -22.24
N VAL D 353 -40.27 40.77 -21.56
CA VAL D 353 -40.82 41.96 -20.91
C VAL D 353 -39.88 43.12 -21.18
N CYS D 354 -40.45 44.25 -21.60
CA CYS D 354 -39.70 45.47 -21.88
C CYS D 354 -40.13 46.56 -20.92
N ASP D 355 -39.16 47.37 -20.48
CA ASP D 355 -39.46 48.42 -19.50
C ASP D 355 -40.41 49.46 -20.06
N ILE D 356 -40.08 50.04 -21.21
CA ILE D 356 -40.82 51.21 -21.68
C ILE D 356 -42.12 50.73 -22.35
N PRO D 357 -43.24 51.39 -22.08
CA PRO D 357 -44.49 51.01 -22.74
C PRO D 357 -44.66 51.73 -24.06
N PRO D 358 -45.74 51.44 -24.79
CA PRO D 358 -46.03 52.16 -26.03
C PRO D 358 -46.59 53.54 -25.70
N ARG D 359 -46.87 54.31 -26.74
CA ARG D 359 -47.45 55.62 -26.59
C ARG D 359 -48.87 55.49 -26.06
N GLY D 360 -49.16 56.14 -24.94
CA GLY D 360 -50.51 56.25 -24.43
C GLY D 360 -51.09 55.04 -23.73
N LEU D 361 -50.28 54.06 -23.35
CA LEU D 361 -50.77 52.87 -22.67
C LEU D 361 -49.92 52.61 -21.43
N LYS D 362 -50.58 52.35 -20.30
CA LYS D 362 -49.84 51.99 -19.09
C LYS D 362 -49.10 50.66 -19.25
N MET D 363 -49.68 49.73 -20.00
CA MET D 363 -49.04 48.46 -20.27
C MET D 363 -49.81 47.72 -21.36
N SER D 364 -49.06 47.16 -22.31
CA SER D 364 -49.62 46.44 -23.43
C SER D 364 -48.98 45.06 -23.52
N ALA D 365 -49.54 44.22 -24.36
CA ALA D 365 -49.01 42.88 -24.59
C ALA D 365 -49.21 42.53 -26.06
N THR D 366 -48.16 42.05 -26.71
CA THR D 366 -48.23 41.62 -28.10
C THR D 366 -48.07 40.11 -28.18
N PHE D 367 -48.73 39.51 -29.16
CA PHE D 367 -48.82 38.07 -29.30
C PHE D 367 -48.33 37.65 -30.68
N ILE D 368 -47.38 36.71 -30.71
CA ILE D 368 -46.92 36.10 -31.95
C ILE D 368 -47.10 34.59 -31.81
N GLY D 369 -48.10 34.04 -32.49
CA GLY D 369 -48.38 32.61 -32.47
C GLY D 369 -48.11 31.99 -33.83
N ASN D 370 -47.54 30.79 -33.81
CA ASN D 370 -47.46 29.91 -34.97
C ASN D 370 -48.47 28.79 -34.69
N SER D 371 -49.69 28.95 -35.20
CA SER D 371 -50.79 28.04 -34.88
C SER D 371 -51.34 27.41 -36.16
N THR D 372 -51.69 26.11 -36.07
CA THR D 372 -52.29 25.43 -37.21
C THR D 372 -53.64 26.02 -37.58
N ALA D 373 -54.31 26.72 -36.65
CA ALA D 373 -55.58 27.34 -36.96
C ALA D 373 -55.47 28.35 -38.08
N ILE D 374 -54.25 28.84 -38.38
CA ILE D 374 -54.05 29.78 -39.47
CA ILE D 374 -54.06 29.78 -39.47
C ILE D 374 -54.57 29.22 -40.79
N GLN D 375 -54.67 27.88 -40.90
CA GLN D 375 -55.16 27.29 -42.13
C GLN D 375 -56.54 27.82 -42.50
N GLU D 376 -57.27 28.36 -41.52
CA GLU D 376 -58.57 28.98 -41.80
C GLU D 376 -58.41 30.20 -42.70
N LEU D 377 -57.46 31.07 -42.38
CA LEU D 377 -57.13 32.18 -43.27
C LEU D 377 -56.93 31.69 -44.69
N PHE D 378 -56.03 30.71 -44.87
CA PHE D 378 -55.73 30.21 -46.21
C PHE D 378 -56.95 29.60 -46.87
N LYS D 379 -57.74 28.83 -46.11
CA LYS D 379 -58.96 28.25 -46.65
C LYS D 379 -59.87 29.34 -47.22
N ARG D 380 -59.96 30.49 -46.53
CA ARG D 380 -60.83 31.57 -46.97
C ARG D 380 -60.40 32.08 -48.34
N ILE D 381 -59.12 32.40 -48.50
CA ILE D 381 -58.61 32.84 -49.80
C ILE D 381 -58.80 31.73 -50.83
N SER D 382 -58.42 30.51 -50.48
CA SER D 382 -58.60 29.38 -51.40
C SER D 382 -60.05 29.26 -51.86
N GLU D 383 -61.01 29.49 -50.96
CA GLU D 383 -62.42 29.37 -51.32
C GLU D 383 -62.80 30.42 -52.37
N GLN D 384 -62.38 31.66 -52.17
CA GLN D 384 -62.72 32.73 -53.10
C GLN D 384 -61.97 32.57 -54.42
N PHE D 385 -60.69 32.20 -54.35
CA PHE D 385 -59.92 31.92 -55.56
C PHE D 385 -60.62 30.87 -56.41
N THR D 386 -60.82 29.68 -55.84
CA THR D 386 -61.37 28.57 -56.61
C THR D 386 -62.77 28.87 -57.13
N ALA D 387 -63.47 29.82 -56.51
CA ALA D 387 -64.77 30.26 -57.04
C ALA D 387 -64.61 31.01 -58.35
N MET D 388 -63.61 31.90 -58.43
CA MET D 388 -63.39 32.62 -59.68
C MET D 388 -62.70 31.76 -60.72
N PHE D 389 -61.60 31.11 -60.35
CA PHE D 389 -60.85 30.34 -61.33
C PHE D 389 -61.70 29.23 -61.93
N ARG D 390 -62.59 28.63 -61.13
CA ARG D 390 -63.43 27.55 -61.65
C ARG D 390 -64.13 27.97 -62.93
N ARG D 391 -64.63 29.21 -62.95
CA ARG D 391 -65.41 29.77 -64.10
C ARG D 391 -64.49 30.54 -65.04
N LYS D 392 -63.19 30.63 -64.74
CA LYS D 392 -62.21 31.28 -65.60
C LYS D 392 -62.43 32.79 -65.69
N ALA D 393 -62.90 33.40 -64.61
CA ALA D 393 -63.22 34.82 -64.60
C ALA D 393 -61.96 35.67 -64.49
N PHE D 394 -61.79 36.61 -65.41
CA PHE D 394 -60.79 37.67 -65.41
C PHE D 394 -59.40 37.18 -65.79
N LEU D 395 -59.23 35.91 -66.13
CA LEU D 395 -57.90 35.39 -66.44
C LEU D 395 -57.21 36.17 -67.55
N HIS D 396 -57.97 36.86 -68.42
CA HIS D 396 -57.31 37.58 -69.51
C HIS D 396 -56.44 38.70 -68.98
N TRP D 397 -56.86 39.35 -67.90
CA TRP D 397 -56.01 40.33 -67.23
C TRP D 397 -54.59 39.79 -67.05
N TYR D 398 -54.46 38.51 -66.71
CA TYR D 398 -53.18 37.90 -66.40
C TYR D 398 -52.53 37.25 -67.62
N THR D 399 -53.27 36.38 -68.32
CA THR D 399 -52.74 35.78 -69.54
C THR D 399 -52.35 36.85 -70.55
N GLY D 400 -53.08 37.97 -70.57
CA GLY D 400 -52.72 39.08 -71.44
C GLY D 400 -51.36 39.66 -71.14
N GLU D 401 -50.83 39.43 -69.95
CA GLU D 401 -49.48 39.85 -69.64
C GLU D 401 -48.45 38.77 -69.94
N GLY D 402 -48.89 37.56 -70.26
CA GLY D 402 -47.99 36.48 -70.62
C GLY D 402 -48.11 35.23 -69.77
N MET D 403 -48.95 35.20 -68.75
CA MET D 403 -49.07 34.02 -67.90
C MET D 403 -49.97 32.97 -68.56
N ASP D 404 -49.95 31.77 -68.02
CA ASP D 404 -50.80 30.67 -68.48
C ASP D 404 -51.51 30.08 -67.28
N GLU D 405 -52.61 29.36 -67.54
CA GLU D 405 -53.39 28.80 -66.45
C GLU D 405 -52.54 27.93 -65.54
N MET D 406 -51.53 27.25 -66.10
CA MET D 406 -50.64 26.40 -65.31
C MET D 406 -50.21 27.12 -64.04
N GLU D 407 -49.71 28.34 -64.19
CA GLU D 407 -49.19 29.10 -63.05
C GLU D 407 -50.26 29.35 -61.99
N PHE D 408 -51.51 29.48 -62.42
CA PHE D 408 -52.60 29.63 -61.45
C PHE D 408 -52.88 28.33 -60.72
N THR D 409 -52.70 27.19 -61.39
CA THR D 409 -52.94 25.90 -60.76
C THR D 409 -51.89 25.62 -59.69
N GLU D 410 -50.62 25.86 -60.00
CA GLU D 410 -49.56 25.62 -59.02
C GLU D 410 -49.81 26.39 -57.74
N ALA D 411 -50.14 27.68 -57.86
CA ALA D 411 -50.42 28.49 -56.67
C ALA D 411 -51.52 27.88 -55.83
N GLU D 412 -52.59 27.38 -56.47
CA GLU D 412 -53.67 26.73 -55.74
C GLU D 412 -53.19 25.42 -55.11
N SER D 413 -52.67 24.50 -55.92
CA SER D 413 -52.19 23.22 -55.40
C SER D 413 -51.13 23.40 -54.33
N ASN D 414 -50.31 24.46 -54.43
CA ASN D 414 -49.32 24.72 -53.39
C ASN D 414 -49.98 25.26 -52.13
N MET D 415 -51.00 26.09 -52.27
CA MET D 415 -51.69 26.60 -51.09
C MET D 415 -52.52 25.50 -50.42
N ASN D 416 -53.10 24.60 -51.22
CA ASN D 416 -53.79 23.44 -50.66
C ASN D 416 -52.87 22.62 -49.75
N ASP D 417 -51.66 22.33 -50.23
CA ASP D 417 -50.70 21.57 -49.41
C ASP D 417 -50.37 22.31 -48.13
N LEU D 418 -50.06 23.60 -48.23
CA LEU D 418 -49.79 24.42 -47.05
C LEU D 418 -50.87 24.23 -46.00
N VAL D 419 -52.15 24.33 -46.40
CA VAL D 419 -53.23 24.02 -45.47
C VAL D 419 -53.15 22.57 -45.03
N SER D 420 -52.74 21.69 -45.95
CA SER D 420 -52.70 20.27 -45.62
C SER D 420 -51.61 19.98 -44.59
N GLU D 421 -50.45 20.62 -44.70
CA GLU D 421 -49.42 20.44 -43.68
C GLU D 421 -49.93 20.88 -42.32
N TYR D 422 -50.44 22.11 -42.24
CA TYR D 422 -50.93 22.62 -40.97
C TYR D 422 -51.88 21.63 -40.29
N GLN D 423 -52.69 20.91 -41.09
CA GLN D 423 -53.54 19.89 -40.50
C GLN D 423 -52.71 18.71 -39.99
N GLN D 424 -51.79 18.22 -40.84
CA GLN D 424 -50.99 17.04 -40.50
C GLN D 424 -50.39 17.17 -39.11
N TYR D 425 -49.82 18.33 -38.80
CA TYR D 425 -49.20 18.53 -37.49
C TYR D 425 -50.23 18.81 -36.40
N GLN D 426 -51.38 19.36 -36.76
CA GLN D 426 -52.39 19.57 -35.75
C GLN D 426 -52.84 18.24 -35.16
N ASP D 427 -52.96 17.21 -36.01
CA ASP D 427 -53.37 15.88 -35.59
C ASP D 427 -52.22 15.00 -35.13
N ALA D 428 -50.97 15.38 -35.45
CA ALA D 428 -49.82 14.65 -34.97
C ALA D 428 -49.87 14.48 -33.46
N THR D 429 -49.49 13.29 -33.01
CA THR D 429 -49.51 12.92 -31.61
C THR D 429 -48.11 12.56 -31.14
N ALA D 430 -47.92 12.54 -29.83
CA ALA D 430 -46.67 12.11 -29.21
C ALA D 430 -46.88 10.83 -28.41
N ASP D 431 -45.78 10.29 -27.90
CA ASP D 431 -45.84 9.09 -27.05
C ASP D 431 -45.05 9.28 -25.75
N MET E 1 48.34 -51.41 41.51
CA MET E 1 48.92 -50.25 40.80
C MET E 1 50.33 -50.62 40.32
N GLU E 2 50.91 -49.82 39.41
CA GLU E 2 52.23 -50.15 38.83
C GLU E 2 52.83 -48.91 38.16
N VAL E 3 53.65 -48.16 38.88
CA VAL E 3 54.32 -46.96 38.29
C VAL E 3 55.33 -47.43 37.25
N ILE E 4 55.41 -46.76 36.11
CA ILE E 4 56.32 -47.18 35.02
C ILE E 4 56.82 -45.96 34.25
N GLU E 5 57.96 -46.08 33.57
CA GLU E 5 58.49 -45.00 32.73
C GLU E 5 58.52 -43.67 33.47
N LEU E 6 59.08 -43.70 34.68
CA LEU E 6 59.28 -42.51 35.48
C LEU E 6 60.39 -41.66 34.87
N ASN E 7 60.10 -40.39 34.60
CA ASN E 7 61.08 -39.42 34.11
C ASN E 7 61.06 -38.18 34.97
N LYS E 8 62.24 -37.69 35.33
CA LYS E 8 62.41 -36.49 36.13
C LYS E 8 63.31 -35.51 35.38
N CYS E 9 63.03 -34.22 35.55
CA CYS E 9 63.88 -33.20 34.96
C CYS E 9 63.87 -31.99 35.91
N THR E 10 64.27 -30.83 35.39
CA THR E 10 64.38 -29.65 36.25
C THR E 10 63.00 -29.11 36.60
N SER E 11 62.07 -29.17 35.65
CA SER E 11 60.77 -28.52 35.79
C SER E 11 59.68 -29.44 36.30
N GLY E 12 59.94 -30.73 36.44
CA GLY E 12 58.92 -31.64 36.93
C GLY E 12 59.29 -33.09 36.67
N GLN E 13 58.27 -33.94 36.67
CA GLN E 13 58.45 -35.36 36.40
C GLN E 13 57.13 -35.96 35.93
N SER E 14 57.25 -37.05 35.19
CA SER E 14 56.10 -37.73 34.62
C SER E 14 56.27 -39.22 34.83
N PHE E 15 55.16 -39.94 34.75
CA PHE E 15 55.17 -41.40 34.89
C PHE E 15 53.81 -41.92 34.41
N GLU E 16 53.68 -43.25 34.39
CA GLU E 16 52.45 -43.91 33.97
C GLU E 16 52.08 -44.94 35.02
N VAL E 17 50.86 -44.86 35.52
CA VAL E 17 50.33 -45.83 36.48
C VAL E 17 49.31 -46.69 35.74
N ILE E 18 49.53 -48.01 35.75
CA ILE E 18 48.67 -48.96 35.06
C ILE E 18 47.90 -49.75 36.12
N LEU E 19 46.58 -49.81 35.96
CA LEU E 19 45.73 -50.52 36.92
C LEU E 19 45.22 -51.85 36.40
N LYS E 20 45.31 -52.11 35.09
CA LYS E 20 44.83 -53.38 34.56
C LYS E 20 45.28 -53.56 33.11
N PRO E 21 45.68 -54.78 32.73
CA PRO E 21 46.06 -55.00 31.33
C PRO E 21 44.85 -55.01 30.43
N PRO E 22 45.01 -54.64 29.15
CA PRO E 22 43.87 -54.66 28.23
C PRO E 22 43.40 -56.08 27.96
N SER E 23 42.08 -56.25 27.89
CA SER E 23 41.48 -57.57 27.62
C SER E 23 41.69 -58.00 26.17
N ASP E 24 45.95 -37.39 1.13
CA ASP E 24 45.20 -36.15 1.25
C ASP E 24 45.03 -35.48 -0.11
N PRO E 25 43.94 -34.74 -0.30
CA PRO E 25 43.66 -34.17 -1.61
C PRO E 25 44.77 -33.25 -2.09
N SER E 26 44.90 -33.14 -3.40
CA SER E 26 45.94 -32.32 -4.01
C SER E 26 45.46 -30.88 -4.14
N LEU E 27 46.44 -29.96 -4.14
CA LEU E 27 46.14 -28.54 -4.34
C LEU E 27 45.24 -28.33 -5.53
N GLU E 28 45.51 -29.05 -6.64
CA GLU E 28 44.68 -28.89 -7.84
C GLU E 28 43.24 -29.26 -7.56
N GLU E 29 43.01 -30.31 -6.79
CA GLU E 29 41.64 -30.71 -6.47
C GLU E 29 40.95 -29.74 -5.53
N ILE E 30 41.70 -28.98 -4.72
CA ILE E 30 41.10 -27.99 -3.85
C ILE E 30 40.70 -26.75 -4.65
N GLN E 31 41.56 -26.31 -5.57
CA GLN E 31 41.20 -25.16 -6.39
C GLN E 31 40.12 -25.48 -7.40
N LYS E 32 39.90 -26.76 -7.70
CA LYS E 32 38.75 -27.13 -8.51
C LYS E 32 37.45 -26.94 -7.73
N LYS E 33 37.42 -27.34 -6.44
CA LYS E 33 36.24 -27.09 -5.63
C LYS E 33 35.96 -25.60 -5.48
N LEU E 34 37.02 -24.80 -5.29
CA LEU E 34 36.84 -23.37 -5.13
C LEU E 34 36.33 -22.72 -6.42
N GLU E 35 36.85 -23.14 -7.57
CA GLU E 35 36.44 -22.52 -8.81
C GLU E 35 35.00 -22.88 -9.17
N ALA E 36 34.64 -24.16 -9.08
CA ALA E 36 33.26 -24.57 -9.33
C ALA E 36 32.27 -23.80 -8.46
N ALA E 37 32.67 -23.46 -7.23
CA ALA E 37 31.82 -22.63 -6.39
C ALA E 37 31.75 -21.21 -6.92
N GLU E 38 32.82 -20.72 -7.55
CA GLU E 38 32.79 -19.37 -8.09
C GLU E 38 31.91 -19.31 -9.34
N GLU E 39 32.04 -20.31 -10.23
CA GLU E 39 31.21 -20.31 -11.44
C GLU E 39 29.73 -20.40 -11.10
N ARG E 40 29.40 -21.13 -10.04
CA ARG E 40 27.98 -21.19 -9.65
C ARG E 40 27.48 -19.84 -9.17
N ARG E 41 28.34 -19.04 -8.55
CA ARG E 41 28.00 -17.65 -8.27
C ARG E 41 27.89 -16.86 -9.55
N LYS E 42 28.96 -16.86 -10.35
CA LYS E 42 28.99 -16.10 -11.60
C LYS E 42 27.74 -16.32 -12.42
N TYR E 43 27.25 -17.57 -12.44
CA TYR E 43 26.07 -17.90 -13.22
C TYR E 43 24.80 -17.31 -12.61
N GLN E 44 24.72 -17.30 -11.28
CA GLN E 44 23.56 -16.72 -10.62
C GLN E 44 23.51 -15.22 -10.79
N GLU E 45 24.67 -14.55 -10.71
CA GLU E 45 24.70 -13.12 -10.98
C GLU E 45 24.24 -12.83 -12.41
N ALA E 46 24.57 -13.72 -13.35
CA ALA E 46 24.12 -13.56 -14.72
C ALA E 46 22.60 -13.63 -14.80
N GLU E 47 22.01 -14.70 -14.27
CA GLU E 47 20.56 -14.81 -14.27
C GLU E 47 19.90 -13.58 -13.64
N LEU E 48 20.59 -12.94 -12.69
CA LEU E 48 20.03 -11.75 -12.07
C LEU E 48 20.08 -10.56 -13.01
N LEU E 49 21.28 -10.25 -13.53
CA LEU E 49 21.42 -9.13 -14.43
C LEU E 49 20.65 -9.32 -15.72
N LYS E 50 20.36 -10.58 -16.10
CA LYS E 50 19.52 -10.81 -17.26
C LYS E 50 18.06 -10.49 -16.97
N HIS E 51 17.51 -11.07 -15.90
CA HIS E 51 16.15 -10.73 -15.51
C HIS E 51 15.98 -9.22 -15.36
N LEU E 52 16.98 -8.55 -14.79
CA LEU E 52 16.95 -7.10 -14.70
C LEU E 52 17.00 -6.46 -16.07
N ALA E 53 17.75 -7.05 -17.00
CA ALA E 53 17.75 -6.54 -18.37
C ALA E 53 16.33 -6.56 -18.95
N GLU E 54 15.63 -7.67 -18.77
CA GLU E 54 14.24 -7.78 -19.23
C GLU E 54 13.34 -6.74 -18.56
N LYS E 55 13.68 -6.31 -17.33
CA LYS E 55 12.97 -5.19 -16.72
C LYS E 55 13.16 -3.91 -17.54
N ARG E 56 14.36 -3.69 -18.06
CA ARG E 56 14.59 -2.47 -18.83
C ARG E 56 13.83 -2.49 -20.15
N GLU E 57 13.78 -3.65 -20.82
CA GLU E 57 13.05 -3.68 -22.10
C GLU E 57 11.58 -3.39 -21.89
N HIS E 58 11.02 -3.86 -20.78
CA HIS E 58 9.61 -3.60 -20.51
C HIS E 58 9.37 -2.15 -20.08
N GLU E 59 10.37 -1.50 -19.50
CA GLU E 59 10.20 -0.12 -19.08
C GLU E 59 10.25 0.83 -20.27
N ARG E 60 11.13 0.59 -21.23
CA ARG E 60 11.07 1.32 -22.49
C ARG E 60 9.76 1.05 -23.20
N GLU E 61 9.34 -0.21 -23.21
CA GLU E 61 8.08 -0.59 -23.84
C GLU E 61 6.93 0.24 -23.31
N VAL E 62 6.81 0.32 -21.98
CA VAL E 62 5.68 1.04 -21.39
C VAL E 62 5.72 2.50 -21.80
N ILE E 63 6.88 3.15 -21.68
CA ILE E 63 6.91 4.59 -21.94
C ILE E 63 6.61 4.86 -23.42
N GLN E 64 7.10 4.01 -24.33
CA GLN E 64 6.81 4.23 -25.75
CA GLN E 64 6.81 4.25 -25.74
C GLN E 64 5.34 3.97 -26.06
N LYS E 65 4.67 3.16 -25.25
CA LYS E 65 3.25 2.92 -25.50
C LYS E 65 2.43 4.13 -25.06
N ALA E 66 2.76 4.71 -23.90
CA ALA E 66 2.20 5.98 -23.50
C ALA E 66 2.32 7.00 -24.62
N ILE E 67 3.50 7.10 -25.23
CA ILE E 67 3.69 8.05 -26.32
C ILE E 67 2.77 7.69 -27.49
N GLU E 68 2.76 6.42 -27.90
CA GLU E 68 1.92 6.06 -29.03
C GLU E 68 0.45 6.31 -28.73
N GLU E 69 0.02 6.03 -27.50
CA GLU E 69 -1.38 6.24 -27.14
C GLU E 69 -1.75 7.71 -27.26
N ASN E 70 -0.94 8.58 -26.70
CA ASN E 70 -1.24 10.01 -26.78
C ASN E 70 -1.23 10.49 -28.23
N ASN E 71 -0.33 9.96 -29.05
CA ASN E 71 -0.23 10.39 -30.44
C ASN E 71 -1.44 9.98 -31.26
N ASN E 72 -1.98 8.79 -31.02
CA ASN E 72 -3.19 8.38 -31.70
C ASN E 72 -4.35 9.29 -31.35
N PHE E 73 -4.46 9.67 -30.08
CA PHE E 73 -5.54 10.56 -29.67
C PHE E 73 -5.46 11.88 -30.42
N ILE E 74 -4.28 12.48 -30.47
CA ILE E 74 -4.10 13.68 -31.28
C ILE E 74 -4.40 13.39 -32.74
N LYS E 75 -3.96 12.23 -33.24
CA LYS E 75 -4.12 11.92 -34.66
C LYS E 75 -5.59 11.81 -35.04
N MET E 76 -6.36 11.03 -34.29
CA MET E 76 -7.75 10.81 -34.70
C MET E 76 -8.61 12.04 -34.43
N ALA E 77 -8.26 12.82 -33.42
CA ALA E 77 -8.96 14.09 -33.23
C ALA E 77 -8.74 15.00 -34.40
N LYS E 78 -7.48 15.15 -34.83
CA LYS E 78 -7.17 16.05 -35.93
C LYS E 78 -7.88 15.63 -37.22
N GLU E 79 -8.00 14.33 -37.46
CA GLU E 79 -8.62 13.84 -38.68
C GLU E 79 -10.14 13.87 -38.59
N LYS E 80 -10.68 13.34 -37.50
CA LYS E 80 -12.12 13.42 -37.25
C LYS E 80 -12.59 14.84 -37.51
N LEU E 81 -11.91 15.82 -36.94
CA LEU E 81 -12.32 17.21 -37.10
C LEU E 81 -12.15 17.67 -38.53
N ALA E 82 -11.01 17.33 -39.15
CA ALA E 82 -10.80 17.63 -40.56
C ALA E 82 -11.98 17.20 -41.41
N GLN E 83 -12.48 15.98 -41.18
CA GLN E 83 -13.54 15.43 -42.00
C GLN E 83 -14.85 16.19 -41.81
N LYS E 84 -15.20 16.46 -40.56
CA LYS E 84 -16.46 17.16 -40.21
C LYS E 84 -16.47 18.56 -40.79
N MET E 85 -15.34 19.27 -40.74
CA MET E 85 -15.27 20.64 -41.29
C MET E 85 -15.41 20.59 -42.82
N GLU E 86 -14.60 19.78 -43.51
CA GLU E 86 -14.73 19.69 -44.96
C GLU E 86 -16.08 19.11 -45.39
N SER E 87 -16.66 18.23 -44.59
CA SER E 87 -17.95 17.62 -44.95
C SER E 87 -19.10 18.61 -44.78
N ASN E 88 -19.06 19.39 -43.70
CA ASN E 88 -20.13 20.41 -43.48
C ASN E 88 -20.01 21.48 -44.54
N LYS E 89 -18.79 21.85 -44.89
CA LYS E 89 -18.58 22.85 -45.93
C LYS E 89 -19.28 22.44 -47.22
N GLU E 90 -19.06 21.20 -47.68
CA GLU E 90 -19.69 20.77 -48.92
C GLU E 90 -21.20 20.80 -48.81
N ASN E 91 -21.73 20.41 -47.65
CA ASN E 91 -23.18 20.35 -47.49
C ASN E 91 -23.80 21.74 -47.51
N ARG E 92 -23.25 22.67 -46.74
CA ARG E 92 -23.86 23.99 -46.69
C ARG E 92 -23.84 24.67 -48.06
N GLU E 93 -22.69 24.68 -48.73
CA GLU E 93 -22.65 25.23 -50.07
C GLU E 93 -23.65 24.52 -50.99
N ALA E 94 -23.78 23.21 -50.84
CA ALA E 94 -24.73 22.48 -51.64
C ALA E 94 -26.15 22.95 -51.40
N HIS E 95 -26.44 23.37 -50.17
CA HIS E 95 -27.77 23.86 -49.83
C HIS E 95 -28.01 25.24 -50.44
N LEU E 96 -27.07 26.17 -50.23
CA LEU E 96 -27.15 27.46 -50.91
C LEU E 96 -27.18 27.29 -52.42
N ALA E 97 -26.42 26.33 -52.95
CA ALA E 97 -26.40 26.12 -54.39
C ALA E 97 -27.78 25.75 -54.92
N ALA E 98 -28.45 24.80 -54.27
CA ALA E 98 -29.78 24.41 -54.69
C ALA E 98 -30.75 25.58 -54.59
N MET E 99 -30.69 26.33 -53.49
CA MET E 99 -31.56 27.49 -53.33
C MET E 99 -31.42 28.45 -54.50
N LEU E 100 -30.18 28.67 -54.96
CA LEU E 100 -29.94 29.58 -56.06
C LEU E 100 -30.38 28.97 -57.39
N GLU E 101 -30.28 27.66 -57.52
CA GLU E 101 -30.85 26.99 -58.69
C GLU E 101 -32.35 27.25 -58.78
N ARG E 102 -33.07 27.01 -57.68
CA ARG E 102 -34.52 27.15 -57.71
C ARG E 102 -34.96 28.56 -58.09
N LEU E 103 -34.14 29.57 -57.77
CA LEU E 103 -34.50 30.95 -58.10
C LEU E 103 -34.17 31.28 -59.55
N GLN E 104 -33.02 30.84 -60.05
CA GLN E 104 -32.68 31.15 -61.42
C GLN E 104 -33.65 30.50 -62.40
N GLU E 105 -34.18 29.33 -62.06
CA GLU E 105 -35.27 28.77 -62.84
C GLU E 105 -36.46 29.73 -62.87
N LYS E 106 -36.75 30.38 -61.75
CA LYS E 106 -37.78 31.41 -61.73
C LYS E 106 -37.39 32.59 -62.62
N ASP E 107 -36.11 32.87 -62.78
CA ASP E 107 -35.69 33.94 -63.67
C ASP E 107 -35.89 33.56 -65.13
N LYS E 108 -35.67 32.30 -65.48
CA LYS E 108 -35.96 31.84 -66.84
C LYS E 108 -37.44 31.97 -67.16
N HIS E 109 -38.30 31.65 -66.19
CA HIS E 109 -39.74 31.74 -66.44
C HIS E 109 -40.20 33.17 -66.66
N ALA E 110 -39.50 34.15 -66.07
CA ALA E 110 -39.87 35.54 -66.30
C ALA E 110 -39.56 35.97 -67.73
N GLU E 111 -38.57 35.34 -68.36
CA GLU E 111 -38.34 35.60 -69.79
C GLU E 111 -39.44 35.01 -70.64
N GLU E 112 -39.85 33.76 -70.36
CA GLU E 112 -40.87 33.12 -71.18
C GLU E 112 -42.21 33.83 -71.06
N VAL E 113 -42.58 34.23 -69.84
CA VAL E 113 -43.80 35.03 -69.68
C VAL E 113 -43.66 36.35 -70.44
N ARG E 114 -42.47 36.94 -70.39
CA ARG E 114 -42.25 38.24 -71.01
C ARG E 114 -42.20 38.10 -72.54
N LYS E 115 -41.46 37.11 -73.04
CA LYS E 115 -41.47 36.84 -74.47
C LYS E 115 -42.83 36.35 -74.93
N ASN E 116 -43.52 35.57 -74.09
CA ASN E 116 -44.80 35.02 -74.50
C ASN E 116 -45.87 36.10 -74.64
N LYS E 117 -45.74 37.22 -73.92
CA LYS E 117 -46.69 38.33 -74.08
C LYS E 117 -46.34 39.18 -75.28
N GLU E 118 -45.06 39.56 -75.41
CA GLU E 118 -44.57 40.20 -76.62
C GLU E 118 -45.05 39.47 -77.88
N LEU E 119 -44.92 38.15 -77.88
CA LEU E 119 -45.38 37.32 -78.99
C LEU E 119 -46.89 37.34 -79.15
N LYS E 120 -47.63 37.89 -78.19
CA LYS E 120 -49.06 38.16 -78.34
C LYS E 120 -49.33 39.48 -79.04
N GLU E 121 -48.29 40.21 -79.45
CA GLU E 121 -48.44 41.54 -80.04
C GLU E 121 -48.26 41.51 -81.55
N MET F 1 3.92 -20.82 35.77
CA MET F 1 3.27 -21.97 35.09
C MET F 1 4.37 -22.87 34.53
N TYR F 2 4.27 -24.19 34.75
CA TYR F 2 5.31 -25.11 34.31
C TYR F 2 4.88 -25.79 33.01
N THR F 3 5.84 -26.47 32.38
CA THR F 3 5.61 -27.10 31.10
C THR F 3 6.13 -28.53 31.13
N PHE F 4 5.38 -29.44 30.51
CA PHE F 4 5.74 -30.85 30.45
C PHE F 4 5.36 -31.41 29.08
N VAL F 5 5.96 -32.55 28.74
CA VAL F 5 5.72 -33.23 27.47
C VAL F 5 5.67 -34.73 27.71
N VAL F 6 4.82 -35.41 26.95
CA VAL F 6 4.58 -36.84 27.09
C VAL F 6 5.17 -37.54 25.88
N ARG F 7 6.10 -38.47 26.10
CA ARG F 7 6.75 -39.19 25.02
C ARG F 7 6.54 -40.71 25.08
N ASP F 8 5.81 -41.21 26.06
CA ASP F 8 5.36 -42.60 26.04
C ASP F 8 3.87 -42.60 26.38
N GLU F 9 3.04 -42.93 25.39
CA GLU F 9 1.60 -42.94 25.61
C GLU F 9 1.13 -44.18 26.35
N ASN F 10 1.78 -45.33 26.13
CA ASN F 10 1.40 -46.58 26.78
C ASN F 10 1.55 -46.50 28.29
N SER F 11 2.08 -45.39 28.80
CA SER F 11 2.29 -45.25 30.24
C SER F 11 0.95 -45.12 30.94
N SER F 12 0.37 -46.26 31.33
CA SER F 12 -0.84 -46.23 32.14
C SER F 12 -0.65 -45.43 33.43
N VAL F 13 0.58 -45.30 33.92
CA VAL F 13 0.84 -44.61 35.17
C VAL F 13 1.03 -43.11 34.95
N TYR F 14 1.89 -42.72 34.01
CA TYR F 14 2.09 -41.30 33.76
C TYR F 14 0.98 -40.69 32.91
N ALA F 15 0.24 -41.52 32.17
CA ALA F 15 -1.03 -41.05 31.62
C ALA F 15 -1.87 -40.41 32.71
N GLU F 16 -1.92 -41.04 33.88
CA GLU F 16 -2.68 -40.46 34.99
C GLU F 16 -1.99 -39.23 35.55
N VAL F 17 -0.65 -39.23 35.59
CA VAL F 17 0.06 -38.14 36.23
C VAL F 17 -0.15 -36.84 35.47
N SER F 18 -0.08 -36.88 34.12
CA SER F 18 -0.29 -35.67 33.34
C SER F 18 -1.72 -35.16 33.51
N ARG F 19 -2.69 -36.08 33.57
CA ARG F 19 -4.06 -35.70 33.89
C ARG F 19 -4.13 -34.91 35.20
N LEU F 20 -3.32 -35.30 36.19
CA LEU F 20 -3.34 -34.61 37.48
C LEU F 20 -2.63 -33.27 37.39
N LEU F 21 -1.41 -33.26 36.84
CA LEU F 21 -0.68 -32.01 36.62
C LEU F 21 -1.57 -31.00 35.90
N LEU F 22 -2.15 -31.40 34.78
CA LEU F 22 -3.06 -30.55 34.04
C LEU F 22 -4.13 -29.99 34.96
N ALA F 23 -4.69 -30.84 35.83
CA ALA F 23 -5.72 -30.40 36.78
C ALA F 23 -5.21 -29.32 37.73
N THR F 24 -3.90 -29.28 37.99
CA THR F 24 -3.36 -28.25 38.87
C THR F 24 -3.68 -26.84 38.40
N GLY F 25 -3.95 -26.68 37.10
CA GLY F 25 -4.09 -25.40 36.48
C GLY F 25 -2.80 -24.68 36.18
N GLN F 26 -1.74 -24.95 36.95
CA GLN F 26 -0.45 -24.30 36.79
C GLN F 26 0.52 -25.13 35.97
N TRP F 27 0.06 -26.20 35.34
CA TRP F 27 0.90 -27.01 34.46
C TRP F 27 0.29 -26.99 33.06
N LYS F 28 1.16 -26.87 32.06
CA LYS F 28 0.73 -26.79 30.67
C LYS F 28 1.50 -27.81 29.85
N ARG F 29 0.79 -28.58 29.04
CA ARG F 29 1.41 -29.61 28.20
C ARG F 29 1.78 -29.04 26.84
N LEU F 30 2.91 -29.49 26.31
CA LEU F 30 3.48 -29.00 25.07
C LEU F 30 3.58 -30.12 24.04
N ARG F 31 3.80 -29.73 22.79
CA ARG F 31 4.11 -30.70 21.74
C ARG F 31 5.20 -31.65 22.19
N LYS F 32 5.12 -32.90 21.71
CA LYS F 32 6.02 -33.94 22.21
C LYS F 32 7.49 -33.59 21.96
N ASP F 33 7.80 -33.10 20.77
CA ASP F 33 9.17 -32.71 20.44
C ASP F 33 9.33 -31.19 20.52
N ASN F 34 9.08 -30.69 21.72
CA ASN F 34 9.23 -29.29 22.08
C ASN F 34 10.39 -29.16 23.07
N PRO F 35 11.36 -28.28 22.80
CA PRO F 35 12.56 -28.23 23.64
C PRO F 35 12.33 -27.52 24.97
N ARG F 36 11.46 -26.51 25.00
CA ARG F 36 11.31 -25.65 26.17
C ARG F 36 10.30 -26.27 27.13
N PHE F 37 10.70 -27.36 27.76
CA PHE F 37 9.89 -28.08 28.72
C PHE F 37 10.59 -28.14 30.08
N ASN F 38 9.79 -28.12 31.15
CA ASN F 38 10.32 -28.36 32.49
C ASN F 38 10.41 -29.84 32.83
N LEU F 39 9.42 -30.62 32.40
CA LEU F 39 9.27 -32.01 32.83
C LEU F 39 9.05 -32.90 31.61
N MET F 40 9.82 -33.98 31.52
CA MET F 40 9.68 -34.94 30.43
C MET F 40 9.21 -36.26 30.99
N LEU F 41 8.07 -36.75 30.48
CA LEU F 41 7.63 -38.12 30.74
C LEU F 41 8.14 -38.97 29.58
N GLY F 42 9.40 -39.38 29.70
CA GLY F 42 10.13 -39.87 28.55
C GLY F 42 9.73 -41.27 28.13
N GLU F 43 10.17 -41.63 26.94
CA GLU F 43 9.90 -42.93 26.37
C GLU F 43 10.67 -44.02 27.12
N ARG F 44 10.18 -45.25 27.01
CA ARG F 44 10.83 -46.36 27.69
C ARG F 44 12.19 -46.67 27.09
N ASN F 45 12.35 -46.47 25.78
CA ASN F 45 13.54 -46.91 25.05
C ASN F 45 14.25 -45.71 24.42
N ARG F 46 15.58 -45.69 24.56
CA ARG F 46 16.42 -44.69 23.91
C ARG F 46 15.97 -43.26 24.23
N LEU F 47 15.63 -43.02 25.49
CA LEU F 47 15.32 -41.67 25.94
C LEU F 47 16.54 -40.78 25.73
N PRO F 48 16.43 -39.66 25.01
CA PRO F 48 17.63 -38.87 24.65
C PRO F 48 18.14 -38.00 25.80
N PHE F 49 18.73 -38.65 26.81
CA PHE F 49 19.25 -37.91 27.97
C PHE F 49 20.29 -36.87 27.57
N GLY F 50 21.07 -37.15 26.52
CA GLY F 50 22.11 -36.21 26.12
C GLY F 50 21.60 -34.84 25.69
N ARG F 51 20.30 -34.69 25.49
CA ARG F 51 19.72 -33.41 25.11
C ARG F 51 19.07 -32.69 26.28
N LEU F 52 18.94 -33.34 27.45
CA LEU F 52 18.35 -32.70 28.61
C LEU F 52 19.37 -31.81 29.32
N GLY F 53 18.87 -30.73 29.92
CA GLY F 53 19.66 -29.87 30.77
C GLY F 53 20.47 -28.79 30.07
N HIS F 54 20.17 -28.50 28.80
CA HIS F 54 21.00 -27.59 28.00
C HIS F 54 20.23 -26.35 27.54
N GLU F 55 18.97 -26.19 27.98
CA GLU F 55 18.19 -25.02 27.60
C GLU F 55 18.41 -23.89 28.60
N PRO F 56 18.78 -22.69 28.12
CA PRO F 56 18.98 -21.56 29.05
C PRO F 56 17.72 -21.30 29.86
N GLY F 57 17.88 -21.33 31.20
CA GLY F 57 16.86 -20.88 32.12
C GLY F 57 15.84 -21.92 32.53
N LEU F 58 15.71 -23.01 31.79
CA LEU F 58 14.71 -24.03 32.11
C LEU F 58 15.34 -25.07 33.03
N VAL F 59 14.70 -25.30 34.18
CA VAL F 59 15.05 -26.46 35.00
C VAL F 59 14.29 -27.65 34.43
N GLN F 60 15.02 -28.69 34.04
CA GLN F 60 14.42 -29.84 33.40
C GLN F 60 14.53 -31.08 34.28
N LEU F 61 13.47 -31.87 34.28
CA LEU F 61 13.32 -33.05 35.14
C LEU F 61 12.75 -34.17 34.27
N VAL F 62 13.32 -35.36 34.39
CA VAL F 62 12.89 -36.50 33.58
C VAL F 62 12.52 -37.65 34.51
N ASN F 63 11.52 -38.44 34.08
CA ASN F 63 10.93 -39.50 34.90
C ASN F 63 11.66 -40.84 34.75
N TYR F 64 12.95 -40.81 34.45
CA TYR F 64 13.76 -42.01 34.35
C TYR F 64 15.19 -41.70 34.79
N TYR F 65 15.83 -42.68 35.44
CA TYR F 65 17.22 -42.56 35.86
C TYR F 65 18.11 -43.17 34.80
N ARG F 66 18.88 -42.33 34.10
CA ARG F 66 19.83 -42.85 33.12
C ARG F 66 20.79 -43.82 33.79
N GLY F 67 20.90 -45.01 33.23
CA GLY F 67 21.78 -46.04 33.73
C GLY F 67 21.14 -47.07 34.63
N ALA F 68 19.88 -46.90 35.02
CA ALA F 68 19.25 -47.82 35.96
C ALA F 68 18.67 -49.05 35.28
N ASP F 69 18.76 -49.15 33.96
CA ASP F 69 18.43 -50.42 33.30
C ASP F 69 19.29 -51.54 33.84
N LYS F 70 20.56 -51.24 34.19
CA LYS F 70 21.45 -52.24 34.78
C LYS F 70 20.82 -52.96 35.95
N LEU F 71 19.76 -52.40 36.53
CA LEU F 71 19.04 -53.03 37.62
C LEU F 71 17.73 -53.67 37.15
N CYS F 72 17.26 -53.33 35.96
CA CYS F 72 15.94 -53.77 35.48
C CYS F 72 16.02 -54.75 34.32
N ARG F 73 17.21 -55.24 34.00
CA ARG F 73 17.43 -56.22 32.94
C ARG F 73 17.81 -57.54 33.58
N LYS F 74 17.05 -58.60 33.27
CA LYS F 74 17.29 -59.92 33.86
C LYS F 74 18.77 -60.22 33.95
N ALA F 75 19.50 -60.07 32.83
CA ALA F 75 20.91 -60.41 32.81
C ALA F 75 21.75 -59.37 33.55
N SER F 76 21.40 -58.09 33.44
CA SER F 76 22.16 -57.05 34.12
CA SER F 76 22.16 -57.05 34.12
C SER F 76 22.09 -57.21 35.63
N LEU F 77 20.93 -57.61 36.15
CA LEU F 77 20.76 -57.78 37.59
C LEU F 77 21.62 -58.94 38.11
N VAL F 78 21.66 -60.06 37.38
CA VAL F 78 22.52 -61.17 37.81
C VAL F 78 23.98 -60.74 37.78
N LYS F 79 24.41 -60.08 36.71
CA LYS F 79 25.79 -59.62 36.64
C LYS F 79 26.07 -58.54 37.68
N LEU F 80 25.10 -57.66 37.93
CA LEU F 80 25.26 -56.65 38.97
C LEU F 80 25.45 -57.29 40.35
N ILE F 81 24.72 -58.38 40.63
CA ILE F 81 24.75 -58.99 41.95
C ILE F 81 25.98 -59.87 42.14
N LYS F 82 26.57 -60.41 41.06
CA LYS F 82 27.75 -61.26 41.21
C LYS F 82 29.07 -60.52 41.11
N THR F 83 29.05 -59.24 40.71
CA THR F 83 30.28 -58.47 40.58
C THR F 83 30.39 -57.32 41.58
N SER F 84 29.27 -56.80 42.05
CA SER F 84 29.31 -55.69 43.00
C SER F 84 29.68 -56.18 44.39
N PRO F 85 30.73 -55.64 45.02
CA PRO F 85 31.09 -56.10 46.37
C PRO F 85 30.02 -55.82 47.42
N GLU F 86 29.23 -54.77 47.25
CA GLU F 86 28.13 -54.50 48.20
C GLU F 86 27.19 -55.69 48.27
N LEU F 87 26.88 -56.29 47.13
CA LEU F 87 26.00 -57.45 47.04
C LEU F 87 26.88 -58.63 46.62
N SER F 88 27.39 -59.37 47.60
CA SER F 88 28.32 -60.45 47.30
C SER F 88 27.63 -61.55 46.49
N GLU F 89 28.40 -62.51 46.00
CA GLU F 89 27.83 -63.67 45.24
C GLU F 89 26.98 -64.50 46.21
N SER F 90 27.13 -64.30 47.52
CA SER F 90 26.31 -64.98 48.55
C SER F 90 25.26 -63.98 49.04
N CYS F 91 24.64 -63.22 48.13
CA CYS F 91 23.66 -62.16 48.48
C CYS F 91 22.60 -62.71 49.45
N THR F 92 22.26 -64.00 49.37
CA THR F 92 21.26 -64.66 50.25
C THR F 92 19.84 -64.42 49.75
N TRP F 93 19.46 -63.18 49.45
CA TRP F 93 18.05 -62.87 49.08
C TRP F 93 17.80 -63.11 47.58
N PHE F 94 18.82 -63.32 46.75
CA PHE F 94 18.62 -63.49 45.30
C PHE F 94 18.93 -64.93 44.93
N PRO F 95 17.97 -65.64 44.30
CA PRO F 95 18.18 -67.05 43.92
C PRO F 95 19.43 -67.22 43.07
N GLU F 96 20.14 -68.33 43.34
CA GLU F 96 21.31 -68.68 42.56
C GLU F 96 21.01 -68.57 41.08
N SER F 97 21.70 -67.67 40.39
CA SER F 97 21.43 -67.38 38.98
C SER F 97 22.70 -67.47 38.15
N TYR F 98 22.55 -67.92 36.91
CA TYR F 98 23.65 -67.99 35.95
C TYR F 98 23.20 -67.41 34.62
N VAL F 99 24.15 -66.87 33.87
CA VAL F 99 23.89 -66.20 32.59
C VAL F 99 24.33 -67.12 31.46
N ILE F 100 23.38 -67.48 30.59
CA ILE F 100 23.63 -68.44 29.49
C ILE F 100 23.35 -67.79 28.14
N TYR F 101 24.35 -67.71 27.27
CA TYR F 101 24.26 -67.20 25.91
C TYR F 101 23.98 -68.34 24.92
N PRO F 102 23.13 -68.12 23.91
CA PRO F 102 22.84 -69.10 22.86
C PRO F 102 23.98 -69.25 21.85
N THR F 103 31.71 -64.28 30.21
CA THR F 103 30.35 -64.82 29.92
C THR F 103 30.39 -65.62 28.61
N ASP F 104 29.35 -66.37 28.28
CA ASP F 104 28.34 -66.92 29.22
C ASP F 104 29.02 -67.72 30.33
N GLU F 105 28.28 -68.07 31.38
CA GLU F 105 28.81 -68.95 32.45
C GLU F 105 28.05 -70.26 32.32
N ARG F 106 27.97 -70.79 31.09
CA ARG F 106 27.30 -72.07 30.85
C ARG F 106 28.07 -73.24 31.44
N GLU F 107 29.39 -73.11 31.54
CA GLU F 107 30.21 -74.12 32.19
C GLU F 107 30.18 -74.01 33.70
N VAL F 108 29.68 -72.90 34.23
CA VAL F 108 29.54 -72.74 35.68
C VAL F 108 28.21 -73.31 36.17
N PHE F 109 27.15 -73.23 35.35
CA PHE F 109 25.88 -73.84 35.69
C PHE F 109 26.05 -75.33 35.96
N LEU F 110 26.75 -76.03 35.05
CA LEU F 110 26.87 -77.48 35.15
C LEU F 110 27.82 -77.91 36.25
N ALA F 111 28.95 -77.22 36.40
CA ALA F 111 29.85 -77.52 37.50
C ALA F 111 29.13 -77.43 38.84
N ALA F 112 28.23 -76.45 38.98
CA ALA F 112 27.41 -76.37 40.18
C ALA F 112 26.18 -77.27 40.09
N TYR F 113 25.71 -77.57 38.88
CA TYR F 113 24.57 -78.47 38.70
C TYR F 113 24.77 -79.78 39.46
N ASN F 114 25.90 -80.45 39.21
CA ASN F 114 26.17 -81.72 39.88
C ASN F 114 26.31 -81.53 41.39
N GLY F 115 16.20 -81.63 45.93
CA GLY F 115 15.49 -80.67 45.10
C GLY F 115 16.40 -79.95 44.13
N ASN F 116 16.23 -80.25 42.84
CA ASN F 116 17.10 -79.71 41.80
C ASN F 116 16.27 -79.27 40.59
N VAL F 117 15.35 -78.33 40.82
CA VAL F 117 14.49 -77.79 39.76
C VAL F 117 14.97 -76.39 39.44
N TRP F 118 15.17 -76.13 38.14
CA TRP F 118 15.62 -74.84 37.66
C TRP F 118 14.58 -74.23 36.72
N ILE F 119 14.78 -72.96 36.43
CA ILE F 119 13.93 -72.23 35.50
C ILE F 119 14.83 -71.25 34.75
N ALA F 120 15.03 -71.49 33.45
CA ALA F 120 15.71 -70.55 32.59
C ALA F 120 14.70 -69.59 31.98
N LYS F 121 15.01 -68.31 31.98
CA LYS F 121 14.08 -67.30 31.49
C LYS F 121 14.87 -66.07 31.07
N SER F 122 14.17 -65.18 30.35
CA SER F 122 14.72 -63.89 29.96
C SER F 122 13.67 -62.81 30.08
N ILE F 123 11.31 -73.94 32.77
CA ILE F 123 11.26 -74.59 34.11
C ILE F 123 11.42 -76.09 33.93
N SER F 124 12.49 -76.68 34.48
CA SER F 124 12.74 -78.12 34.27
C SER F 124 13.72 -78.68 35.31
N SER F 125 13.82 -80.00 35.38
CA SER F 125 14.70 -80.65 36.39
C SER F 125 16.01 -81.08 35.72
N GLU F 126 16.10 -80.92 34.41
CA GLU F 126 17.30 -81.37 33.72
C GLU F 126 17.93 -80.21 32.97
N ALA F 127 19.25 -80.27 32.81
CA ALA F 127 19.98 -79.21 32.12
C ALA F 127 19.91 -79.34 30.61
N SER F 128 19.61 -80.53 30.08
CA SER F 128 19.59 -80.74 28.64
C SER F 128 18.58 -79.83 27.96
N GLU F 129 17.31 -80.00 28.32
CA GLU F 129 16.23 -79.20 27.70
C GLU F 129 16.50 -77.72 27.97
N LEU F 130 17.03 -77.40 29.14
CA LEU F 130 17.24 -75.98 29.50
C LEU F 130 18.16 -75.35 28.47
N LEU F 131 19.34 -75.93 28.29
CA LEU F 131 20.34 -75.39 27.37
C LEU F 131 19.96 -75.67 25.91
N ASP F 132 19.36 -76.83 25.63
CA ASP F 132 18.86 -77.09 24.29
C ASP F 132 17.75 -76.12 23.92
N PHE F 133 16.97 -75.68 24.91
CA PHE F 133 16.01 -74.61 24.69
C PHE F 133 16.69 -73.40 24.05
N ILE F 134 17.83 -73.00 24.61
CA ILE F 134 18.59 -71.87 24.09
C ILE F 134 19.24 -72.21 22.75
N VAL F 135 19.47 -64.06 24.82
CA VAL F 135 20.21 -64.38 26.04
C VAL F 135 19.25 -64.71 27.18
N HIS F 136 19.53 -65.78 27.92
CA HIS F 136 18.71 -66.21 29.03
C HIS F 136 19.54 -66.36 30.29
N VAL F 137 18.85 -66.29 31.42
CA VAL F 137 19.43 -66.54 32.73
C VAL F 137 18.70 -67.72 33.34
N ILE F 138 19.46 -68.68 33.87
CA ILE F 138 18.92 -69.82 34.59
C ILE F 138 18.97 -69.51 36.08
N GLN F 139 17.85 -69.68 36.77
CA GLN F 139 17.71 -69.30 38.16
C GLN F 139 16.98 -70.40 38.91
N LYS F 140 17.52 -70.79 40.07
CA LYS F 140 16.92 -71.84 40.88
C LYS F 140 15.46 -71.51 41.17
N TYR F 141 14.63 -72.55 41.19
CA TYR F 141 13.20 -72.40 41.40
C TYR F 141 12.86 -72.64 42.86
N LEU F 142 11.95 -71.83 43.40
CA LEU F 142 11.54 -71.97 44.80
C LEU F 142 10.67 -73.21 44.93
N GLU F 143 11.34 -74.37 45.01
CA GLU F 143 10.60 -75.63 45.10
C GLU F 143 9.69 -75.67 46.33
N LYS F 144 10.07 -74.95 47.39
CA LYS F 144 9.30 -74.89 48.63
C LYS F 144 8.86 -73.44 48.84
N PRO F 145 7.77 -73.01 48.19
CA PRO F 145 7.24 -71.68 48.43
C PRO F 145 6.20 -71.66 49.56
N LEU F 146 5.83 -70.45 49.96
CA LEU F 146 4.77 -70.25 50.95
C LEU F 146 3.42 -70.24 50.24
N LEU F 147 2.54 -71.14 50.64
CA LEU F 147 1.22 -71.30 50.01
C LEU F 147 0.13 -70.66 50.85
N LEU F 148 -0.78 -69.95 50.18
CA LEU F 148 -1.99 -69.44 50.82
C LEU F 148 -3.04 -70.53 50.95
N GLU F 149 -3.87 -70.41 51.98
CA GLU F 149 -4.97 -71.33 52.24
C GLU F 149 -6.20 -70.56 52.69
N PRO F 150 -7.41 -71.00 52.30
CA PRO F 150 -7.71 -72.15 51.44
C PRO F 150 -7.24 -71.95 50.00
N GLY F 151 -6.95 -73.04 49.30
CA GLY F 151 -6.54 -72.95 47.91
C GLY F 151 -5.27 -73.73 47.62
N HIS F 152 -4.27 -73.61 48.49
CA HIS F 152 -2.99 -74.28 48.32
C HIS F 152 -2.25 -73.73 47.09
N ARG F 153 -2.10 -72.42 47.04
CA ARG F 153 -1.69 -71.71 45.83
C ARG F 153 -0.43 -70.88 46.06
N LYS F 154 0.17 -70.47 44.94
CA LYS F 154 1.42 -69.71 44.90
C LYS F 154 1.12 -68.24 44.66
N PHE F 155 2.15 -67.40 44.88
CA PHE F 155 1.99 -65.95 44.72
C PHE F 155 3.35 -65.27 44.81
N ASP F 156 3.44 -64.07 44.22
CA ASP F 156 4.55 -63.15 44.45
C ASP F 156 4.00 -61.80 44.88
N ILE F 157 4.90 -60.94 45.36
CA ILE F 157 4.54 -59.67 45.97
C ILE F 157 5.11 -58.54 45.13
N ARG F 158 4.28 -57.53 44.88
CA ARG F 158 4.70 -56.35 44.13
C ARG F 158 4.82 -55.16 45.08
N SER F 159 5.94 -54.45 44.98
CA SER F 159 6.16 -53.22 45.73
C SER F 159 6.60 -52.14 44.76
N TRP F 160 6.03 -50.95 44.93
CA TRP F 160 6.39 -49.80 44.12
C TRP F 160 7.33 -48.91 44.92
N VAL F 161 8.48 -48.58 44.34
CA VAL F 161 9.47 -47.71 44.97
C VAL F 161 9.62 -46.46 44.11
N LEU F 162 9.66 -45.30 44.76
CA LEU F 162 9.88 -44.03 44.09
C LEU F 162 11.21 -43.45 44.54
N VAL F 163 12.03 -43.03 43.58
CA VAL F 163 13.30 -42.37 43.87
C VAL F 163 13.25 -40.99 43.24
N ASP F 164 13.47 -39.95 44.04
CA ASP F 164 13.39 -38.58 43.56
C ASP F 164 14.78 -38.07 43.15
N HIS F 165 14.83 -36.83 42.67
CA HIS F 165 16.07 -36.22 42.23
C HIS F 165 17.13 -36.20 43.31
N LEU F 166 16.72 -36.39 44.56
CA LEU F 166 17.68 -36.32 45.71
C LEU F 166 17.93 -37.73 46.25
N TYR F 167 17.81 -38.74 45.41
CA TYR F 167 17.99 -40.17 45.80
C TYR F 167 17.30 -40.48 47.12
N ASN F 168 16.09 -39.94 47.31
CA ASN F 168 15.30 -40.35 48.49
C ASN F 168 14.51 -41.57 48.02
N ILE F 169 14.50 -42.64 48.81
CA ILE F 169 13.87 -43.89 48.40
C ILE F 169 12.54 -44.03 49.15
N TYR F 170 11.44 -43.87 48.43
CA TYR F 170 10.11 -43.97 49.02
C TYR F 170 9.49 -45.31 48.64
N LEU F 171 9.09 -46.07 49.65
CA LEU F 171 8.38 -47.33 49.45
C LEU F 171 6.88 -47.06 49.54
N TYR F 172 6.16 -47.31 48.45
CA TYR F 172 4.71 -47.14 48.48
C TYR F 172 4.12 -47.99 49.60
N ARG F 173 3.35 -47.34 50.46
CA ARG F 173 2.78 -48.00 51.63
C ARG F 173 1.93 -49.22 51.27
N GLU F 174 1.42 -49.26 50.05
CA GLU F 174 0.54 -50.33 49.59
C GLU F 174 1.29 -51.25 48.64
N GLY F 175 1.10 -52.55 48.82
CA GLY F 175 1.64 -53.53 47.89
C GLY F 175 0.53 -54.34 47.27
N VAL F 176 0.86 -55.49 46.65
CA VAL F 176 -0.14 -56.37 46.07
C VAL F 176 0.47 -57.77 45.96
N LEU F 177 -0.37 -58.78 46.16
CA LEU F 177 0.07 -60.19 46.06
C LEU F 177 -0.61 -60.78 44.82
N ARG F 178 0.14 -60.94 43.74
CA ARG F 178 -0.38 -61.56 42.50
C ARG F 178 -0.49 -63.06 42.79
N THR F 179 -1.67 -63.52 43.17
CA THR F 179 -1.90 -64.92 43.59
C THR F 179 -2.20 -65.84 42.42
N SER F 180 -1.90 -67.14 42.54
CA SER F 180 -2.26 -68.15 41.52
C SER F 180 -3.65 -68.67 41.89
N SER F 181 -4.49 -68.95 40.90
CA SER F 181 -5.88 -69.43 41.12
C SER F 181 -5.92 -70.95 41.20
N GLU F 182 -4.92 -71.61 40.64
CA GLU F 182 -4.87 -73.07 40.66
C GLU F 182 -3.93 -73.54 41.77
N PRO F 183 -4.33 -74.54 42.56
CA PRO F 183 -3.45 -74.98 43.66
C PRO F 183 -2.08 -75.41 43.16
N TYR F 184 -1.05 -74.95 43.87
CA TYR F 184 0.33 -75.29 43.50
C TYR F 184 0.54 -76.80 43.47
N ASN F 185 1.16 -77.28 42.39
CA ASN F 185 1.49 -78.68 42.21
C ASN F 185 2.99 -78.79 41.99
N SER F 186 3.69 -79.46 42.91
CA SER F 186 5.13 -79.72 42.77
C SER F 186 5.30 -80.98 41.93
N ALA F 187 5.19 -80.82 40.62
CA ALA F 187 5.32 -81.92 39.67
C ALA F 187 5.51 -81.42 38.25
N ASP F 188 3.31 -77.99 33.15
CA ASP F 188 2.19 -77.08 33.34
C ASP F 188 2.62 -75.82 34.07
N LYS F 189 2.67 -74.70 33.35
CA LYS F 189 3.09 -73.43 33.93
C LYS F 189 1.93 -72.44 34.03
N THR F 190 0.85 -72.86 34.68
CA THR F 190 -0.27 -71.98 34.99
C THR F 190 -0.47 -71.75 36.48
N CYS F 191 -0.09 -72.72 37.33
CA CYS F 191 -0.14 -72.57 38.77
C CYS F 191 1.24 -72.29 39.37
N HIS F 192 2.26 -72.12 38.53
CA HIS F 192 3.60 -71.79 38.98
C HIS F 192 4.01 -70.36 38.64
N LEU F 193 3.55 -69.82 37.52
CA LEU F 193 3.81 -68.44 37.13
C LEU F 193 2.58 -67.61 37.44
N THR F 194 2.67 -66.77 38.48
CA THR F 194 1.53 -66.04 39.03
C THR F 194 1.32 -64.68 38.37
N ASN F 195 1.76 -64.51 37.12
CA ASN F 195 1.55 -63.25 36.44
C ASN F 195 0.08 -63.11 36.03
N HIS F 196 -0.35 -61.88 35.79
CA HIS F 196 -1.78 -61.67 35.43
C HIS F 196 -2.03 -62.23 34.03
N CYS F 197 -1.09 -62.00 33.09
CA CYS F 197 -1.35 -62.43 31.72
C CYS F 197 -1.52 -63.95 31.64
N ILE F 198 -0.87 -64.71 32.52
CA ILE F 198 -0.97 -66.17 32.47
C ILE F 198 -2.21 -66.65 33.21
N GLN F 199 -2.60 -65.95 34.28
CA GLN F 199 -3.74 -66.39 35.07
C GLN F 199 -5.07 -66.01 34.44
N LYS F 200 -5.12 -64.88 33.73
CA LYS F 200 -6.36 -64.39 33.12
C LYS F 200 -6.62 -64.96 31.73
N GLU F 201 -5.57 -65.50 31.09
CA GLU F 201 -5.71 -66.00 29.71
C GLU F 201 -6.08 -67.49 29.74
N TYR F 202 -5.64 -68.21 30.77
CA TYR F 202 -5.94 -69.67 30.85
C TYR F 202 -5.84 -70.16 32.29
N SER F 203 -6.94 -70.11 33.06
CA SER F 203 -6.94 -70.67 34.44
C SER F 203 -8.28 -70.43 35.12
N ASN F 204 -8.48 -71.04 36.31
CA ASN F 204 -9.70 -70.75 37.10
C ASN F 204 -9.53 -69.33 37.66
N TYR F 205 -9.07 -68.40 36.82
CA TYR F 205 -8.80 -67.01 37.27
C TYR F 205 -9.95 -66.45 38.11
N GLY F 206 -9.63 -65.52 39.01
CA GLY F 206 -10.66 -64.86 39.83
C GLY F 206 -11.52 -65.82 40.64
N ARG F 207 -10.92 -66.82 41.31
CA ARG F 207 -11.79 -67.66 42.12
C ARG F 207 -11.79 -67.22 43.59
N TYR F 208 -10.60 -67.04 44.17
CA TYR F 208 -10.47 -66.76 45.61
C TYR F 208 -10.52 -65.27 45.92
N GLU F 209 -9.75 -64.47 45.16
CA GLU F 209 -9.74 -62.99 45.31
C GLU F 209 -10.04 -62.39 43.93
N GLU F 210 -10.76 -61.28 43.86
CA GLU F 210 -11.03 -60.62 42.59
C GLU F 210 -9.75 -60.31 41.84
N GLY F 211 -9.68 -60.76 40.59
CA GLY F 211 -8.53 -60.52 39.76
C GLY F 211 -7.24 -61.10 40.28
N ASN F 212 -7.32 -62.02 41.24
CA ASN F 212 -6.13 -62.60 41.87
C ASN F 212 -5.26 -61.53 42.51
N GLU F 213 -5.88 -60.48 43.05
CA GLU F 213 -5.18 -59.38 43.71
C GLU F 213 -5.61 -59.34 45.16
N MET F 214 -4.69 -59.64 46.07
CA MET F 214 -4.91 -59.49 47.49
C MET F 214 -4.01 -58.39 48.02
N PHE F 215 -4.58 -57.51 48.84
CA PHE F 215 -3.84 -56.31 49.31
C PHE F 215 -3.21 -56.63 50.66
N PHE F 216 -2.53 -55.66 51.27
CA PHE F 216 -1.74 -55.88 52.48
C PHE F 216 -2.62 -56.08 53.71
N GLU F 217 -3.64 -55.22 53.87
CA GLU F 217 -4.55 -55.39 55.01
C GLU F 217 -5.03 -56.83 55.12
N GLU F 218 -5.54 -57.38 54.01
CA GLU F 218 -6.01 -58.75 54.01
C GLU F 218 -4.87 -59.72 54.30
N PHE F 219 -3.75 -59.56 53.58
CA PHE F 219 -2.64 -60.50 53.75
C PHE F 219 -2.10 -60.47 55.17
N ASN F 220 -2.00 -59.29 55.77
CA ASN F 220 -1.52 -59.19 57.14
C ASN F 220 -2.44 -59.91 58.10
N GLN F 221 -3.75 -59.71 57.94
CA GLN F 221 -4.69 -60.44 58.78
C GLN F 221 -4.47 -61.95 58.67
N TYR F 222 -4.24 -62.44 57.44
CA TYR F 222 -4.06 -63.88 57.25
C TYR F 222 -2.83 -64.38 57.99
N LEU F 223 -1.68 -63.75 57.71
CA LEU F 223 -0.46 -64.05 58.47
C LEU F 223 -0.74 -64.03 59.97
N MET F 224 -1.53 -63.06 60.43
CA MET F 224 -1.78 -62.90 61.85
C MET F 224 -2.64 -64.05 62.41
N ASP F 225 -3.65 -64.49 61.66
CA ASP F 225 -4.51 -65.57 62.11
C ASP F 225 -3.89 -66.95 61.89
N ALA F 226 -3.02 -67.08 60.89
CA ALA F 226 -2.54 -68.40 60.48
C ALA F 226 -1.13 -68.70 60.97
N LEU F 227 -0.23 -67.72 61.02
CA LEU F 227 1.15 -67.95 61.41
CA LEU F 227 1.15 -67.94 61.40
C LEU F 227 1.54 -67.23 62.69
N ASN F 228 0.60 -66.55 63.35
CA ASN F 228 0.87 -65.85 64.61
C ASN F 228 2.01 -64.84 64.43
N THR F 229 2.01 -64.16 63.30
CA THR F 229 3.01 -63.15 62.98
C THR F 229 2.35 -62.10 62.10
N THR F 230 3.08 -61.02 61.83
CA THR F 230 2.53 -59.90 61.08
C THR F 230 3.33 -59.68 59.80
N LEU F 231 2.77 -58.85 58.92
CA LEU F 231 3.42 -58.57 57.64
C LEU F 231 4.69 -57.74 57.84
N GLU F 232 4.74 -56.90 58.87
CA GLU F 232 5.91 -56.07 59.09
C GLU F 232 7.13 -56.92 59.42
N ASN F 233 7.03 -57.75 60.47
CA ASN F 233 8.19 -58.50 60.93
C ASN F 233 8.62 -59.54 59.92
N SER F 234 7.66 -60.35 59.44
CA SER F 234 8.03 -61.51 58.65
C SER F 234 8.52 -61.16 57.25
N ILE F 235 7.98 -60.10 56.64
CA ILE F 235 8.17 -59.88 55.21
C ILE F 235 8.66 -58.47 54.88
N LEU F 236 8.03 -57.44 55.46
CA LEU F 236 8.35 -56.07 55.08
CA LEU F 236 8.34 -56.07 55.10
C LEU F 236 9.75 -55.68 55.52
N LEU F 237 10.19 -56.13 56.69
CA LEU F 237 11.54 -55.78 57.16
C LEU F 237 12.58 -56.17 56.12
N GLN F 238 12.44 -57.36 55.52
CA GLN F 238 13.40 -57.83 54.53
C GLN F 238 13.25 -57.10 53.20
N ILE F 239 12.00 -56.95 52.73
CA ILE F 239 11.75 -56.19 51.52
C ILE F 239 12.42 -54.81 51.58
N LYS F 240 12.23 -54.10 52.69
CA LYS F 240 12.86 -52.78 52.84
C LYS F 240 14.38 -52.87 52.77
N HIS F 241 14.95 -53.96 53.30
CA HIS F 241 16.39 -54.16 53.23
C HIS F 241 16.87 -54.40 51.81
N ILE F 242 16.18 -55.30 51.08
CA ILE F 242 16.60 -55.63 49.71
C ILE F 242 16.48 -54.42 48.78
N ILE F 243 15.38 -53.67 48.88
CA ILE F 243 15.24 -52.44 48.10
C ILE F 243 16.42 -51.52 48.38
N ARG F 244 16.65 -51.20 49.65
CA ARG F 244 17.77 -50.35 50.03
C ARG F 244 19.07 -50.85 49.40
N SER F 245 19.36 -52.15 49.57
CA SER F 245 20.60 -52.70 49.06
C SER F 245 20.78 -52.44 47.58
N CYS F 246 19.76 -52.73 46.77
CA CYS F 246 19.88 -52.57 45.32
C CYS F 246 20.07 -51.10 44.94
N LEU F 247 19.19 -50.23 45.42
CA LEU F 247 19.22 -48.84 44.97
C LEU F 247 20.47 -48.12 45.45
N MET F 248 20.83 -48.26 46.74
CA MET F 248 22.04 -47.61 47.23
C MET F 248 23.30 -48.22 46.62
N CYS F 249 23.21 -49.42 46.05
CA CYS F 249 24.35 -49.99 45.34
C CYS F 249 24.73 -49.17 44.12
N ILE F 250 23.75 -48.86 43.26
CA ILE F 250 24.04 -48.13 42.04
C ILE F 250 23.96 -46.61 42.20
N GLU F 251 23.69 -46.10 43.40
CA GLU F 251 23.52 -44.66 43.56
C GLU F 251 24.67 -43.86 42.97
N PRO F 252 25.93 -44.18 43.25
CA PRO F 252 27.01 -43.35 42.70
C PRO F 252 27.09 -43.41 41.20
N ALA F 253 26.44 -44.38 40.56
CA ALA F 253 26.50 -44.56 39.13
C ALA F 253 25.36 -43.88 38.37
N ILE F 254 24.19 -43.74 38.98
CA ILE F 254 23.03 -43.13 38.32
C ILE F 254 22.58 -41.84 38.97
N SER F 255 23.16 -41.44 40.10
CA SER F 255 22.70 -40.25 40.79
C SER F 255 22.90 -39.00 39.93
N THR F 256 21.92 -38.10 40.00
CA THR F 256 21.97 -36.83 39.30
C THR F 256 22.21 -35.66 40.25
N LYS F 257 22.79 -35.91 41.42
CA LYS F 257 22.91 -34.84 42.40
C LYS F 257 23.72 -33.68 41.85
N HIS F 258 24.68 -33.95 40.97
CA HIS F 258 25.51 -32.90 40.42
C HIS F 258 25.46 -32.89 38.89
N LEU F 259 24.27 -33.07 38.33
CA LEU F 259 24.08 -33.07 36.90
C LEU F 259 23.23 -31.88 36.46
N HIS F 260 23.28 -31.59 35.17
CA HIS F 260 22.60 -30.44 34.59
C HIS F 260 21.11 -30.69 34.42
N TYR F 261 20.65 -31.94 34.55
CA TYR F 261 19.23 -32.27 34.60
C TYR F 261 18.99 -33.19 35.79
N GLN F 262 17.77 -33.15 36.32
CA GLN F 262 17.45 -33.98 37.50
C GLN F 262 16.61 -35.17 37.04
N SER F 263 16.66 -36.28 37.77
CA SER F 263 15.95 -37.50 37.35
C SER F 263 15.13 -38.07 38.50
N PHE F 264 14.05 -38.77 38.19
CA PHE F 264 13.25 -39.47 39.22
C PHE F 264 12.76 -40.76 38.57
N GLN F 265 12.48 -41.80 39.35
CA GLN F 265 11.94 -42.99 38.71
C GLN F 265 11.11 -43.81 39.69
N LEU F 266 10.02 -44.37 39.16
CA LEU F 266 9.21 -45.33 39.87
C LEU F 266 9.64 -46.74 39.45
N PHE F 267 9.98 -47.56 40.43
CA PHE F 267 10.40 -48.93 40.19
C PHE F 267 9.37 -49.91 40.71
N GLY F 268 9.33 -51.11 40.13
CA GLY F 268 8.51 -52.17 40.63
C GLY F 268 9.33 -53.39 41.01
N PHE F 269 9.31 -53.76 42.29
CA PHE F 269 10.09 -54.89 42.78
C PHE F 269 9.18 -56.09 42.95
N ASP F 270 9.58 -57.23 42.36
CA ASP F 270 8.86 -58.49 42.46
C ASP F 270 9.58 -59.39 43.47
N PHE F 271 8.94 -59.66 44.60
CA PHE F 271 9.49 -60.53 45.63
C PHE F 271 8.72 -61.86 45.67
N MET F 272 9.25 -62.82 46.43
CA MET F 272 8.59 -64.14 46.61
C MET F 272 9.00 -64.77 47.93
N VAL F 273 8.05 -65.19 48.74
CA VAL F 273 8.27 -65.73 50.08
C VAL F 273 8.30 -67.25 50.00
N ASP F 274 9.18 -67.87 50.79
CA ASP F 274 9.19 -69.32 50.91
C ASP F 274 8.64 -69.73 52.27
N GLU F 275 8.26 -71.01 52.39
CA GLU F 275 7.61 -71.47 53.62
C GLU F 275 8.43 -71.19 54.87
N GLU F 276 9.72 -70.89 54.72
CA GLU F 276 10.52 -70.42 55.85
C GLU F 276 10.20 -68.99 56.24
N LEU F 277 9.32 -68.33 55.48
CA LEU F 277 9.09 -66.89 55.64
C LEU F 277 10.40 -66.11 55.38
N LYS F 278 11.05 -66.44 54.26
CA LYS F 278 12.22 -65.73 53.76
C LYS F 278 11.89 -65.12 52.41
N VAL F 279 12.16 -63.82 52.26
CA VAL F 279 11.83 -63.08 51.04
C VAL F 279 12.96 -63.20 50.03
N TRP F 280 12.58 -63.45 48.78
CA TRP F 280 13.54 -63.54 47.68
C TRP F 280 13.21 -62.49 46.63
N LEU F 281 14.23 -61.91 46.02
CA LEU F 281 14.04 -60.98 44.92
C LEU F 281 13.93 -61.75 43.61
N ILE F 282 12.86 -61.50 42.86
CA ILE F 282 12.64 -62.15 41.57
C ILE F 282 13.16 -61.30 40.42
N GLU F 283 12.76 -60.03 40.35
CA GLU F 283 13.23 -59.11 39.33
C GLU F 283 12.88 -57.67 39.72
N VAL F 284 13.48 -56.72 39.00
CA VAL F 284 13.20 -55.30 39.16
C VAL F 284 12.62 -54.77 37.86
N ASN F 285 11.66 -53.85 37.96
CA ASN F 285 10.92 -53.33 36.82
C ASN F 285 11.17 -51.84 36.66
N GLY F 286 11.65 -51.45 35.47
CA GLY F 286 11.89 -50.04 35.21
C GLY F 286 10.65 -49.27 34.80
N ALA F 287 9.66 -49.96 34.22
CA ALA F 287 8.41 -49.34 33.76
C ALA F 287 7.24 -50.13 34.34
N PRO F 288 6.93 -49.95 35.61
CA PRO F 288 5.91 -50.77 36.25
C PRO F 288 4.51 -50.20 36.11
N ALA F 289 3.55 -51.04 35.70
CA ALA F 289 2.16 -50.67 35.80
C ALA F 289 1.69 -50.92 37.22
N CYS F 290 0.69 -50.17 37.65
CA CYS F 290 0.20 -50.23 39.01
C CYS F 290 -1.10 -51.02 39.08
N ALA F 291 -1.42 -51.53 40.27
CA ALA F 291 -2.69 -52.18 40.49
C ALA F 291 -3.82 -51.19 40.28
N GLN F 292 -4.90 -51.65 39.64
CA GLN F 292 -5.92 -50.72 39.16
C GLN F 292 -6.56 -49.95 40.30
N LYS F 293 -6.67 -50.56 41.48
CA LYS F 293 -7.33 -49.91 42.63
C LYS F 293 -6.47 -48.79 43.21
N LEU F 294 -5.16 -48.78 42.95
CA LEU F 294 -4.25 -47.84 43.60
C LEU F 294 -3.69 -46.80 42.65
N TYR F 295 -4.19 -46.71 41.41
CA TYR F 295 -3.63 -45.75 40.46
C TYR F 295 -3.75 -44.32 40.98
N ALA F 296 -4.89 -43.98 41.57
CA ALA F 296 -5.11 -42.60 42.00
C ALA F 296 -4.15 -42.21 43.11
N GLU F 297 -4.03 -43.04 44.15
CA GLU F 297 -3.23 -42.64 45.31
C GLU F 297 -1.74 -42.60 44.99
N LEU F 298 -1.24 -43.58 44.23
CA LEU F 298 0.18 -43.60 43.88
C LEU F 298 0.54 -42.42 42.98
N CYS F 299 -0.23 -42.21 41.91
CA CYS F 299 0.09 -41.12 40.99
C CYS F 299 0.04 -39.77 41.68
N GLN F 300 -1.01 -39.51 42.48
CA GLN F 300 -1.05 -38.27 43.25
C GLN F 300 0.17 -38.13 44.15
N GLY F 301 0.69 -39.25 44.65
CA GLY F 301 1.91 -39.20 45.43
C GLY F 301 3.13 -38.88 44.59
N ILE F 302 3.15 -39.35 43.34
CA ILE F 302 4.25 -39.03 42.44
C ILE F 302 4.33 -37.53 42.21
N VAL F 303 3.18 -36.87 42.16
CA VAL F 303 3.17 -35.43 41.92
C VAL F 303 3.69 -34.67 43.14
N ASP F 304 3.47 -35.21 44.33
CA ASP F 304 3.83 -34.51 45.57
C ASP F 304 5.33 -34.61 45.87
N VAL F 305 5.85 -35.84 45.87
CA VAL F 305 7.21 -36.05 46.33
CA VAL F 305 7.21 -36.09 46.32
C VAL F 305 8.24 -35.94 45.22
N ALA F 306 7.87 -36.25 43.97
CA ALA F 306 8.80 -36.29 42.84
C ALA F 306 8.76 -35.04 41.96
N ILE F 307 7.58 -34.48 41.72
CA ILE F 307 7.42 -33.40 40.75
C ILE F 307 7.33 -32.05 41.46
N SER F 308 6.27 -31.83 42.23
CA SER F 308 6.13 -30.55 42.90
C SER F 308 7.23 -30.27 43.91
N SER F 309 8.02 -31.29 44.29
CA SER F 309 9.21 -31.02 45.10
C SER F 309 10.27 -30.27 44.32
N VAL F 310 10.27 -30.37 43.00
CA VAL F 310 11.16 -29.60 42.14
C VAL F 310 10.46 -28.35 41.60
N PHE F 311 9.20 -28.50 41.16
CA PHE F 311 8.40 -27.41 40.60
C PHE F 311 7.22 -27.17 41.52
N PRO F 312 7.43 -26.44 42.62
CA PRO F 312 6.38 -26.30 43.62
C PRO F 312 5.21 -25.48 43.11
N LEU F 313 4.06 -25.72 43.72
CA LEU F 313 2.83 -24.99 43.45
C LEU F 313 2.57 -23.98 44.57
N ALA F 314 1.58 -23.12 44.36
CA ALA F 314 1.18 -22.15 45.37
C ALA F 314 -0.32 -22.26 45.69
N SER F 315 1.23 -39.42 55.21
CA SER F 315 2.07 -39.58 54.02
C SER F 315 2.00 -41.04 53.54
N ILE F 316 1.83 -41.23 52.23
CA ILE F 316 1.58 -42.55 51.67
C ILE F 316 2.87 -43.32 51.32
N PHE F 317 4.04 -42.71 51.52
CA PHE F 317 5.30 -43.38 51.26
C PHE F 317 6.04 -43.64 52.56
N ILE F 318 6.79 -44.73 52.58
CA ILE F 318 7.70 -45.03 53.67
C ILE F 318 9.10 -44.68 53.20
N LYS F 319 9.73 -43.71 53.85
CA LYS F 319 11.09 -43.31 53.50
C LYS F 319 12.08 -44.30 54.11
N LEU F 320 12.93 -44.89 53.27
CA LEU F 320 13.88 -45.89 53.75
CA LEU F 320 13.88 -45.90 53.75
C LEU F 320 15.19 -45.25 54.18
#